data_6FCV
#
_entry.id   6FCV
#
_cell.length_a   140.790
_cell.length_b   140.790
_cell.length_c   249.331
_cell.angle_alpha   90.00
_cell.angle_beta   90.00
_cell.angle_gamma   120.00
#
_symmetry.space_group_name_H-M   'P 32 2 1'
#
loop_
_entity.id
_entity.type
_entity.pdbx_description
1 polymer 'DNA damage-binding protein 1'
2 polymer 'DNA excision repair protein ERCC-8'
#
loop_
_entity_poly.entity_id
_entity_poly.type
_entity_poly.pdbx_seq_one_letter_code
_entity_poly.pdbx_strand_id
1 'polypeptide(L)'
;MHHHHHHRRLVPRGSGGRMSYNYVVTAQKPTAVNGCVTGHFTSAEDLNLLIAKNTRLEIYVVTAEGLRPVKEVGMYGKIA
VMELFRPKGESKDLLFILTAKYNACILEYKQSGESIDIITRAHGNVQDRIGRPSETGIIGIIDPECRMIGLRLYDGLFKV
IPLDRDNKELKAFNIRLEELHVIDVKFLYGCQAPTICFVYQDPQGRHVKTYEVSLREKEFNKGPWKQENVEAEASMVIAV
PEPFGGAIIIGQESITYHNGDKYLAIAPPIIKQSTIVCHNRVDPNGSRYLLGDMEGRLFMLLLEKEEQMDGTVTLKDLRV
ELLGETSIAECLTYLDNGVVFVGSRLGDSQLVKLNVDSNEQGSYVVAMETFTNLGPIVDMCVVDLERQGQGQLVTCSGAF
KEGSLRIIRNGIGIHEHASIDLPGIKGLWPLRSDPNRETDDTLVLSFVGQTRVLMLNGEEVEETELMGFVDDQQTFFCGN
VAHQQLIQITSASVRLVSQEPKALVSEWKEPQAKNISVASCNSSQVVVAVGRALYYLQIHPQELRQISHTEMEHEVACLD
ITPLGDSNGLSPLCAIGLWTDISARILKLPSFELLHKEMLGGEIIPRSILMTTFESSHYLLCALGDGALFYFGLNIETGL
LSDRKKVTLGTQPTVLRTFRSLSTTNVFACSDRPTVIYSSNHKLVFSNVNLKEVNYMCPLNSDGYPDSLALANNSTLTIG
TIDEIQKLHIRTVPLYESPRKICYQEVSQCFGVLSSRIEVQDTSGGTTALRPSASTQALSSSVSSSKLFSSSTAPHETSF
GEEVEVHNLLIIDQHTFEVLHAHQFLQNEYALSLVSCKLGKDPNTYFIVGTAMVYPEEAEPKQGRIVVFQYSDGKLQTVA
EKEVKGAVYSMVEFNGKLLASINSTVRLYEWTTEKELRTECNHYNNIMALYLKTKGDFILVGDLMRSVLLLAYKPMEGNF
EEIARDFNPNWMSAVEILDDDNFLGAENAFNLFVCQKDSAATTDEERQHLQEVGLFHLGEFVNVFCHGSLVMQNLGETST
PTQGSVLFGTVNGMIGLVTSLSESWYNLLLDMQNRLNKVIKSVGKIEHSFWRSFHTERKTEPATGFIDGDLIESFLDISR
PKMQEVVANLQYDDGSGMKREATADDLIKVVEELTRIH
;
A
2 'polypeptide(L)'
;MLGFLSARQTGLEDPLRLRRAESTRRVLGLELNKDRDVERIHGGGINTLDIEPVEGRYMLSGGSDGVIVLYDLENSSRQS
YYTCKAVCSIGRDHPDVHRYSVETVQWYPHDTGMFTSSSFDKTLKVWDTNTLQTADVFNFEETVYSHHMSPVSTKHCLVA
VGTRGPKVQLCDLKSGSCSHILQGHRQEILAVSWSPRYDYILATASADSRVKLWDVRRASGCLITLDQHNGKKSQAVESA
NTAHNGKVNGLCFTSDGLHLLTVGTDNRMRLWNSSNGENTLVNYGKVCNNSKKGLKFTVSCGCSSEFVFVPYGSTIAVYT
VYSGEQITMLKGHYKTVDCCVFQSNFQELYSGSRDCNILAWVPSLYEPVPDDDETTTKSQLNPAFEDAWSSSDEEGLALV
PRGSSAHHHHHHHHHH
;
B
#
# COMPACT_ATOMS: atom_id res chain seq x y z
N MET A 19 7.03 -14.96 -16.51
CA MET A 19 7.66 -14.97 -17.86
C MET A 19 6.92 -14.08 -18.87
N SER A 20 7.51 -12.92 -19.15
CA SER A 20 7.02 -11.95 -20.17
C SER A 20 5.66 -11.32 -19.83
N TYR A 21 4.64 -12.17 -19.64
CA TYR A 21 3.29 -11.70 -19.34
C TYR A 21 2.79 -12.22 -17.99
N ASN A 22 2.15 -11.34 -17.21
CA ASN A 22 1.83 -11.62 -15.81
C ASN A 22 0.36 -11.38 -15.47
N TYR A 23 -0.06 -11.91 -14.31
CA TYR A 23 -1.44 -11.80 -13.81
C TYR A 23 -1.46 -11.03 -12.48
N VAL A 24 -2.47 -10.17 -12.30
CA VAL A 24 -2.59 -9.41 -11.06
C VAL A 24 -4.01 -9.46 -10.58
N VAL A 25 -4.20 -10.13 -9.44
CA VAL A 25 -5.52 -10.23 -8.82
C VAL A 25 -5.45 -10.04 -7.30
N THR A 26 -6.54 -9.53 -6.74
CA THR A 26 -6.63 -9.21 -5.34
C THR A 26 -6.65 -10.49 -4.49
N ALA A 27 -5.89 -10.47 -3.39
CA ALA A 27 -6.10 -11.42 -2.31
C ALA A 27 -6.98 -10.79 -1.25
N GLN A 28 -6.68 -9.55 -0.88
CA GLN A 28 -7.49 -8.83 0.08
C GLN A 28 -7.69 -7.40 -0.34
N LYS A 29 -8.93 -6.95 -0.26
CA LYS A 29 -9.30 -5.58 -0.57
C LYS A 29 -8.70 -4.60 0.43
N PRO A 30 -8.46 -3.35 -0.01
CA PRO A 30 -8.09 -2.29 0.94
C PRO A 30 -9.03 -2.25 2.11
N THR A 31 -8.47 -2.09 3.31
CA THR A 31 -9.25 -2.16 4.53
C THR A 31 -9.19 -0.87 5.29
N ALA A 32 -8.45 0.10 4.76
CA ALA A 32 -8.20 1.36 5.48
C ALA A 32 -9.02 2.48 4.89
N VAL A 33 -9.50 3.38 5.76
CA VAL A 33 -10.44 4.40 5.33
C VAL A 33 -9.79 5.76 5.36
N ASN A 34 -9.54 6.30 4.16
CA ASN A 34 -9.03 7.68 3.96
C ASN A 34 -10.15 8.60 3.49
N GLY A 35 -11.39 8.24 3.85
CA GLY A 35 -12.54 9.10 3.60
C GLY A 35 -13.85 8.50 4.05
N CYS A 36 -14.64 9.29 4.78
CA CYS A 36 -15.98 8.91 5.14
C CYS A 36 -16.86 10.14 5.01
N VAL A 37 -18.10 9.97 4.59
CA VAL A 37 -18.98 11.14 4.47
C VAL A 37 -20.45 10.78 4.63
N THR A 38 -21.21 11.68 5.28
CA THR A 38 -22.55 11.34 5.81
C THR A 38 -23.66 12.31 5.32
N GLY A 39 -24.61 11.78 4.58
CA GLY A 39 -25.73 12.56 4.07
C GLY A 39 -26.82 11.69 3.45
N HIS A 40 -27.87 12.34 2.97
CA HIS A 40 -29.05 11.63 2.49
C HIS A 40 -28.83 11.09 1.07
N PHE A 41 -28.03 10.04 0.94
CA PHE A 41 -27.57 9.61 -0.40
C PHE A 41 -28.57 8.70 -1.14
N THR A 42 -29.13 7.71 -0.45
CA THR A 42 -29.94 6.68 -1.12
C THR A 42 -31.37 7.14 -1.37
N SER A 43 -31.93 7.85 -0.41
CA SER A 43 -33.21 8.53 -0.57
C SER A 43 -33.28 9.67 0.44
N ALA A 44 -34.29 10.53 0.33
CA ALA A 44 -34.31 11.80 1.07
C ALA A 44 -34.17 11.63 2.59
N GLU A 45 -34.63 10.52 3.15
CA GLU A 45 -34.60 10.33 4.61
C GLU A 45 -33.67 9.23 5.13
N ASP A 46 -33.10 8.43 4.24
CA ASP A 46 -32.10 7.44 4.66
C ASP A 46 -30.77 8.14 4.83
N LEU A 47 -30.41 8.42 6.09
CA LEU A 47 -29.14 9.06 6.40
C LEU A 47 -27.98 8.09 6.16
N ASN A 48 -27.36 8.16 4.97
CA ASN A 48 -26.34 7.20 4.61
C ASN A 48 -24.99 7.59 5.20
N LEU A 49 -24.24 6.58 5.60
CA LEU A 49 -22.82 6.72 5.81
C LEU A 49 -22.14 6.14 4.57
N LEU A 50 -21.24 6.93 3.99
CA LEU A 50 -20.50 6.53 2.82
C LEU A 50 -19.02 6.48 3.14
N ILE A 51 -18.35 5.40 2.74
CA ILE A 51 -16.99 5.11 3.20
C ILE A 51 -16.06 4.95 2.00
N ALA A 52 -14.90 5.59 2.08
CA ALA A 52 -13.92 5.55 1.01
C ALA A 52 -12.70 4.78 1.43
N LYS A 53 -12.60 3.55 0.95
CA LYS A 53 -11.37 2.80 1.03
C LYS A 53 -10.73 2.81 -0.34
N ASN A 54 -9.79 3.75 -0.54
CA ASN A 54 -8.93 3.79 -1.73
C ASN A 54 -9.69 3.47 -3.04
N THR A 55 -9.65 2.20 -3.46
CA THR A 55 -10.23 1.75 -4.72
C THR A 55 -11.77 1.58 -4.66
N ARG A 56 -12.32 1.57 -3.45
CA ARG A 56 -13.71 1.11 -3.21
C ARG A 56 -14.57 2.12 -2.44
N LEU A 57 -15.87 2.10 -2.73
CA LEU A 57 -16.85 3.05 -2.16
C LEU A 57 -18.04 2.32 -1.55
N GLU A 58 -18.18 2.43 -0.22
CA GLU A 58 -19.18 1.70 0.50
C GLU A 58 -20.31 2.64 0.95
N ILE A 59 -21.55 2.19 0.76
CA ILE A 59 -22.73 2.94 1.19
C ILE A 59 -23.48 2.16 2.26
N TYR A 60 -23.99 2.88 3.26
CA TYR A 60 -24.65 2.28 4.42
C TYR A 60 -25.80 3.14 4.85
N VAL A 61 -26.89 2.49 5.25
CA VAL A 61 -27.95 3.19 5.93
C VAL A 61 -27.66 3.20 7.41
N VAL A 62 -27.93 4.33 8.05
CA VAL A 62 -27.91 4.41 9.49
C VAL A 62 -29.26 3.99 10.00
N THR A 63 -29.26 2.92 10.80
CA THR A 63 -30.42 2.49 11.55
C THR A 63 -30.07 2.48 13.02
N ALA A 64 -31.08 2.61 13.86
CA ALA A 64 -30.86 2.70 15.29
C ALA A 64 -29.93 1.60 15.80
N GLU A 65 -30.09 0.40 15.24
CA GLU A 65 -29.26 -0.74 15.62
C GLU A 65 -28.31 -1.16 14.48
N GLY A 66 -27.03 -0.81 14.64
CA GLY A 66 -26.00 -1.13 13.64
C GLY A 66 -26.11 -0.28 12.38
N LEU A 67 -25.47 -0.75 11.31
CA LEU A 67 -25.48 -0.10 9.98
C LEU A 67 -25.91 -1.11 8.93
N ARG A 68 -26.67 -0.68 7.93
CA ARG A 68 -27.18 -1.57 6.89
C ARG A 68 -26.46 -1.38 5.55
N PRO A 69 -25.65 -2.38 5.14
CA PRO A 69 -24.86 -2.27 3.91
C PRO A 69 -25.77 -2.32 2.69
N VAL A 70 -25.86 -1.19 1.97
CA VAL A 70 -26.69 -1.14 0.77
C VAL A 70 -25.90 -1.36 -0.48
N LYS A 71 -24.67 -0.82 -0.55
CA LYS A 71 -23.81 -0.98 -1.77
C LYS A 71 -22.31 -0.71 -1.58
N GLU A 72 -21.51 -1.72 -1.94
CA GLU A 72 -20.04 -1.60 -1.98
C GLU A 72 -19.60 -1.66 -3.42
N VAL A 73 -18.97 -0.59 -3.92
CA VAL A 73 -18.56 -0.52 -5.36
C VAL A 73 -17.09 -0.21 -5.55
N GLY A 74 -16.56 -0.69 -6.68
CA GLY A 74 -15.13 -0.51 -7.01
C GLY A 74 -14.95 0.53 -8.09
N MET A 75 -14.01 1.45 -7.87
CA MET A 75 -13.70 2.52 -8.85
C MET A 75 -12.42 2.17 -9.58
N TYR A 76 -12.16 2.91 -10.65
CA TYR A 76 -10.95 2.80 -11.39
C TYR A 76 -10.07 4.04 -11.12
N GLY A 77 -9.44 4.03 -9.95
CA GLY A 77 -8.74 5.22 -9.46
C GLY A 77 -8.86 5.33 -7.96
N LYS A 78 -7.85 5.91 -7.35
CA LYS A 78 -7.83 6.09 -5.95
C LYS A 78 -8.75 7.27 -5.59
N ILE A 79 -9.58 7.12 -4.57
CA ILE A 79 -10.55 8.13 -4.21
C ILE A 79 -9.89 9.20 -3.31
N ALA A 80 -9.75 10.38 -3.87
CA ALA A 80 -9.07 11.52 -3.26
C ALA A 80 -10.05 12.56 -2.71
N VAL A 81 -11.25 12.59 -3.28
CA VAL A 81 -12.26 13.56 -2.90
C VAL A 81 -13.60 12.82 -2.89
N MET A 82 -14.45 13.15 -1.95
CA MET A 82 -15.76 12.59 -1.85
C MET A 82 -16.57 13.52 -0.98
N GLU A 83 -17.58 14.14 -1.58
CA GLU A 83 -18.46 15.05 -0.87
C GLU A 83 -19.80 14.93 -1.48
N LEU A 84 -20.82 15.01 -0.61
CA LEU A 84 -22.19 14.96 -1.04
C LEU A 84 -22.69 16.39 -1.08
N PHE A 85 -23.68 16.64 -1.94
CA PHE A 85 -24.23 17.99 -2.10
C PHE A 85 -25.49 17.93 -2.89
N ARG A 86 -26.38 18.89 -2.66
CA ARG A 86 -27.64 18.92 -3.34
C ARG A 86 -27.91 20.30 -3.92
N PRO A 87 -27.90 20.41 -5.26
CA PRO A 87 -28.23 21.65 -5.96
C PRO A 87 -29.74 21.90 -6.07
N LYS A 88 -30.11 23.16 -6.25
CA LYS A 88 -31.50 23.55 -6.19
C LYS A 88 -32.27 22.86 -7.32
N GLY A 89 -33.41 22.28 -6.99
CA GLY A 89 -34.23 21.56 -7.96
C GLY A 89 -34.08 20.06 -7.85
N GLU A 90 -32.90 19.61 -7.43
CA GLU A 90 -32.61 18.20 -7.34
C GLU A 90 -33.21 17.56 -6.06
N SER A 91 -33.65 16.31 -6.21
CA SER A 91 -34.48 15.66 -5.18
C SER A 91 -33.64 15.21 -3.98
N LYS A 92 -32.53 14.52 -4.24
CA LYS A 92 -31.67 14.02 -3.17
C LYS A 92 -30.21 14.44 -3.39
N ASP A 93 -29.37 14.24 -2.38
CA ASP A 93 -27.99 14.64 -2.46
C ASP A 93 -27.29 13.89 -3.60
N LEU A 94 -26.52 14.63 -4.39
CA LEU A 94 -25.63 14.03 -5.38
C LEU A 94 -24.21 14.01 -4.85
N LEU A 95 -23.42 13.08 -5.37
CA LEU A 95 -22.11 12.78 -4.83
C LEU A 95 -21.02 13.14 -5.82
N PHE A 96 -20.02 13.88 -5.35
CA PHE A 96 -18.84 14.16 -6.15
C PHE A 96 -17.77 13.18 -5.76
N ILE A 97 -16.99 12.73 -6.74
CA ILE A 97 -15.74 12.04 -6.47
C ILE A 97 -14.68 12.58 -7.42
N LEU A 98 -13.42 12.45 -7.01
CA LEU A 98 -12.29 12.75 -7.91
C LEU A 98 -11.23 11.72 -7.65
N THR A 99 -10.53 11.31 -8.71
CA THR A 99 -9.52 10.29 -8.66
C THR A 99 -8.14 10.97 -8.56
N ALA A 100 -7.14 10.25 -8.06
CA ALA A 100 -5.78 10.79 -8.00
C ALA A 100 -5.26 11.12 -9.38
N LYS A 101 -5.64 10.32 -10.37
CA LYS A 101 -5.52 10.69 -11.80
C LYS A 101 -6.55 11.77 -12.25
N TYR A 102 -7.19 12.42 -11.29
CA TYR A 102 -8.00 13.59 -11.53
C TYR A 102 -9.35 13.37 -12.24
N ASN A 103 -9.77 12.10 -12.36
CA ASN A 103 -11.11 11.75 -12.94
C ASN A 103 -12.20 12.20 -12.01
N ALA A 104 -12.71 13.39 -12.25
CA ALA A 104 -13.88 13.86 -11.53
C ALA A 104 -15.14 13.19 -12.06
N CYS A 105 -16.11 13.01 -11.16
CA CYS A 105 -17.44 12.56 -11.55
C CYS A 105 -18.52 12.98 -10.55
N ILE A 106 -19.67 13.41 -11.07
CA ILE A 106 -20.86 13.59 -10.23
C ILE A 106 -21.81 12.44 -10.45
N LEU A 107 -22.15 11.74 -9.35
CA LEU A 107 -22.91 10.48 -9.42
C LEU A 107 -24.21 10.56 -8.59
N GLU A 108 -25.28 10.04 -9.19
CA GLU A 108 -26.55 9.87 -8.55
C GLU A 108 -26.70 8.37 -8.24
N TYR A 109 -27.59 8.06 -7.28
CA TYR A 109 -27.91 6.68 -6.93
C TYR A 109 -29.40 6.41 -7.06
N LYS A 110 -29.74 5.69 -8.11
CA LYS A 110 -31.11 5.30 -8.37
C LYS A 110 -31.14 3.78 -8.47
N GLN A 111 -32.25 3.17 -8.03
CA GLN A 111 -32.39 1.71 -8.06
C GLN A 111 -33.86 1.29 -8.00
N SER A 112 -34.32 0.55 -9.03
CA SER A 112 -35.69 0.01 -9.06
C SER A 112 -35.70 -1.44 -8.61
N GLY A 113 -36.60 -1.75 -7.68
CA GLY A 113 -36.75 -3.12 -7.15
C GLY A 113 -35.56 -3.52 -6.29
N GLU A 114 -34.79 -4.48 -6.76
CA GLU A 114 -33.49 -4.79 -6.15
C GLU A 114 -32.37 -4.77 -7.17
N SER A 115 -32.68 -4.34 -8.40
CA SER A 115 -31.65 -4.14 -9.41
C SER A 115 -30.97 -2.81 -9.13
N ILE A 116 -29.80 -2.89 -8.49
CA ILE A 116 -29.16 -1.75 -7.88
C ILE A 116 -28.23 -1.01 -8.85
N ASP A 117 -28.47 0.30 -9.01
CA ASP A 117 -27.74 1.10 -10.01
C ASP A 117 -27.03 2.29 -9.36
N ILE A 118 -25.82 2.56 -9.84
CA ILE A 118 -25.11 3.80 -9.56
C ILE A 118 -25.02 4.57 -10.87
N ILE A 119 -25.56 5.79 -10.90
CA ILE A 119 -25.70 6.51 -12.17
C ILE A 119 -24.88 7.79 -12.25
N THR A 120 -24.09 7.88 -13.34
CA THR A 120 -23.27 9.08 -13.65
C THR A 120 -24.15 10.19 -14.22
N ARG A 121 -24.12 11.36 -13.59
CA ARG A 121 -24.75 12.57 -14.16
C ARG A 121 -23.75 13.46 -14.86
N ALA A 122 -22.47 13.32 -14.53
CA ALA A 122 -21.42 14.14 -15.09
C ALA A 122 -20.11 13.48 -14.82
N HIS A 123 -19.14 13.71 -15.72
CA HIS A 123 -17.74 13.34 -15.46
C HIS A 123 -16.74 14.10 -16.34
N GLY A 124 -15.53 14.29 -15.82
CA GLY A 124 -14.46 14.83 -16.63
C GLY A 124 -13.14 14.82 -15.90
N ASN A 125 -12.11 14.33 -16.58
CA ASN A 125 -10.75 14.40 -16.05
C ASN A 125 -10.31 15.83 -16.07
N VAL A 126 -9.74 16.35 -14.98
CA VAL A 126 -9.38 17.77 -14.92
C VAL A 126 -7.86 17.99 -14.84
N GLN A 127 -7.10 16.91 -14.95
CA GLN A 127 -5.62 16.99 -14.89
C GLN A 127 -5.03 18.02 -15.87
N ASP A 128 -4.49 19.12 -15.35
CA ASP A 128 -3.67 20.04 -16.18
C ASP A 128 -2.30 19.35 -16.47
N ARG A 129 -2.02 19.06 -17.73
CA ARG A 129 -0.85 18.25 -18.09
C ARG A 129 0.37 18.51 -17.19
N ILE A 130 0.63 19.76 -16.89
CA ILE A 130 1.70 20.10 -15.97
C ILE A 130 1.19 21.20 -15.07
N GLY A 131 2.02 21.66 -14.13
CA GLY A 131 1.51 22.21 -12.88
C GLY A 131 2.10 21.46 -11.73
N ARG A 132 2.77 22.19 -10.82
CA ARG A 132 3.41 21.59 -9.66
C ARG A 132 2.30 21.17 -8.66
N PRO A 133 2.16 19.85 -8.40
CA PRO A 133 1.11 19.33 -7.54
C PRO A 133 1.38 19.67 -6.12
N SER A 134 0.36 20.21 -5.46
CA SER A 134 0.56 20.89 -4.18
C SER A 134 0.97 19.92 -3.09
N GLU A 135 1.77 20.41 -2.14
CA GLU A 135 2.28 19.55 -1.05
C GLU A 135 1.17 18.88 -0.28
N THR A 136 0.27 19.67 0.34
CA THR A 136 -0.81 19.04 1.18
C THR A 136 -1.67 18.16 0.35
N GLY A 137 -1.51 18.26 -0.95
CA GLY A 137 -2.14 17.35 -1.87
C GLY A 137 -3.50 17.85 -2.25
N ILE A 138 -4.19 17.02 -3.03
CA ILE A 138 -5.45 17.36 -3.68
C ILE A 138 -6.45 17.84 -2.63
N ILE A 139 -7.20 18.88 -2.96
CA ILE A 139 -8.26 19.35 -2.08
C ILE A 139 -9.51 19.63 -2.92
N GLY A 140 -10.60 18.97 -2.57
CA GLY A 140 -11.92 19.18 -3.17
C GLY A 140 -12.88 19.74 -2.15
N ILE A 141 -13.40 20.92 -2.40
CA ILE A 141 -14.41 21.55 -1.54
C ILE A 141 -15.64 21.93 -2.38
N ILE A 142 -16.81 21.99 -1.78
CA ILE A 142 -18.06 22.32 -2.52
C ILE A 142 -18.87 23.37 -1.81
N ASP A 143 -19.50 24.23 -2.57
CA ASP A 143 -20.09 25.41 -2.04
C ASP A 143 -21.40 25.13 -1.33
N PRO A 144 -21.61 25.75 -0.17
CA PRO A 144 -22.84 25.74 0.59
C PRO A 144 -24.11 25.90 -0.24
N GLU A 145 -24.07 26.67 -1.31
CA GLU A 145 -25.25 26.91 -2.13
C GLU A 145 -25.21 26.12 -3.42
N CYS A 146 -24.08 25.43 -3.65
CA CYS A 146 -23.90 24.53 -4.82
C CYS A 146 -23.77 25.31 -6.10
N ARG A 147 -23.01 26.40 -6.04
CA ARG A 147 -22.79 27.24 -7.18
C ARG A 147 -21.59 26.80 -7.98
N MET A 148 -20.64 26.14 -7.34
CA MET A 148 -19.41 25.69 -8.03
C MET A 148 -18.67 24.64 -7.20
N ILE A 149 -17.64 24.03 -7.79
CA ILE A 149 -16.83 23.05 -7.12
C ILE A 149 -15.37 23.43 -7.27
N GLY A 150 -14.73 23.78 -6.17
CA GLY A 150 -13.39 24.32 -6.21
C GLY A 150 -12.33 23.25 -5.99
N LEU A 151 -11.23 23.34 -6.74
CA LEU A 151 -10.14 22.36 -6.66
C LEU A 151 -8.76 23.03 -6.50
N ARG A 152 -8.13 22.83 -5.36
CA ARG A 152 -6.72 23.12 -5.23
C ARG A 152 -5.97 21.83 -5.41
N LEU A 153 -5.38 21.72 -6.60
CA LEU A 153 -4.67 20.54 -7.02
C LEU A 153 -3.21 20.86 -7.11
N TYR A 154 -2.93 21.97 -7.84
CA TYR A 154 -1.58 22.40 -8.13
C TYR A 154 -1.29 23.80 -7.59
N ASP A 155 -0.06 24.00 -7.09
CA ASP A 155 0.37 25.29 -6.51
C ASP A 155 0.12 26.45 -7.47
N GLY A 156 -0.32 27.57 -6.92
CA GLY A 156 -0.65 28.74 -7.76
C GLY A 156 -1.85 28.64 -8.68
N LEU A 157 -2.60 27.54 -8.61
CA LEU A 157 -3.67 27.28 -9.56
C LEU A 157 -4.91 26.75 -8.83
N PHE A 158 -6.01 27.52 -8.94
CA PHE A 158 -7.26 27.08 -8.40
C PHE A 158 -8.28 26.77 -9.51
N LYS A 159 -8.51 25.47 -9.75
CA LYS A 159 -9.47 25.01 -10.75
C LYS A 159 -10.86 25.24 -10.22
N VAL A 160 -11.80 25.55 -11.11
CA VAL A 160 -13.18 25.89 -10.69
C VAL A 160 -14.26 25.21 -11.57
N ILE A 161 -14.67 24.02 -11.16
CA ILE A 161 -15.71 23.30 -11.87
C ILE A 161 -17.10 23.91 -11.57
N PRO A 162 -17.70 24.56 -12.58
CA PRO A 162 -18.97 25.30 -12.41
C PRO A 162 -20.14 24.40 -12.09
N LEU A 163 -21.27 24.99 -11.74
CA LEU A 163 -22.48 24.21 -11.39
C LEU A 163 -23.81 24.82 -11.85
N ASP A 164 -23.76 26.00 -12.47
CA ASP A 164 -24.97 26.77 -12.75
C ASP A 164 -25.64 26.41 -14.10
N ARG A 165 -25.05 25.47 -14.84
CA ARG A 165 -25.70 24.91 -16.03
C ARG A 165 -25.21 23.50 -16.27
N ASP A 166 -25.82 22.81 -17.24
CA ASP A 166 -25.54 21.38 -17.46
C ASP A 166 -24.09 21.14 -17.87
N ASN A 167 -23.22 21.10 -16.85
CA ASN A 167 -21.78 20.99 -17.02
C ASN A 167 -21.38 19.50 -17.02
N LYS A 168 -22.07 18.70 -17.83
CA LYS A 168 -21.93 17.23 -17.83
C LYS A 168 -20.50 16.75 -18.04
N GLU A 169 -19.79 17.38 -18.98
CA GLU A 169 -18.38 17.04 -19.24
C GLU A 169 -17.45 17.59 -18.13
N LEU A 170 -18.03 18.19 -17.09
CA LEU A 170 -17.28 18.89 -16.06
C LEU A 170 -16.12 19.72 -16.63
N LYS A 171 -16.47 20.65 -17.53
CA LYS A 171 -15.52 21.61 -18.02
C LYS A 171 -15.27 22.64 -16.93
N ALA A 172 -14.00 22.82 -16.59
CA ALA A 172 -13.62 23.82 -15.62
C ALA A 172 -12.59 24.74 -16.20
N PHE A 173 -12.49 25.92 -15.61
CA PHE A 173 -11.42 26.82 -15.90
C PHE A 173 -10.56 26.98 -14.67
N ASN A 174 -9.30 27.32 -14.89
CA ASN A 174 -8.41 27.63 -13.77
C ASN A 174 -8.50 29.11 -13.43
N ILE A 175 -8.05 29.45 -12.24
CA ILE A 175 -7.80 30.82 -11.85
C ILE A 175 -6.48 30.83 -11.11
N ARG A 176 -5.60 31.71 -11.51
CA ARG A 176 -4.29 31.74 -10.93
C ARG A 176 -4.48 32.08 -9.49
N LEU A 177 -3.61 31.55 -8.65
CA LEU A 177 -3.65 31.82 -7.22
C LEU A 177 -2.32 32.41 -6.84
N GLU A 178 -2.33 33.69 -6.45
CA GLU A 178 -1.06 34.39 -6.20
C GLU A 178 -0.22 33.70 -5.12
N GLU A 179 -0.91 33.14 -4.13
CA GLU A 179 -0.29 32.52 -2.99
C GLU A 179 -0.13 31.04 -3.28
N LEU A 180 1.11 30.54 -3.23
CA LEU A 180 1.39 29.23 -3.83
C LEU A 180 1.56 28.09 -2.79
N HIS A 181 2.07 28.40 -1.60
CA HIS A 181 2.10 27.42 -0.50
C HIS A 181 0.87 27.60 0.38
N VAL A 182 -0.06 26.67 0.27
CA VAL A 182 -1.39 26.79 0.90
C VAL A 182 -1.71 25.56 1.71
N ILE A 183 -2.21 25.77 2.93
CA ILE A 183 -2.34 24.67 3.89
C ILE A 183 -3.66 23.90 3.69
N ASP A 184 -4.80 24.60 3.80
CA ASP A 184 -6.10 24.03 3.43
C ASP A 184 -7.13 25.15 3.19
N VAL A 185 -8.08 24.89 2.30
CA VAL A 185 -9.04 25.90 1.88
C VAL A 185 -10.45 25.33 1.91
N LYS A 186 -11.42 26.15 2.29
CA LYS A 186 -12.82 25.73 2.31
C LYS A 186 -13.67 26.85 1.76
N PHE A 187 -14.91 26.55 1.38
CA PHE A 187 -15.91 27.58 1.08
C PHE A 187 -16.49 28.08 2.40
N LEU A 188 -17.24 29.16 2.33
CA LEU A 188 -17.81 29.76 3.52
C LEU A 188 -19.30 30.01 3.35
N TYR A 189 -20.00 30.14 4.49
CA TYR A 189 -21.47 30.16 4.55
C TYR A 189 -22.02 31.58 4.61
N GLY A 190 -23.09 31.82 3.85
CA GLY A 190 -23.86 33.07 3.94
C GLY A 190 -23.25 34.27 3.19
N CYS A 191 -22.27 34.01 2.33
CA CYS A 191 -21.71 35.06 1.50
C CYS A 191 -22.51 35.19 0.21
N GLN A 192 -22.49 36.38 -0.38
CA GLN A 192 -23.32 36.67 -1.56
C GLN A 192 -22.69 36.15 -2.89
N ALA A 193 -21.56 35.51 -2.77
CA ALA A 193 -20.85 34.99 -3.87
C ALA A 193 -19.96 33.89 -3.31
N PRO A 194 -19.78 32.80 -4.05
CA PRO A 194 -18.92 31.76 -3.51
C PRO A 194 -17.64 32.37 -3.01
N THR A 195 -17.23 31.99 -1.81
CA THR A 195 -15.99 32.51 -1.21
C THR A 195 -15.12 31.40 -0.72
N ILE A 196 -13.81 31.53 -0.87
CA ILE A 196 -12.90 30.54 -0.31
C ILE A 196 -12.12 31.15 0.81
N CYS A 197 -11.93 30.38 1.88
CA CYS A 197 -11.11 30.81 3.00
C CYS A 197 -9.99 29.81 3.18
N PHE A 198 -8.76 30.28 3.00
CA PHE A 198 -7.58 29.44 2.98
C PHE A 198 -6.51 30.02 3.88
N VAL A 199 -5.69 29.14 4.41
CA VAL A 199 -4.49 29.52 5.08
C VAL A 199 -3.39 29.31 4.06
N TYR A 200 -2.52 30.30 3.93
CA TYR A 200 -1.38 30.21 3.00
C TYR A 200 -0.12 30.58 3.73
N GLN A 201 1.01 30.29 3.10
CA GLN A 201 2.30 30.56 3.72
C GLN A 201 3.33 31.26 2.80
N ASP A 202 3.73 32.46 3.21
CA ASP A 202 4.84 33.17 2.59
C ASP A 202 6.00 33.07 3.60
N PRO A 203 7.00 34.00 3.55
CA PRO A 203 8.06 33.89 4.57
C PRO A 203 7.68 34.45 5.94
N GLN A 204 6.51 35.07 6.04
CA GLN A 204 6.02 35.63 7.30
C GLN A 204 5.12 34.64 8.06
N GLY A 205 5.34 33.33 7.84
CA GLY A 205 4.59 32.26 8.50
C GLY A 205 3.34 31.94 7.73
N ARG A 206 2.31 31.48 8.45
CA ARG A 206 1.04 31.13 7.85
C ARG A 206 -0.02 32.17 8.17
N HIS A 207 -0.78 32.55 7.15
CA HIS A 207 -1.81 33.58 7.26
C HIS A 207 -3.07 33.11 6.60
N VAL A 208 -4.17 33.80 6.92
CA VAL A 208 -5.52 33.39 6.48
C VAL A 208 -6.02 34.50 5.59
N LYS A 209 -6.84 34.18 4.59
CA LYS A 209 -7.23 35.18 3.58
C LYS A 209 -8.48 34.76 2.84
N THR A 210 -9.18 35.74 2.24
CA THR A 210 -10.42 35.48 1.49
C THR A 210 -10.42 36.15 0.10
N TYR A 211 -10.68 35.35 -0.92
CA TYR A 211 -11.02 35.87 -2.23
C TYR A 211 -12.44 35.39 -2.54
N GLU A 212 -13.33 36.32 -2.90
CA GLU A 212 -14.64 35.97 -3.47
C GLU A 212 -14.39 35.38 -4.83
N VAL A 213 -15.27 34.51 -5.30
CA VAL A 213 -15.05 33.85 -6.60
C VAL A 213 -16.10 34.19 -7.63
N SER A 214 -15.63 34.67 -8.76
CA SER A 214 -16.49 35.09 -9.84
C SER A 214 -16.32 34.18 -11.05
N LEU A 215 -17.46 33.77 -11.66
CA LEU A 215 -17.46 32.88 -12.84
C LEU A 215 -17.42 33.68 -14.15
N ARG A 216 -18.03 34.87 -14.15
CA ARG A 216 -18.10 35.70 -15.35
C ARG A 216 -16.75 36.36 -15.56
N GLU A 217 -16.25 37.07 -14.54
CA GLU A 217 -14.90 37.56 -14.56
C GLU A 217 -13.89 36.40 -14.65
N LYS A 218 -14.30 35.21 -14.20
CA LYS A 218 -13.44 34.00 -14.13
C LYS A 218 -12.20 34.25 -13.27
N GLU A 219 -12.37 34.95 -12.17
CA GLU A 219 -11.26 35.49 -11.42
C GLU A 219 -11.66 35.77 -9.98
N PHE A 220 -10.66 35.72 -9.10
CA PHE A 220 -10.81 36.14 -7.71
C PHE A 220 -10.93 37.66 -7.60
N ASN A 221 -11.85 38.11 -6.77
CA ASN A 221 -11.98 39.52 -6.39
C ASN A 221 -11.64 39.64 -4.90
N LYS A 222 -12.19 40.64 -4.21
CA LYS A 222 -11.73 40.91 -2.87
C LYS A 222 -12.66 40.33 -1.86
N GLY A 223 -12.13 39.48 -1.00
CA GLY A 223 -12.96 38.86 0.01
C GLY A 223 -13.47 39.82 1.08
N PRO A 224 -14.48 39.39 1.87
CA PRO A 224 -15.19 40.31 2.74
C PRO A 224 -14.36 40.88 3.88
N TRP A 225 -13.39 40.11 4.38
CA TRP A 225 -12.50 40.65 5.42
C TRP A 225 -11.02 40.43 5.12
N LYS A 226 -10.18 41.28 5.71
CA LYS A 226 -8.77 41.33 5.33
C LYS A 226 -7.95 40.34 6.13
N GLN A 227 -6.76 40.03 5.61
CA GLN A 227 -5.97 38.89 6.10
C GLN A 227 -5.41 39.17 7.49
N GLU A 228 -5.23 38.10 8.27
CA GLU A 228 -4.75 38.18 9.65
C GLU A 228 -3.69 37.11 9.92
N ASN A 229 -2.63 37.50 10.64
CA ASN A 229 -1.60 36.54 11.11
C ASN A 229 -2.21 35.39 11.92
N VAL A 230 -1.67 34.20 11.73
CA VAL A 230 -2.12 33.02 12.45
C VAL A 230 -0.88 32.13 12.75
N GLU A 231 -1.08 30.92 13.27
CA GLU A 231 0.02 30.16 13.85
C GLU A 231 1.04 29.64 12.82
N ALA A 232 2.28 29.53 13.26
CA ALA A 232 3.33 28.89 12.48
C ALA A 232 2.92 27.52 11.97
N GLU A 233 2.14 26.80 12.78
CA GLU A 233 1.73 25.42 12.42
C GLU A 233 0.21 25.26 12.27
N ALA A 234 -0.48 26.39 12.00
CA ALA A 234 -1.91 26.42 11.69
C ALA A 234 -2.20 25.54 10.49
N SER A 235 -2.94 24.46 10.70
CA SER A 235 -2.96 23.37 9.72
C SER A 235 -4.37 23.03 9.11
N MET A 236 -5.40 23.80 9.47
CA MET A 236 -6.78 23.32 9.25
C MET A 236 -7.82 24.42 9.33
N VAL A 237 -8.86 24.30 8.54
CA VAL A 237 -9.81 25.39 8.34
C VAL A 237 -11.20 24.84 8.45
N ILE A 238 -11.96 25.29 9.45
CA ILE A 238 -13.30 24.77 9.68
C ILE A 238 -14.28 25.87 9.32
N ALA A 239 -15.26 25.53 8.49
CA ALA A 239 -16.11 26.55 7.85
C ALA A 239 -17.38 26.80 8.66
N VAL A 240 -17.34 27.68 9.64
CA VAL A 240 -18.46 27.82 10.61
C VAL A 240 -19.75 28.28 9.88
N PRO A 241 -20.87 27.53 10.06
CA PRO A 241 -22.13 27.78 9.34
C PRO A 241 -22.86 29.03 9.74
N GLU A 242 -24.12 29.11 9.31
CA GLU A 242 -24.80 30.39 9.06
C GLU A 242 -24.94 31.31 10.30
N PRO A 243 -25.56 30.83 11.39
CA PRO A 243 -25.44 31.66 12.60
C PRO A 243 -23.98 31.69 13.07
N PHE A 244 -23.60 32.80 13.70
CA PHE A 244 -22.17 33.16 13.97
C PHE A 244 -21.45 33.55 12.69
N GLY A 245 -21.26 32.57 11.80
CA GLY A 245 -20.40 32.73 10.65
C GLY A 245 -18.94 32.54 11.02
N GLY A 246 -18.06 32.92 10.10
CA GLY A 246 -16.61 32.92 10.35
C GLY A 246 -15.90 31.65 9.90
N ALA A 247 -14.71 31.44 10.46
CA ALA A 247 -13.83 30.34 10.05
C ALA A 247 -12.91 29.98 11.19
N ILE A 248 -12.99 28.75 11.65
CA ILE A 248 -12.17 28.29 12.73
C ILE A 248 -10.88 27.70 12.22
N ILE A 249 -9.76 28.02 12.88
CA ILE A 249 -8.47 27.51 12.45
C ILE A 249 -7.76 26.77 13.54
N ILE A 250 -7.50 25.50 13.24
CA ILE A 250 -6.90 24.55 14.13
C ILE A 250 -5.38 24.58 13.97
N GLY A 251 -4.68 25.10 14.99
CA GLY A 251 -3.24 25.01 15.06
C GLY A 251 -2.81 23.78 15.83
N GLN A 252 -1.57 23.79 16.32
CA GLN A 252 -1.12 22.79 17.25
C GLN A 252 -1.03 23.35 18.65
N GLU A 253 -0.57 24.58 18.78
CA GLU A 253 -0.64 25.29 20.08
C GLU A 253 -2.04 25.84 20.32
N SER A 254 -2.55 26.65 19.39
CA SER A 254 -3.81 27.38 19.64
C SER A 254 -4.87 27.19 18.54
N ILE A 255 -6.12 27.50 18.92
CA ILE A 255 -7.28 27.52 18.01
C ILE A 255 -7.84 28.92 17.91
N THR A 256 -7.93 29.46 16.69
CA THR A 256 -8.41 30.82 16.44
C THR A 256 -9.69 30.83 15.58
N TYR A 257 -10.52 31.84 15.83
CA TYR A 257 -11.74 32.08 15.08
C TYR A 257 -11.68 33.46 14.44
N HIS A 258 -11.97 33.55 13.14
CA HIS A 258 -12.02 34.83 12.45
C HIS A 258 -13.28 34.87 11.63
N ASN A 259 -13.98 35.99 11.75
CA ASN A 259 -15.20 36.19 11.00
C ASN A 259 -15.27 37.52 10.26
N GLY A 260 -14.35 38.44 10.58
CA GLY A 260 -14.28 39.72 9.90
C GLY A 260 -14.37 40.90 10.86
N ASP A 261 -15.19 40.76 11.90
CA ASP A 261 -15.32 41.82 12.91
C ASP A 261 -14.81 41.38 14.30
N LYS A 262 -14.61 40.08 14.46
CA LYS A 262 -14.23 39.51 15.73
C LYS A 262 -12.93 38.70 15.64
N TYR A 263 -12.11 38.80 16.69
CA TYR A 263 -11.00 37.89 16.88
C TYR A 263 -11.17 37.18 18.21
N LEU A 264 -10.89 35.87 18.21
CA LEU A 264 -11.08 35.05 19.42
C LEU A 264 -10.18 33.84 19.38
N ALA A 265 -9.27 33.74 20.34
CA ALA A 265 -8.23 32.71 20.31
C ALA A 265 -8.02 32.06 21.69
N ILE A 266 -8.00 30.73 21.69
CA ILE A 266 -7.73 29.96 22.90
C ILE A 266 -6.58 29.01 22.66
N ALA A 267 -5.98 28.51 23.75
CA ALA A 267 -4.80 27.65 23.64
C ALA A 267 -4.75 26.67 24.77
N PRO A 268 -5.60 25.62 24.71
CA PRO A 268 -5.70 24.75 25.86
C PRO A 268 -4.45 23.90 25.95
N PRO A 269 -3.97 23.61 27.18
CA PRO A 269 -2.80 22.75 27.36
C PRO A 269 -3.07 21.29 26.97
N ILE A 270 -4.33 20.98 26.73
CA ILE A 270 -4.76 19.63 26.45
C ILE A 270 -4.67 19.27 24.94
N ILE A 271 -4.28 20.25 24.09
CA ILE A 271 -4.16 20.04 22.63
C ILE A 271 -2.72 20.14 22.08
N LYS A 272 -1.81 20.76 22.84
CA LYS A 272 -0.44 21.01 22.35
C LYS A 272 0.40 19.72 22.20
N GLN A 273 0.04 18.66 22.93
CA GLN A 273 0.76 17.38 22.88
C GLN A 273 0.94 16.88 21.45
N SER A 274 -0.16 16.87 20.71
CA SER A 274 -0.23 16.15 19.44
C SER A 274 -0.88 17.02 18.38
N THR A 275 -0.81 16.54 17.14
CA THR A 275 -1.33 17.27 15.98
C THR A 275 -2.78 16.87 15.71
N ILE A 276 -3.69 17.81 15.86
CA ILE A 276 -5.10 17.58 15.57
C ILE A 276 -5.28 17.51 14.05
N VAL A 277 -5.64 16.34 13.56
CA VAL A 277 -5.60 16.06 12.13
C VAL A 277 -6.96 16.05 11.44
N CYS A 278 -8.02 15.60 12.12
CA CYS A 278 -9.35 15.50 11.46
C CYS A 278 -10.51 15.87 12.37
N HIS A 279 -11.46 16.62 11.80
CA HIS A 279 -12.56 17.16 12.52
C HIS A 279 -13.84 16.93 11.75
N ASN A 280 -14.99 17.14 12.39
CA ASN A 280 -16.26 17.11 11.71
C ASN A 280 -17.37 17.82 12.48
N ARG A 281 -18.23 18.52 11.74
CA ARG A 281 -19.43 19.17 12.29
C ARG A 281 -20.39 18.14 12.88
N VAL A 282 -20.76 18.37 14.14
CA VAL A 282 -21.69 17.50 14.88
C VAL A 282 -23.07 18.13 14.93
N ASP A 283 -23.15 19.36 15.44
CA ASP A 283 -24.39 20.13 15.37
C ASP A 283 -24.45 20.87 14.02
N PRO A 284 -25.53 20.65 13.23
CA PRO A 284 -25.65 21.32 11.95
C PRO A 284 -25.73 22.85 12.02
N ASN A 285 -25.93 23.39 13.20
CA ASN A 285 -25.80 24.84 13.42
C ASN A 285 -24.37 25.23 13.80
N GLY A 286 -23.42 24.32 13.58
CA GLY A 286 -22.05 24.53 13.98
C GLY A 286 -21.86 24.95 15.44
N SER A 287 -22.43 24.18 16.36
CA SER A 287 -22.19 24.41 17.79
C SER A 287 -21.22 23.43 18.39
N ARG A 288 -21.26 22.19 17.92
CA ARG A 288 -20.36 21.18 18.39
C ARG A 288 -19.58 20.59 17.23
N TYR A 289 -18.29 20.39 17.47
CA TYR A 289 -17.38 19.86 16.48
C TYR A 289 -16.49 18.80 17.12
N LEU A 290 -16.38 17.65 16.47
CA LEU A 290 -15.46 16.58 16.90
C LEU A 290 -14.09 16.74 16.25
N LEU A 291 -13.11 17.08 17.05
CA LEU A 291 -11.73 17.11 16.56
C LEU A 291 -11.14 15.72 16.75
N GLY A 292 -9.88 15.54 16.39
CA GLY A 292 -9.21 14.25 16.61
C GLY A 292 -7.78 14.25 16.12
N ASP A 293 -6.90 13.56 16.86
CA ASP A 293 -5.47 13.61 16.58
C ASP A 293 -4.83 12.24 16.34
N MET A 294 -3.49 12.24 16.25
CA MET A 294 -2.73 11.01 15.97
C MET A 294 -2.44 10.21 17.23
N GLU A 295 -2.69 10.86 18.37
CA GLU A 295 -2.60 10.20 19.66
C GLU A 295 -3.97 9.64 19.98
N GLY A 296 -4.72 9.27 18.94
CA GLY A 296 -6.03 8.61 19.13
C GLY A 296 -7.14 9.39 19.90
N ARG A 297 -6.92 10.65 20.21
CA ARG A 297 -7.72 11.35 21.21
C ARG A 297 -8.88 12.10 20.57
N LEU A 298 -10.10 11.79 20.98
CA LEU A 298 -11.28 12.48 20.48
C LEU A 298 -11.62 13.69 21.36
N PHE A 299 -11.76 14.86 20.74
CA PHE A 299 -12.00 16.11 21.48
C PHE A 299 -13.37 16.65 21.10
N MET A 300 -13.83 17.66 21.82
CA MET A 300 -15.08 18.32 21.46
C MET A 300 -14.89 19.84 21.38
N LEU A 301 -15.02 20.37 20.20
CA LEU A 301 -15.05 21.78 20.03
C LEU A 301 -16.48 22.31 20.21
N LEU A 302 -16.68 23.12 21.24
CA LEU A 302 -17.97 23.75 21.50
C LEU A 302 -17.87 25.24 21.19
N LEU A 303 -18.91 25.76 20.56
CA LEU A 303 -18.98 27.17 20.25
C LEU A 303 -20.11 27.79 21.06
N GLU A 304 -19.89 28.99 21.59
CA GLU A 304 -20.92 29.65 22.42
C GLU A 304 -21.73 30.69 21.65
N LYS A 305 -23.02 30.80 22.01
CA LYS A 305 -23.94 31.70 21.32
C LYS A 305 -24.22 32.90 22.20
N THR A 312 -28.86 39.63 15.34
CA THR A 312 -27.76 40.00 16.22
C THR A 312 -27.19 38.76 16.95
N VAL A 313 -26.99 37.69 16.20
CA VAL A 313 -26.41 36.45 16.73
C VAL A 313 -24.92 36.37 16.34
N THR A 314 -24.05 36.31 17.36
CA THR A 314 -22.60 36.19 17.15
C THR A 314 -22.00 35.08 18.01
N LEU A 315 -20.70 34.82 17.81
CA LEU A 315 -19.96 33.86 18.61
C LEU A 315 -19.55 34.51 19.94
N LYS A 316 -19.55 33.72 21.01
CA LYS A 316 -19.27 34.25 22.34
C LYS A 316 -17.98 33.70 22.94
N ASP A 317 -17.73 32.41 22.74
CA ASP A 317 -16.48 31.82 23.17
C ASP A 317 -16.29 30.41 22.64
N LEU A 318 -15.05 29.92 22.70
CA LEU A 318 -14.73 28.53 22.32
C LEU A 318 -14.36 27.68 23.55
N ARG A 319 -14.45 26.36 23.37
CA ARG A 319 -14.33 25.44 24.49
C ARG A 319 -14.08 24.02 23.94
N VAL A 320 -13.14 23.31 24.57
CA VAL A 320 -12.81 21.97 24.11
C VAL A 320 -12.72 20.95 25.25
N GLU A 321 -13.57 19.92 25.17
CA GLU A 321 -13.54 18.80 26.09
C GLU A 321 -12.72 17.68 25.50
N LEU A 322 -12.15 16.86 26.37
CA LEU A 322 -11.50 15.63 25.97
C LEU A 322 -12.49 14.50 26.17
N LEU A 323 -12.84 13.82 25.09
CA LEU A 323 -13.99 12.89 25.11
C LEU A 323 -13.59 11.45 25.42
N GLY A 324 -12.36 11.06 25.04
CA GLY A 324 -11.90 9.69 25.22
C GLY A 324 -10.77 9.34 24.28
N GLU A 325 -10.65 8.04 23.95
CA GLU A 325 -9.55 7.57 23.14
C GLU A 325 -10.01 6.53 22.10
N THR A 326 -9.55 6.71 20.86
CA THR A 326 -10.05 5.96 19.70
C THR A 326 -8.90 5.46 18.86
N SER A 327 -9.22 4.59 17.91
CA SER A 327 -8.30 4.29 16.84
C SER A 327 -7.89 5.61 16.20
N ILE A 328 -6.64 5.74 15.78
CA ILE A 328 -6.14 7.03 15.30
C ILE A 328 -6.93 7.49 14.09
N ALA A 329 -7.60 8.61 14.22
CA ALA A 329 -8.64 8.99 13.30
C ALA A 329 -8.04 9.67 12.05
N GLU A 330 -8.37 9.12 10.90
CA GLU A 330 -8.18 9.78 9.62
C GLU A 330 -9.42 10.61 9.28
N CYS A 331 -10.58 9.99 9.36
CA CYS A 331 -11.81 10.66 9.03
C CYS A 331 -12.88 10.30 10.03
N LEU A 332 -13.78 11.21 10.31
CA LEU A 332 -14.88 10.92 11.22
C LEU A 332 -16.15 11.61 10.77
N THR A 333 -17.25 10.90 10.97
CA THR A 333 -18.60 11.42 10.79
C THR A 333 -19.45 10.93 11.95
N TYR A 334 -20.11 11.87 12.61
CA TYR A 334 -21.11 11.58 13.63
C TYR A 334 -22.42 11.21 12.96
N LEU A 335 -22.93 10.03 13.28
CA LEU A 335 -24.17 9.55 12.70
C LEU A 335 -25.36 10.19 13.44
N ASP A 336 -26.16 9.42 14.18
CA ASP A 336 -27.15 10.01 15.10
C ASP A 336 -27.11 9.35 16.47
N ASN A 337 -27.37 10.16 17.51
CA ASN A 337 -27.38 9.70 18.90
C ASN A 337 -26.03 9.18 19.36
N GLY A 338 -25.11 10.10 19.60
CA GLY A 338 -23.81 9.76 20.17
C GLY A 338 -22.94 8.87 19.30
N VAL A 339 -23.48 8.30 18.22
CA VAL A 339 -22.76 7.32 17.43
C VAL A 339 -21.82 8.03 16.45
N VAL A 340 -20.62 7.47 16.34
CA VAL A 340 -19.58 8.05 15.51
C VAL A 340 -18.86 6.94 14.74
N PHE A 341 -18.77 7.07 13.41
CA PHE A 341 -17.89 6.16 12.63
C PHE A 341 -16.49 6.74 12.51
N VAL A 342 -15.49 5.90 12.74
CA VAL A 342 -14.11 6.34 12.77
C VAL A 342 -13.34 5.71 11.64
N GLY A 343 -12.74 6.56 10.81
CA GLY A 343 -11.91 6.11 9.69
C GLY A 343 -10.49 6.12 10.14
N SER A 344 -9.75 5.07 9.80
CA SER A 344 -8.39 5.02 10.14
C SER A 344 -7.60 4.31 9.04
N ARG A 345 -6.56 4.98 8.59
CA ARG A 345 -5.56 4.36 7.78
C ARG A 345 -4.63 3.54 8.69
N LEU A 346 -4.55 3.92 9.98
CA LEU A 346 -3.42 3.56 10.80
C LEU A 346 -3.67 2.32 11.66
N GLY A 347 -4.94 1.97 11.89
CA GLY A 347 -5.29 0.70 12.58
C GLY A 347 -6.64 0.11 12.26
N ASP A 348 -7.25 -0.48 13.25
CA ASP A 348 -8.60 -1.03 13.09
C ASP A 348 -9.64 0.05 13.16
N SER A 349 -10.40 0.18 12.08
CA SER A 349 -11.47 1.15 12.01
C SER A 349 -12.48 0.88 13.12
N GLN A 350 -13.11 1.94 13.61
CA GLN A 350 -14.02 1.80 14.73
C GLN A 350 -15.34 2.45 14.48
N LEU A 351 -16.30 2.07 15.32
CA LEU A 351 -17.58 2.70 15.43
C LEU A 351 -17.79 2.93 16.93
N VAL A 352 -17.77 4.18 17.38
CA VAL A 352 -17.75 4.46 18.82
C VAL A 352 -18.98 5.22 19.29
N LYS A 353 -19.38 4.94 20.54
CA LYS A 353 -20.56 5.51 21.16
C LYS A 353 -20.14 6.44 22.31
N LEU A 354 -20.54 7.69 22.22
CA LEU A 354 -20.17 8.70 23.21
C LEU A 354 -20.94 8.49 24.49
N ASN A 355 -20.25 8.60 25.62
CA ASN A 355 -20.87 8.40 26.94
C ASN A 355 -20.97 9.69 27.74
N SER A 363 -16.38 11.70 29.55
CA SER A 363 -15.52 10.93 30.45
C SER A 363 -14.77 9.81 29.72
N TYR A 364 -15.51 8.93 29.06
CA TYR A 364 -14.92 7.87 28.24
C TYR A 364 -15.77 7.63 27.00
N VAL A 365 -15.29 6.79 26.09
CA VAL A 365 -16.02 6.52 24.86
C VAL A 365 -15.96 5.02 24.50
N VAL A 366 -17.14 4.43 24.39
CA VAL A 366 -17.27 2.98 24.25
C VAL A 366 -17.52 2.63 22.80
N ALA A 367 -16.59 1.88 22.20
CA ALA A 367 -16.77 1.42 20.82
C ALA A 367 -17.74 0.30 20.78
N MET A 368 -18.90 0.52 20.14
CA MET A 368 -19.86 -0.53 19.86
C MET A 368 -19.28 -1.55 18.87
N GLU A 369 -18.92 -1.11 17.67
CA GLU A 369 -18.38 -2.01 16.65
C GLU A 369 -16.93 -1.63 16.28
N THR A 370 -16.22 -2.57 15.65
CA THR A 370 -14.83 -2.35 15.27
C THR A 370 -14.47 -3.23 14.05
N PHE A 371 -13.84 -2.61 13.05
CA PHE A 371 -13.69 -3.19 11.72
C PHE A 371 -12.22 -3.49 11.42
N THR A 372 -11.91 -4.75 11.23
CA THR A 372 -10.55 -5.19 11.04
C THR A 372 -9.96 -4.63 9.77
N ASN A 373 -9.24 -3.52 9.93
CA ASN A 373 -8.35 -3.00 8.87
C ASN A 373 -6.92 -3.45 9.12
N LEU A 374 -6.37 -4.18 8.17
CA LEU A 374 -4.94 -4.42 8.18
C LEU A 374 -4.24 -3.11 7.91
N GLY A 375 -3.75 -2.48 8.98
CA GLY A 375 -3.07 -1.19 8.84
C GLY A 375 -1.98 -1.21 7.77
N PRO A 376 -1.29 -0.11 7.59
CA PRO A 376 -0.19 -0.10 6.64
C PRO A 376 0.67 -1.34 6.79
N ILE A 377 0.51 -2.29 5.87
CA ILE A 377 1.16 -3.59 6.01
C ILE A 377 2.69 -3.48 5.79
N VAL A 378 3.41 -3.15 6.86
CA VAL A 378 4.80 -2.69 6.80
C VAL A 378 5.75 -3.82 6.43
N ASP A 379 5.32 -5.07 6.70
CA ASP A 379 6.11 -6.25 6.37
C ASP A 379 5.22 -7.50 6.52
N MET A 380 5.62 -8.60 5.90
CA MET A 380 4.92 -9.83 6.09
C MET A 380 5.76 -11.06 5.81
N CYS A 381 5.20 -12.23 6.14
CA CYS A 381 5.86 -13.51 5.89
C CYS A 381 4.85 -14.61 5.59
N VAL A 382 5.12 -15.38 4.54
CA VAL A 382 4.46 -16.66 4.35
C VAL A 382 5.07 -17.62 5.37
N VAL A 383 4.19 -18.34 6.09
CA VAL A 383 4.61 -19.42 6.98
C VAL A 383 3.93 -20.72 6.65
N ASP A 384 4.73 -21.69 6.26
CA ASP A 384 4.26 -23.03 6.06
C ASP A 384 4.24 -23.72 7.42
N LEU A 385 3.24 -23.35 8.23
CA LEU A 385 2.92 -24.10 9.44
C LEU A 385 2.06 -25.31 9.09
N GLU A 386 2.10 -26.32 9.96
CA GLU A 386 1.46 -27.64 9.73
C GLU A 386 2.09 -28.37 8.54
N ARG A 387 3.29 -27.93 8.14
CA ARG A 387 3.98 -28.44 6.93
C ARG A 387 3.02 -29.02 5.90
N GLN A 388 2.09 -28.17 5.47
CA GLN A 388 0.99 -28.57 4.66
C GLN A 388 1.29 -28.14 3.23
N GLY A 389 0.44 -28.54 2.29
CA GLY A 389 0.46 -27.96 0.95
C GLY A 389 -0.04 -26.53 0.91
N GLN A 390 -0.32 -25.95 2.08
CA GLN A 390 -0.82 -24.59 2.17
C GLN A 390 -0.01 -23.78 3.19
N GLY A 391 0.38 -22.57 2.79
CA GLY A 391 1.08 -21.65 3.70
C GLY A 391 0.12 -20.66 4.35
N GLN A 392 0.68 -19.77 5.15
CA GLN A 392 -0.11 -18.83 5.95
C GLN A 392 0.58 -17.48 5.94
N LEU A 393 -0.16 -16.39 6.08
CA LEU A 393 0.47 -15.07 6.09
C LEU A 393 0.39 -14.39 7.44
N VAL A 394 1.55 -13.95 7.94
CA VAL A 394 1.61 -13.05 9.09
C VAL A 394 2.24 -11.71 8.71
N THR A 395 1.52 -10.63 8.99
CA THR A 395 1.99 -9.29 8.66
C THR A 395 2.58 -8.60 9.89
N CYS A 396 3.13 -7.40 9.66
CA CYS A 396 3.29 -6.40 10.71
C CYS A 396 2.32 -5.26 10.41
N SER A 397 1.08 -5.33 10.87
CA SER A 397 0.08 -4.31 10.45
C SER A 397 -0.16 -3.23 11.49
N GLY A 398 -0.45 -2.03 10.98
CA GLY A 398 -0.62 -0.83 11.80
C GLY A 398 0.68 -0.24 12.33
N ALA A 399 0.56 0.97 12.88
CA ALA A 399 1.68 1.64 13.52
C ALA A 399 1.29 2.20 14.87
N PHE A 400 2.27 2.22 15.77
CA PHE A 400 2.08 2.63 17.17
C PHE A 400 0.87 1.99 17.85
N LYS A 401 -0.13 2.79 18.23
CA LYS A 401 -1.16 2.40 19.18
C LYS A 401 -2.06 1.31 18.61
N GLU A 402 -2.14 1.26 17.29
CA GLU A 402 -2.93 0.26 16.60
C GLU A 402 -2.04 -0.88 16.12
N GLY A 403 -0.73 -0.76 16.40
CA GLY A 403 0.25 -1.64 15.86
C GLY A 403 -0.07 -3.05 16.27
N SER A 404 0.09 -3.98 15.33
CA SER A 404 -0.25 -5.33 15.53
C SER A 404 0.50 -6.28 14.59
N LEU A 405 0.27 -7.57 14.78
CA LEU A 405 0.48 -8.52 13.71
C LEU A 405 -0.90 -8.83 13.19
N ARG A 406 -0.98 -9.70 12.19
CA ARG A 406 -2.25 -10.22 11.70
C ARG A 406 -1.99 -11.59 11.10
N ILE A 407 -2.90 -12.53 11.33
CA ILE A 407 -2.79 -13.85 10.73
C ILE A 407 -3.89 -14.03 9.69
N ILE A 408 -3.50 -13.98 8.41
CA ILE A 408 -4.44 -14.24 7.29
C ILE A 408 -4.20 -15.63 6.75
N ARG A 409 -5.30 -16.38 6.58
CA ARG A 409 -5.26 -17.70 5.95
C ARG A 409 -6.65 -18.15 5.49
N ASN A 410 -6.67 -19.17 4.64
CA ASN A 410 -7.89 -19.62 4.02
C ASN A 410 -8.63 -20.51 4.99
N GLY A 411 -9.96 -20.51 4.88
CA GLY A 411 -10.81 -21.18 5.85
C GLY A 411 -12.21 -21.46 5.30
N ILE A 412 -13.11 -21.92 6.18
CA ILE A 412 -14.51 -22.20 5.80
C ILE A 412 -15.46 -21.82 6.94
N GLY A 413 -16.44 -20.97 6.64
CA GLY A 413 -17.52 -20.66 7.58
C GLY A 413 -18.65 -21.65 7.43
N ILE A 414 -19.73 -21.43 8.17
CA ILE A 414 -20.89 -22.33 8.10
C ILE A 414 -22.19 -21.57 7.81
N HIS A 415 -23.05 -22.22 7.04
CA HIS A 415 -24.35 -21.68 6.71
C HIS A 415 -25.27 -21.85 7.91
N GLU A 416 -25.55 -20.74 8.60
CA GLU A 416 -26.47 -20.77 9.76
C GLU A 416 -27.90 -21.10 9.38
N HIS A 417 -28.55 -21.87 10.24
CA HIS A 417 -29.99 -22.16 10.12
C HIS A 417 -30.63 -22.01 11.49
N ALA A 418 -30.02 -22.66 12.48
CA ALA A 418 -30.40 -22.52 13.87
C ALA A 418 -29.17 -22.24 14.72
N SER A 419 -29.26 -21.23 15.59
CA SER A 419 -28.24 -20.95 16.59
C SER A 419 -28.89 -20.66 17.95
N ILE A 420 -29.63 -21.63 18.45
CA ILE A 420 -30.32 -21.50 19.74
C ILE A 420 -29.31 -21.33 20.89
N ASP A 421 -29.69 -20.55 21.91
CA ASP A 421 -28.71 -20.08 22.91
C ASP A 421 -28.78 -20.90 24.19
N LEU A 422 -28.11 -22.04 24.19
CA LEU A 422 -28.10 -22.93 25.34
C LEU A 422 -26.70 -23.00 25.98
N PRO A 423 -26.45 -22.10 26.95
CA PRO A 423 -25.15 -22.00 27.60
C PRO A 423 -24.64 -23.32 28.20
N GLY A 424 -23.36 -23.60 27.99
CA GLY A 424 -22.67 -24.69 28.71
C GLY A 424 -23.15 -26.09 28.35
N ILE A 425 -22.96 -26.50 27.11
CA ILE A 425 -23.26 -27.85 26.67
C ILE A 425 -21.98 -28.69 26.68
N LYS A 426 -21.87 -29.59 27.64
CA LYS A 426 -20.68 -30.44 27.77
C LYS A 426 -20.61 -31.60 26.76
N GLY A 427 -21.59 -31.71 25.88
CA GLY A 427 -21.60 -32.82 24.92
C GLY A 427 -22.79 -32.80 23.94
N LEU A 428 -22.61 -33.52 22.83
CA LEU A 428 -23.59 -33.55 21.75
C LEU A 428 -23.55 -34.91 21.09
N TRP A 429 -24.69 -35.59 21.04
CA TRP A 429 -24.77 -36.86 20.37
C TRP A 429 -26.03 -36.92 19.53
N PRO A 430 -25.94 -37.53 18.34
CA PRO A 430 -27.11 -37.75 17.49
C PRO A 430 -27.66 -39.16 17.61
N LEU A 431 -28.99 -39.27 17.59
CA LEU A 431 -29.67 -40.57 17.61
C LEU A 431 -30.85 -40.58 16.64
N ARG A 432 -31.34 -41.78 16.36
CA ARG A 432 -32.55 -41.96 15.55
C ARG A 432 -33.65 -42.63 16.36
N SER A 433 -34.74 -41.89 16.60
CA SER A 433 -35.77 -42.32 17.56
C SER A 433 -36.56 -43.51 17.04
N ASP A 434 -36.98 -43.41 15.78
CA ASP A 434 -37.64 -44.52 15.13
C ASP A 434 -36.58 -45.44 14.55
N PRO A 435 -36.58 -46.72 14.96
CA PRO A 435 -35.66 -47.70 14.41
C PRO A 435 -35.86 -47.91 12.91
N ASN A 436 -37.08 -47.71 12.46
CA ASN A 436 -37.42 -47.92 11.05
C ASN A 436 -36.84 -46.83 10.15
N ARG A 437 -36.73 -45.61 10.69
CA ARG A 437 -36.21 -44.46 9.93
C ARG A 437 -34.71 -44.60 9.63
N GLU A 438 -34.31 -44.23 8.42
CA GLU A 438 -32.89 -44.08 8.07
C GLU A 438 -32.45 -42.62 8.20
N THR A 439 -33.29 -41.81 8.82
CA THR A 439 -32.93 -40.45 9.22
C THR A 439 -32.95 -40.33 10.75
N ASP A 440 -32.14 -39.41 11.27
CA ASP A 440 -32.01 -39.25 12.72
C ASP A 440 -32.89 -38.10 13.21
N ASP A 441 -33.53 -38.31 14.36
CA ASP A 441 -34.43 -37.29 14.93
C ASP A 441 -34.28 -37.20 16.46
N THR A 442 -33.04 -37.21 16.91
CA THR A 442 -32.73 -37.07 18.31
C THR A 442 -31.35 -36.45 18.47
N LEU A 443 -31.25 -35.46 19.36
CA LEU A 443 -29.97 -34.91 19.76
C LEU A 443 -29.88 -34.78 21.27
N VAL A 444 -28.83 -35.34 21.84
CA VAL A 444 -28.67 -35.37 23.30
C VAL A 444 -27.50 -34.48 23.71
N LEU A 445 -27.66 -33.82 24.85
CA LEU A 445 -26.73 -32.77 25.28
C LEU A 445 -26.33 -32.93 26.75
N SER A 446 -25.03 -32.98 27.00
CA SER A 446 -24.53 -33.08 28.35
C SER A 446 -24.51 -31.71 29.01
N PHE A 447 -24.76 -31.68 30.32
CA PHE A 447 -24.70 -30.43 31.08
C PHE A 447 -23.94 -30.60 32.41
N VAL A 448 -24.04 -29.59 33.28
CA VAL A 448 -23.32 -29.57 34.56
C VAL A 448 -23.47 -30.86 35.40
N GLY A 449 -24.69 -31.40 35.48
CA GLY A 449 -24.93 -32.67 36.21
C GLY A 449 -25.91 -33.63 35.56
N GLN A 450 -26.78 -33.13 34.71
CA GLN A 450 -27.82 -33.94 34.11
C GLN A 450 -27.74 -33.94 32.58
N THR A 451 -28.72 -34.54 31.92
CA THR A 451 -28.70 -34.71 30.47
C THR A 451 -30.05 -34.34 29.83
N ARG A 452 -30.04 -33.34 28.95
CA ARG A 452 -31.27 -32.92 28.23
C ARG A 452 -31.56 -33.83 27.06
N VAL A 453 -32.73 -33.64 26.44
CA VAL A 453 -33.11 -34.38 25.22
C VAL A 453 -33.76 -33.41 24.24
N LEU A 454 -33.31 -33.42 22.99
CA LEU A 454 -33.81 -32.51 21.95
C LEU A 454 -34.46 -33.26 20.79
N MET A 455 -35.71 -32.92 20.52
CA MET A 455 -36.56 -33.70 19.62
C MET A 455 -36.26 -33.41 18.14
N LEU A 456 -35.92 -32.16 17.84
CA LEU A 456 -35.78 -31.67 16.46
C LEU A 456 -36.96 -32.04 15.56
N ASN A 457 -38.08 -31.35 15.78
CA ASN A 457 -39.32 -31.63 15.08
C ASN A 457 -39.21 -31.27 13.58
N GLY A 458 -38.52 -32.13 12.84
CA GLY A 458 -38.30 -31.93 11.40
C GLY A 458 -37.48 -30.71 11.09
N GLU A 459 -38.09 -29.54 11.28
CA GLU A 459 -37.40 -28.27 11.11
C GLU A 459 -37.56 -27.36 12.35
N GLU A 460 -38.11 -27.92 13.44
CA GLU A 460 -38.35 -27.15 14.67
C GLU A 460 -37.83 -27.87 15.92
N VAL A 461 -36.68 -27.42 16.40
CA VAL A 461 -36.06 -28.02 17.60
C VAL A 461 -36.82 -27.69 18.87
N GLU A 462 -37.04 -28.72 19.70
CA GLU A 462 -37.70 -28.56 20.99
C GLU A 462 -37.12 -29.53 22.02
N GLU A 463 -37.21 -29.16 23.29
CA GLU A 463 -36.79 -30.05 24.38
C GLU A 463 -37.81 -31.15 24.58
N THR A 464 -37.42 -32.26 25.20
CA THR A 464 -38.36 -33.40 25.40
C THR A 464 -37.88 -34.43 26.46
N GLU A 465 -38.53 -35.59 26.48
CA GLU A 465 -38.15 -36.69 27.37
C GLU A 465 -37.67 -37.90 26.55
N LEU A 466 -37.10 -38.87 27.25
CA LEU A 466 -36.69 -40.12 26.65
C LEU A 466 -36.65 -41.20 27.74
N MET A 467 -37.38 -42.30 27.52
CA MET A 467 -37.36 -43.41 28.46
C MET A 467 -36.18 -44.32 28.17
N GLY A 468 -35.58 -44.84 29.23
CA GLY A 468 -34.33 -45.58 29.11
C GLY A 468 -33.15 -44.65 29.20
N PHE A 469 -33.40 -43.36 28.93
CA PHE A 469 -32.37 -42.34 28.96
C PHE A 469 -32.69 -41.36 30.09
N VAL A 470 -31.76 -41.21 31.03
CA VAL A 470 -32.00 -40.38 32.22
C VAL A 470 -31.78 -38.92 31.90
N ASP A 471 -32.58 -38.07 32.52
CA ASP A 471 -32.38 -36.63 32.38
C ASP A 471 -31.95 -36.01 33.70
N ASP A 472 -31.29 -36.81 34.54
CA ASP A 472 -30.79 -36.32 35.83
C ASP A 472 -29.36 -36.78 36.10
N GLN A 473 -28.75 -37.49 35.16
CA GLN A 473 -27.36 -37.87 35.24
C GLN A 473 -26.60 -37.35 34.04
N GLN A 474 -25.34 -37.00 34.26
CA GLN A 474 -24.52 -36.38 33.21
C GLN A 474 -24.02 -37.43 32.20
N THR A 475 -24.49 -37.32 30.96
CA THR A 475 -24.17 -38.28 29.90
C THR A 475 -22.72 -38.18 29.41
N PHE A 476 -22.02 -39.30 29.45
CA PHE A 476 -20.66 -39.42 28.94
C PHE A 476 -20.63 -40.01 27.53
N PHE A 477 -21.69 -40.71 27.14
CA PHE A 477 -21.83 -41.21 25.76
C PHE A 477 -23.26 -41.69 25.47
N CYS A 478 -23.67 -41.57 24.20
CA CYS A 478 -24.86 -42.28 23.70
C CYS A 478 -24.85 -42.38 22.17
N GLY A 479 -25.75 -43.19 21.63
CA GLY A 479 -25.85 -43.40 20.19
C GLY A 479 -26.79 -44.51 19.82
N ASN A 480 -26.55 -45.15 18.68
CA ASN A 480 -27.40 -46.24 18.17
C ASN A 480 -26.58 -47.50 17.96
N VAL A 481 -26.90 -48.54 18.72
CA VAL A 481 -26.10 -49.76 18.76
C VAL A 481 -26.78 -50.93 18.03
N ALA A 482 -26.23 -52.14 18.19
CA ALA A 482 -26.64 -53.30 17.42
C ALA A 482 -27.78 -54.09 18.07
N HIS A 483 -28.43 -54.92 17.23
CA HIS A 483 -29.61 -55.71 17.61
C HIS A 483 -30.80 -54.81 17.98
N GLN A 484 -31.05 -53.79 17.15
CA GLN A 484 -32.12 -52.79 17.39
C GLN A 484 -32.17 -52.34 18.85
N GLN A 485 -31.09 -51.68 19.28
CA GLN A 485 -30.96 -51.22 20.64
C GLN A 485 -30.36 -49.82 20.71
N LEU A 486 -30.48 -49.21 21.88
CA LEU A 486 -29.93 -47.89 22.15
C LEU A 486 -28.96 -47.96 23.31
N ILE A 487 -28.34 -46.83 23.61
CA ILE A 487 -27.33 -46.77 24.66
C ILE A 487 -27.27 -45.34 25.23
N GLN A 488 -27.07 -45.25 26.55
CA GLN A 488 -26.88 -43.96 27.19
C GLN A 488 -25.96 -44.10 28.39
N ILE A 489 -24.66 -43.97 28.14
CA ILE A 489 -23.68 -43.99 29.22
C ILE A 489 -23.68 -42.64 29.95
N THR A 490 -24.02 -42.67 31.24
CA THR A 490 -23.89 -41.48 32.09
C THR A 490 -22.88 -41.76 33.18
N SER A 491 -22.55 -40.73 33.94
CA SER A 491 -21.60 -40.85 35.03
C SER A 491 -22.01 -41.96 35.97
N ALA A 492 -23.33 -42.14 36.14
CA ALA A 492 -23.90 -43.17 37.03
C ALA A 492 -23.51 -44.59 36.60
N SER A 493 -24.03 -45.02 35.47
CA SER A 493 -23.83 -46.39 35.00
C SER A 493 -24.08 -46.53 33.51
N VAL A 494 -23.61 -47.64 32.95
CA VAL A 494 -23.96 -48.05 31.59
C VAL A 494 -25.37 -48.58 31.65
N ARG A 495 -26.24 -48.09 30.77
CA ARG A 495 -27.68 -48.40 30.88
C ARG A 495 -28.27 -48.70 29.50
N LEU A 496 -28.11 -49.97 29.10
CA LEU A 496 -28.56 -50.45 27.78
C LEU A 496 -30.09 -50.38 27.64
N VAL A 497 -30.53 -49.86 26.50
CA VAL A 497 -31.94 -49.62 26.23
C VAL A 497 -32.37 -50.39 24.98
N SER A 498 -33.57 -50.94 25.01
CA SER A 498 -34.21 -51.46 23.82
C SER A 498 -34.98 -50.32 23.16
N GLN A 499 -34.70 -50.08 21.88
CA GLN A 499 -35.23 -48.88 21.21
C GLN A 499 -36.68 -49.03 20.78
N GLU A 500 -37.05 -50.23 20.37
CA GLU A 500 -38.38 -50.49 19.83
C GLU A 500 -39.52 -50.25 20.88
N PRO A 501 -39.33 -50.72 22.14
CA PRO A 501 -40.36 -50.49 23.14
C PRO A 501 -40.03 -49.39 24.15
N LYS A 502 -38.75 -48.97 24.19
CA LYS A 502 -38.22 -48.08 25.23
C LYS A 502 -37.68 -48.89 26.41
N ALA A 503 -37.53 -48.22 27.55
CA ALA A 503 -37.26 -48.87 28.84
C ALA A 503 -35.78 -49.27 28.90
N LEU A 504 -35.45 -50.21 29.78
CA LEU A 504 -34.08 -50.59 30.01
C LEU A 504 -33.95 -52.11 30.05
N VAL A 505 -33.18 -52.68 29.13
CA VAL A 505 -32.98 -54.13 29.07
C VAL A 505 -31.73 -54.59 29.84
N SER A 506 -30.78 -53.67 30.07
CA SER A 506 -29.63 -53.94 30.91
C SER A 506 -29.06 -52.67 31.52
N GLU A 507 -28.34 -52.83 32.61
CA GLU A 507 -27.61 -51.75 33.22
C GLU A 507 -26.34 -52.30 33.84
N TRP A 508 -25.24 -51.63 33.57
CA TRP A 508 -23.96 -52.04 34.06
C TRP A 508 -23.37 -50.94 34.91
N LYS A 509 -23.16 -51.23 36.19
CA LYS A 509 -22.45 -50.33 37.08
C LYS A 509 -21.33 -51.09 37.77
N GLU A 510 -20.27 -50.38 38.11
CA GLU A 510 -19.16 -50.97 38.87
C GLU A 510 -19.72 -51.66 40.16
N PRO A 511 -19.25 -52.90 40.44
CA PRO A 511 -19.74 -53.74 41.57
C PRO A 511 -19.83 -53.05 42.94
N GLN A 512 -18.89 -52.15 43.24
CA GLN A 512 -18.91 -51.42 44.51
C GLN A 512 -19.76 -50.12 44.40
N ALA A 513 -20.60 -50.05 43.35
CA ALA A 513 -21.42 -48.85 43.05
C ALA A 513 -20.58 -47.57 42.92
N LYS A 514 -19.97 -47.38 41.76
CA LYS A 514 -19.13 -46.21 41.48
C LYS A 514 -19.49 -45.58 40.14
N ASN A 515 -18.97 -44.37 39.94
CA ASN A 515 -19.22 -43.60 38.71
C ASN A 515 -18.31 -44.08 37.56
N ILE A 516 -18.50 -43.51 36.37
CA ILE A 516 -17.68 -43.86 35.20
C ILE A 516 -16.74 -42.70 34.82
N SER A 517 -15.48 -43.06 34.53
CA SER A 517 -14.44 -42.10 34.21
C SER A 517 -14.58 -41.56 32.75
N VAL A 518 -13.91 -42.19 31.79
CA VAL A 518 -13.86 -41.70 30.42
C VAL A 518 -14.65 -42.66 29.53
N ALA A 519 -15.81 -42.22 29.06
CA ALA A 519 -16.70 -43.08 28.25
C ALA A 519 -16.34 -43.02 26.79
N SER A 520 -16.21 -44.18 26.16
CA SER A 520 -16.09 -44.26 24.72
C SER A 520 -16.65 -45.57 24.24
N CYS A 521 -17.58 -45.50 23.31
CA CYS A 521 -18.25 -46.69 22.77
C CYS A 521 -18.61 -46.48 21.31
N ASN A 522 -18.85 -47.59 20.61
CA ASN A 522 -19.35 -47.53 19.24
C ASN A 522 -20.75 -48.16 19.14
N SER A 523 -20.91 -49.24 18.35
CA SER A 523 -22.22 -49.82 18.11
C SER A 523 -22.40 -51.20 18.72
N SER A 524 -21.36 -51.77 19.30
CA SER A 524 -21.47 -53.10 19.93
C SER A 524 -20.61 -53.29 21.19
N GLN A 525 -19.52 -52.52 21.31
CA GLN A 525 -18.58 -52.69 22.42
C GLN A 525 -18.44 -51.42 23.25
N VAL A 526 -18.26 -51.61 24.55
CA VAL A 526 -17.99 -50.51 25.46
C VAL A 526 -16.78 -50.88 26.31
N VAL A 527 -15.94 -49.87 26.60
CA VAL A 527 -14.87 -50.03 27.60
C VAL A 527 -14.88 -48.84 28.57
N VAL A 528 -15.91 -48.80 29.40
CA VAL A 528 -16.10 -47.71 30.36
C VAL A 528 -15.01 -47.67 31.43
N ALA A 529 -14.25 -46.58 31.44
CA ALA A 529 -13.15 -46.43 32.37
C ALA A 529 -13.64 -46.05 33.75
N VAL A 530 -12.90 -46.49 34.77
CA VAL A 530 -13.12 -46.06 36.14
C VAL A 530 -11.78 -45.82 36.80
N GLY A 531 -11.55 -44.61 37.29
CA GLY A 531 -10.30 -44.25 37.94
C GLY A 531 -9.08 -44.73 37.20
N ARG A 532 -8.41 -45.73 37.77
CA ARG A 532 -7.28 -46.41 37.10
C ARG A 532 -7.78 -47.60 36.30
N ALA A 533 -8.79 -48.28 36.82
CA ALA A 533 -9.22 -49.56 36.29
C ALA A 533 -10.04 -49.43 35.02
N LEU A 534 -10.15 -50.55 34.31
CA LEU A 534 -10.88 -50.60 33.04
C LEU A 534 -11.84 -51.75 33.04
N TYR A 535 -13.10 -51.44 32.77
CA TYR A 535 -14.16 -52.43 32.81
C TYR A 535 -14.82 -52.59 31.44
N TYR A 536 -14.41 -53.63 30.75
CA TYR A 536 -14.79 -53.90 29.37
C TYR A 536 -16.23 -54.45 29.28
N LEU A 537 -16.93 -54.06 28.21
CA LEU A 537 -18.32 -54.49 27.99
C LEU A 537 -18.58 -54.88 26.56
N GLN A 538 -19.69 -55.59 26.35
CA GLN A 538 -20.21 -55.89 25.03
C GLN A 538 -21.71 -55.83 25.03
N ILE A 539 -22.29 -55.33 23.95
CA ILE A 539 -23.72 -55.09 23.88
C ILE A 539 -24.36 -56.13 22.98
N HIS A 540 -24.53 -57.33 23.52
CA HIS A 540 -25.28 -58.41 22.86
C HIS A 540 -26.78 -58.13 22.95
N PRO A 541 -27.61 -58.99 22.32
CA PRO A 541 -29.06 -58.80 22.49
C PRO A 541 -29.50 -58.82 23.95
N GLN A 542 -30.19 -57.75 24.35
CA GLN A 542 -30.78 -57.58 25.70
C GLN A 542 -29.85 -57.80 26.94
N GLU A 543 -28.54 -57.90 26.69
CA GLU A 543 -27.58 -58.24 27.76
C GLU A 543 -26.32 -57.37 27.64
N LEU A 544 -25.86 -56.86 28.78
CA LEU A 544 -24.55 -56.20 28.84
C LEU A 544 -23.50 -57.17 29.36
N ARG A 545 -22.62 -57.63 28.48
CA ARG A 545 -21.62 -58.63 28.84
C ARG A 545 -20.27 -58.00 29.18
N GLN A 546 -19.57 -58.63 30.11
CA GLN A 546 -18.20 -58.24 30.43
C GLN A 546 -17.27 -59.38 30.02
N ILE A 547 -16.03 -59.03 29.67
CA ILE A 547 -14.98 -60.03 29.47
C ILE A 547 -13.76 -59.76 30.34
N SER A 548 -13.36 -58.49 30.44
CA SER A 548 -12.11 -58.16 31.07
C SER A 548 -12.16 -56.96 32.03
N HIS A 549 -11.30 -57.02 33.04
CA HIS A 549 -11.14 -55.98 34.02
C HIS A 549 -9.66 -55.87 34.34
N THR A 550 -9.09 -54.67 34.20
CA THR A 550 -7.69 -54.48 34.56
C THR A 550 -7.38 -53.11 35.15
N GLU A 551 -6.41 -53.10 36.07
CA GLU A 551 -5.81 -51.89 36.59
C GLU A 551 -4.95 -51.23 35.52
N MET A 552 -4.68 -49.95 35.69
CA MET A 552 -3.71 -49.27 34.85
C MET A 552 -2.58 -48.70 35.68
N GLU A 553 -1.45 -48.45 35.03
CA GLU A 553 -0.34 -47.74 35.64
C GLU A 553 -0.82 -46.44 36.28
N HIS A 554 -1.61 -45.65 35.54
CA HIS A 554 -2.18 -44.43 36.07
C HIS A 554 -3.64 -44.30 35.72
N GLU A 555 -4.32 -43.33 36.32
CA GLU A 555 -5.73 -43.08 36.04
C GLU A 555 -5.95 -42.91 34.54
N VAL A 556 -7.13 -43.33 34.09
CA VAL A 556 -7.44 -43.34 32.66
C VAL A 556 -7.74 -41.94 32.13
N ALA A 557 -7.09 -41.61 31.01
CA ALA A 557 -7.22 -40.29 30.39
C ALA A 557 -8.27 -40.25 29.28
N CYS A 558 -8.05 -40.96 28.17
CA CYS A 558 -8.97 -40.88 27.01
C CYS A 558 -9.02 -42.17 26.22
N LEU A 559 -10.21 -42.49 25.71
CA LEU A 559 -10.46 -43.80 25.08
C LEU A 559 -11.08 -43.70 23.68
N ASP A 560 -10.82 -44.71 22.86
CA ASP A 560 -11.52 -44.87 21.59
C ASP A 560 -11.33 -46.27 21.01
N ILE A 561 -12.29 -46.69 20.19
CA ILE A 561 -12.23 -47.96 19.44
C ILE A 561 -12.75 -47.86 17.98
N THR A 562 -13.57 -46.82 17.72
CA THR A 562 -14.29 -46.60 16.43
C THR A 562 -13.96 -47.57 15.25
N PRO A 563 -15.00 -48.21 14.70
CA PRO A 563 -14.95 -49.44 13.88
C PRO A 563 -13.84 -49.46 12.82
N LEU A 564 -12.61 -49.71 13.27
CA LEU A 564 -11.46 -49.80 12.36
C LEU A 564 -11.28 -51.22 11.81
N GLY A 565 -11.32 -51.34 10.48
CA GLY A 565 -11.26 -52.64 9.81
C GLY A 565 -12.63 -53.27 9.70
N ASP A 566 -13.52 -52.92 10.65
CA ASP A 566 -14.83 -53.52 10.78
C ASP A 566 -14.76 -55.06 10.82
N SER A 567 -14.68 -55.71 9.65
CA SER A 567 -14.67 -57.20 9.54
C SER A 567 -16.00 -57.85 10.00
N ASN A 568 -16.59 -57.31 11.05
CA ASN A 568 -17.92 -57.70 11.50
C ASN A 568 -18.69 -56.47 12.01
N GLY A 569 -17.95 -55.47 12.47
CA GLY A 569 -18.49 -54.36 13.23
C GLY A 569 -17.91 -54.41 14.62
N LEU A 570 -16.59 -54.53 14.73
CA LEU A 570 -15.93 -54.82 16.00
C LEU A 570 -14.52 -54.24 16.06
N SER A 571 -13.99 -54.16 17.26
CA SER A 571 -12.65 -53.68 17.49
C SER A 571 -11.75 -54.82 17.98
N PRO A 572 -10.49 -54.83 17.53
CA PRO A 572 -9.47 -55.66 18.14
C PRO A 572 -8.47 -54.86 19.00
N LEU A 573 -8.55 -53.53 18.98
CA LEU A 573 -7.60 -52.70 19.75
C LEU A 573 -8.31 -51.74 20.72
N CYS A 574 -7.52 -51.02 21.51
CA CYS A 574 -8.06 -49.95 22.33
C CYS A 574 -7.09 -48.78 22.40
N ALA A 575 -7.63 -47.59 22.16
CA ALA A 575 -6.82 -46.37 22.13
C ALA A 575 -6.98 -45.63 23.45
N ILE A 576 -5.91 -45.60 24.25
CA ILE A 576 -5.94 -44.90 25.51
C ILE A 576 -4.72 -44.03 25.75
N GLY A 577 -4.92 -43.00 26.56
CA GLY A 577 -3.81 -42.22 27.13
C GLY A 577 -3.87 -42.30 28.62
N LEU A 578 -2.83 -41.84 29.29
CA LEU A 578 -2.80 -41.84 30.75
C LEU A 578 -2.63 -40.44 31.30
N TRP A 579 -2.58 -40.32 32.61
CA TRP A 579 -2.05 -39.14 33.25
C TRP A 579 -0.73 -39.53 33.87
N THR A 580 -0.15 -38.59 34.64
CA THR A 580 1.02 -38.86 35.51
C THR A 580 2.31 -39.17 34.72
N ASP A 581 2.18 -39.91 33.62
CA ASP A 581 3.27 -40.08 32.66
C ASP A 581 3.00 -39.39 31.31
N ILE A 582 1.72 -39.17 30.98
CA ILE A 582 1.28 -38.70 29.65
C ILE A 582 1.74 -39.70 28.58
N SER A 583 0.97 -40.77 28.44
CA SER A 583 1.34 -41.86 27.56
C SER A 583 0.16 -42.42 26.76
N ALA A 584 0.29 -42.44 25.45
CA ALA A 584 -0.71 -43.05 24.59
C ALA A 584 -0.49 -44.56 24.52
N ARG A 585 -1.54 -45.32 24.78
CA ARG A 585 -1.42 -46.76 24.88
C ARG A 585 -2.44 -47.47 24.01
N ILE A 586 -1.93 -48.04 22.92
CA ILE A 586 -2.72 -48.95 22.11
C ILE A 586 -2.62 -50.37 22.69
N LEU A 587 -3.78 -50.97 22.97
CA LEU A 587 -3.83 -52.30 23.58
C LEU A 587 -4.62 -53.23 22.69
N LYS A 588 -4.21 -54.50 22.66
CA LYS A 588 -5.07 -55.55 22.11
C LYS A 588 -6.27 -55.71 23.02
N LEU A 589 -7.45 -55.87 22.42
CA LEU A 589 -8.72 -55.70 23.17
C LEU A 589 -9.00 -56.79 24.24
N PRO A 590 -9.36 -58.04 23.82
CA PRO A 590 -9.73 -59.06 24.85
C PRO A 590 -8.65 -59.27 25.93
N SER A 591 -7.40 -59.42 25.52
CA SER A 591 -6.28 -59.66 26.46
C SER A 591 -5.88 -58.40 27.27
N PHE A 592 -6.18 -57.22 26.73
CA PHE A 592 -5.73 -55.95 27.29
C PHE A 592 -4.24 -55.93 27.64
N GLU A 593 -3.42 -56.31 26.67
CA GLU A 593 -1.96 -56.21 26.82
C GLU A 593 -1.39 -55.01 26.04
N LEU A 594 -0.26 -54.51 26.52
CA LEU A 594 0.37 -53.31 25.96
C LEU A 594 1.30 -53.68 24.80
N LEU A 595 1.03 -53.11 23.63
CA LEU A 595 1.87 -53.32 22.45
C LEU A 595 2.83 -52.16 22.29
N HIS A 596 2.28 -50.96 22.29
CA HIS A 596 3.06 -49.74 22.23
C HIS A 596 2.59 -48.82 23.32
N LYS A 597 3.47 -48.56 24.29
CA LYS A 597 3.24 -47.49 25.24
C LYS A 597 3.96 -46.24 24.78
N GLU A 598 3.21 -45.35 24.16
CA GLU A 598 3.78 -44.17 23.58
C GLU A 598 4.03 -43.15 24.67
N MET A 599 5.09 -42.38 24.52
CA MET A 599 5.39 -41.31 25.45
C MET A 599 5.44 -39.98 24.72
N LEU A 600 4.63 -39.04 25.19
CA LEU A 600 4.50 -37.73 24.59
C LEU A 600 5.29 -36.69 25.36
N GLY A 601 5.66 -37.00 26.59
CA GLY A 601 6.41 -36.08 27.42
C GLY A 601 5.55 -34.97 27.97
N GLY A 602 6.19 -33.96 28.54
CA GLY A 602 5.50 -32.75 28.97
C GLY A 602 4.63 -32.93 30.21
N GLU A 603 4.34 -31.81 30.86
CA GLU A 603 3.39 -31.77 31.95
C GLU A 603 1.95 -31.59 31.44
N ILE A 604 1.80 -31.44 30.11
CA ILE A 604 0.51 -31.31 29.47
C ILE A 604 0.00 -32.69 29.19
N ILE A 605 -1.28 -32.92 29.50
CA ILE A 605 -1.84 -34.28 29.45
C ILE A 605 -2.87 -34.43 28.33
N PRO A 606 -3.01 -35.66 27.78
CA PRO A 606 -3.88 -35.96 26.66
C PRO A 606 -5.34 -35.69 26.92
N ARG A 607 -6.05 -35.23 25.90
CA ARG A 607 -7.43 -34.79 26.06
C ARG A 607 -8.38 -35.75 25.37
N SER A 608 -8.26 -35.83 24.06
CA SER A 608 -9.12 -36.72 23.28
C SER A 608 -8.31 -37.60 22.37
N ILE A 609 -8.89 -38.75 22.02
CA ILE A 609 -8.23 -39.70 21.14
C ILE A 609 -9.25 -40.38 20.22
N LEU A 610 -8.79 -40.72 19.01
CA LEU A 610 -9.65 -41.30 17.96
C LEU A 610 -8.85 -42.21 17.03
N MET A 611 -9.56 -43.13 16.37
CA MET A 611 -8.98 -43.99 15.35
C MET A 611 -9.85 -43.99 14.12
N THR A 612 -9.30 -43.57 12.99
CA THR A 612 -10.08 -43.48 11.74
C THR A 612 -9.21 -43.69 10.50
N THR A 613 -9.81 -44.32 9.49
CA THR A 613 -9.10 -44.63 8.26
C THR A 613 -9.25 -43.51 7.22
N PHE A 614 -8.11 -43.07 6.67
CA PHE A 614 -8.09 -42.08 5.57
C PHE A 614 -7.51 -42.70 4.32
N GLU A 615 -8.21 -42.46 3.20
CA GLU A 615 -7.87 -43.04 1.89
C GLU A 615 -7.84 -44.57 1.97
N SER A 616 -6.83 -45.07 2.67
CA SER A 616 -6.66 -46.48 2.95
C SER A 616 -5.96 -46.64 4.29
N SER A 617 -4.87 -45.88 4.46
CA SER A 617 -3.97 -46.05 5.60
C SER A 617 -4.68 -45.88 6.95
N HIS A 618 -4.09 -46.46 7.99
CA HIS A 618 -4.67 -46.43 9.32
C HIS A 618 -3.95 -45.41 10.16
N TYR A 619 -4.64 -44.33 10.46
CA TYR A 619 -4.04 -43.24 11.21
C TYR A 619 -4.55 -43.20 12.65
N LEU A 620 -3.78 -42.53 13.51
CA LEU A 620 -4.18 -42.22 14.86
C LEU A 620 -4.10 -40.71 15.07
N LEU A 621 -4.97 -40.21 15.95
CA LEU A 621 -5.01 -38.79 16.24
C LEU A 621 -5.23 -38.58 17.73
N CYS A 622 -4.21 -38.10 18.43
CA CYS A 622 -4.37 -37.75 19.83
C CYS A 622 -4.34 -36.25 20.05
N ALA A 623 -5.45 -35.70 20.52
CA ALA A 623 -5.53 -34.27 20.82
C ALA A 623 -5.22 -34.03 22.28
N LEU A 624 -4.22 -33.20 22.55
CA LEU A 624 -3.86 -32.87 23.92
C LEU A 624 -4.72 -31.74 24.47
N GLY A 625 -4.41 -31.37 25.71
CA GLY A 625 -5.12 -30.31 26.39
C GLY A 625 -4.78 -28.93 25.88
N ASP A 626 -3.65 -28.80 25.19
CA ASP A 626 -3.19 -27.50 24.71
C ASP A 626 -3.40 -27.31 23.20
N GLY A 627 -4.00 -28.29 22.56
CA GLY A 627 -4.16 -28.29 21.12
C GLY A 627 -3.21 -29.24 20.41
N ALA A 628 -1.91 -29.16 20.76
CA ALA A 628 -0.85 -29.91 20.06
C ALA A 628 -1.23 -31.36 19.80
N LEU A 629 -1.47 -31.68 18.54
CA LEU A 629 -2.03 -32.98 18.17
C LEU A 629 -0.97 -33.85 17.55
N PHE A 630 -0.98 -35.14 17.91
CA PHE A 630 -0.10 -36.14 17.34
C PHE A 630 -0.91 -37.00 16.39
N TYR A 631 -0.31 -37.32 15.24
CA TYR A 631 -0.92 -38.27 14.32
C TYR A 631 0.05 -39.35 13.89
N PHE A 632 -0.35 -40.60 14.13
CA PHE A 632 0.56 -41.75 14.00
C PHE A 632 0.23 -42.65 12.82
N GLY A 633 1.26 -43.33 12.31
CA GLY A 633 1.11 -44.41 11.36
C GLY A 633 0.91 -45.70 12.10
N LEU A 634 -0.10 -46.46 11.69
CA LEU A 634 -0.60 -47.59 12.48
C LEU A 634 -0.95 -48.78 11.60
N ASN A 635 -0.71 -49.99 12.12
CA ASN A 635 -1.23 -51.21 11.52
C ASN A 635 -1.98 -52.04 12.56
N ILE A 636 -3.14 -52.57 12.17
CA ILE A 636 -4.04 -53.21 13.12
C ILE A 636 -3.50 -54.57 13.64
N GLU A 637 -2.72 -55.26 12.80
CA GLU A 637 -2.07 -56.52 13.20
C GLU A 637 -1.02 -56.30 14.31
N THR A 638 -0.17 -55.29 14.12
CA THR A 638 0.88 -54.98 15.09
C THR A 638 0.35 -53.96 16.08
N GLY A 639 0.19 -52.71 15.64
CA GLY A 639 -0.19 -51.61 16.52
C GLY A 639 0.97 -50.69 16.84
N LEU A 640 2.19 -51.10 16.44
CA LEU A 640 3.38 -50.30 16.73
C LEU A 640 3.31 -48.98 15.95
N LEU A 641 3.45 -47.88 16.67
CA LEU A 641 3.20 -46.57 16.11
C LEU A 641 4.41 -46.05 15.34
N SER A 642 4.24 -45.85 14.04
CA SER A 642 5.33 -45.46 13.16
C SER A 642 5.09 -44.07 12.57
N ASP A 643 6.19 -43.30 12.44
CA ASP A 643 6.17 -41.90 11.96
C ASP A 643 5.23 -41.00 12.81
N ARG A 644 5.83 -39.99 13.43
CA ARG A 644 5.14 -39.17 14.42
C ARG A 644 5.30 -37.69 14.05
N LYS A 645 4.26 -36.91 14.30
CA LYS A 645 4.27 -35.47 13.99
C LYS A 645 3.48 -34.71 15.07
N LYS A 646 3.34 -33.38 14.94
CA LYS A 646 2.81 -32.57 16.04
C LYS A 646 2.25 -31.22 15.53
N VAL A 647 0.98 -31.22 15.15
CA VAL A 647 0.38 -30.09 14.42
C VAL A 647 -0.55 -29.27 15.32
N THR A 648 0.05 -28.34 16.07
CA THR A 648 -0.69 -27.54 17.03
C THR A 648 -1.82 -26.72 16.38
N LEU A 649 -3.05 -27.18 16.56
CA LEU A 649 -4.22 -26.64 15.86
C LEU A 649 -5.16 -25.92 16.83
N GLY A 650 -4.59 -25.18 17.77
CA GLY A 650 -5.38 -24.54 18.82
C GLY A 650 -4.55 -24.29 20.04
N THR A 651 -5.21 -23.85 21.09
CA THR A 651 -4.57 -23.66 22.39
C THR A 651 -5.39 -24.20 23.57
N GLN A 652 -6.72 -24.19 23.49
CA GLN A 652 -7.54 -24.81 24.55
C GLN A 652 -7.72 -26.29 24.21
N PRO A 653 -8.12 -27.11 25.21
CA PRO A 653 -8.22 -28.55 25.00
C PRO A 653 -8.97 -28.90 23.74
N THR A 654 -8.48 -29.92 23.04
CA THR A 654 -8.96 -30.25 21.71
C THR A 654 -9.63 -31.61 21.67
N VAL A 655 -10.96 -31.58 21.69
CA VAL A 655 -11.77 -32.80 21.58
C VAL A 655 -12.13 -33.07 20.10
N LEU A 656 -11.88 -34.29 19.65
CA LEU A 656 -12.06 -34.65 18.21
C LEU A 656 -13.41 -35.34 17.95
N ARG A 657 -13.84 -35.33 16.70
CA ARG A 657 -15.10 -35.99 16.31
C ARG A 657 -15.07 -36.33 14.82
N THR A 658 -15.28 -37.60 14.52
CA THR A 658 -15.45 -38.05 13.14
C THR A 658 -16.78 -37.56 12.57
N PHE A 659 -16.76 -37.16 11.31
CA PHE A 659 -18.00 -36.85 10.60
C PHE A 659 -17.90 -37.19 9.12
N ARG A 660 -18.93 -37.89 8.64
CA ARG A 660 -18.94 -38.45 7.30
C ARG A 660 -19.24 -37.36 6.25
N SER A 661 -18.18 -36.78 5.70
CA SER A 661 -18.32 -35.70 4.70
C SER A 661 -18.42 -36.32 3.31
N LEU A 662 -19.65 -36.64 2.91
CA LEU A 662 -19.96 -37.30 1.62
C LEU A 662 -19.23 -38.67 1.46
N SER A 663 -18.18 -38.71 0.63
CA SER A 663 -17.57 -39.97 0.22
C SER A 663 -16.63 -40.51 1.29
N THR A 664 -16.00 -39.60 2.04
CA THR A 664 -15.12 -40.00 3.15
C THR A 664 -15.56 -39.34 4.45
N THR A 665 -14.92 -39.75 5.53
CA THR A 665 -15.16 -39.18 6.83
C THR A 665 -14.08 -38.17 7.14
N ASN A 666 -14.48 -37.07 7.78
CA ASN A 666 -13.54 -36.06 8.23
C ASN A 666 -13.57 -35.94 9.76
N VAL A 667 -12.59 -35.25 10.31
CA VAL A 667 -12.48 -35.07 11.74
C VAL A 667 -12.64 -33.60 12.13
N PHE A 668 -13.67 -33.29 12.91
CA PHE A 668 -13.83 -31.95 13.41
C PHE A 668 -13.23 -31.84 14.77
N ALA A 669 -12.02 -31.27 14.82
CA ALA A 669 -11.36 -30.94 16.09
C ALA A 669 -12.11 -29.81 16.78
N CYS A 670 -11.89 -29.65 18.08
CA CYS A 670 -12.56 -28.59 18.80
C CYS A 670 -11.60 -27.87 19.74
N SER A 671 -11.20 -26.67 19.35
CA SER A 671 -10.43 -25.76 20.21
C SER A 671 -10.89 -24.32 19.98
N ASP A 672 -10.06 -23.37 20.36
CA ASP A 672 -10.32 -21.97 20.06
C ASP A 672 -9.95 -21.67 18.61
N ARG A 673 -8.99 -22.42 18.08
CA ARG A 673 -8.69 -22.37 16.65
C ARG A 673 -9.24 -23.64 15.98
N PRO A 674 -10.57 -23.68 15.78
CA PRO A 674 -11.23 -24.87 15.30
C PRO A 674 -10.68 -25.31 13.97
N THR A 675 -10.76 -26.62 13.71
CA THR A 675 -10.20 -27.19 12.49
C THR A 675 -11.05 -28.31 12.00
N VAL A 676 -10.99 -28.55 10.71
CA VAL A 676 -11.49 -29.79 10.12
C VAL A 676 -10.31 -30.53 9.54
N ILE A 677 -10.35 -31.86 9.64
CA ILE A 677 -9.28 -32.69 9.11
C ILE A 677 -9.82 -33.83 8.25
N TYR A 678 -9.31 -33.87 7.04
CA TYR A 678 -9.55 -34.96 6.12
C TYR A 678 -8.25 -35.22 5.39
N SER A 679 -8.21 -36.26 4.58
CA SER A 679 -7.07 -36.47 3.71
C SER A 679 -7.46 -36.48 2.26
N SER A 680 -6.51 -36.09 1.44
CA SER A 680 -6.59 -36.33 0.03
C SER A 680 -5.20 -36.69 -0.44
N ASN A 681 -5.12 -37.80 -1.18
CA ASN A 681 -3.86 -38.30 -1.77
C ASN A 681 -2.80 -38.57 -0.71
N HIS A 682 -3.07 -39.57 0.14
CA HIS A 682 -2.06 -40.18 1.04
C HIS A 682 -1.22 -39.23 1.92
N LYS A 683 -1.65 -37.97 2.03
CA LYS A 683 -1.03 -37.01 2.94
C LYS A 683 -2.11 -36.12 3.52
N LEU A 684 -1.89 -35.66 4.75
CA LEU A 684 -2.95 -35.07 5.54
C LEU A 684 -3.20 -33.60 5.23
N VAL A 685 -4.46 -33.20 5.41
CA VAL A 685 -4.91 -31.84 5.18
C VAL A 685 -5.50 -31.30 6.47
N PHE A 686 -5.24 -30.03 6.76
CA PHE A 686 -5.68 -29.42 8.00
C PHE A 686 -6.48 -28.13 7.74
N SER A 687 -7.73 -28.30 7.34
CA SER A 687 -8.56 -27.17 6.90
C SER A 687 -9.10 -26.40 8.08
N ASN A 688 -8.81 -25.09 8.10
CA ASN A 688 -9.26 -24.22 9.17
C ASN A 688 -10.76 -23.97 9.03
N VAL A 689 -11.41 -23.67 10.16
CA VAL A 689 -12.81 -23.34 10.19
C VAL A 689 -12.92 -21.92 10.66
N ASN A 690 -13.80 -21.15 10.02
CA ASN A 690 -13.95 -19.72 10.33
C ASN A 690 -14.99 -19.50 11.41
N LEU A 691 -14.64 -19.93 12.64
CA LEU A 691 -15.46 -19.70 13.83
C LEU A 691 -14.53 -19.39 15.03
N LYS A 692 -14.95 -18.45 15.89
CA LYS A 692 -14.17 -18.00 17.07
C LYS A 692 -13.79 -19.14 18.00
N GLU A 693 -14.75 -20.01 18.35
CA GLU A 693 -14.44 -21.26 19.09
C GLU A 693 -15.60 -22.23 18.99
N VAL A 694 -15.28 -23.50 18.76
CA VAL A 694 -16.26 -24.57 18.82
C VAL A 694 -15.83 -25.59 19.86
N ASN A 695 -16.71 -25.81 20.85
CA ASN A 695 -16.44 -26.73 21.97
C ASN A 695 -16.62 -28.19 21.56
N TYR A 696 -17.81 -28.52 21.08
CA TYR A 696 -18.14 -29.89 20.71
C TYR A 696 -18.95 -29.92 19.41
N MET A 697 -19.03 -31.12 18.82
CA MET A 697 -19.57 -31.28 17.49
C MET A 697 -19.94 -32.72 17.24
N CYS A 698 -21.00 -32.93 16.45
CA CYS A 698 -21.36 -34.27 16.01
C CYS A 698 -22.14 -34.23 14.69
N PRO A 699 -21.78 -35.10 13.74
CA PRO A 699 -22.37 -35.12 12.39
C PRO A 699 -23.84 -35.49 12.37
N LEU A 700 -24.71 -34.53 12.11
CA LEU A 700 -26.16 -34.79 12.10
C LEU A 700 -26.77 -34.69 10.70
N ASN A 701 -27.48 -35.74 10.29
CA ASN A 701 -28.17 -35.76 8.99
C ASN A 701 -29.69 -35.95 9.14
N SER A 702 -30.35 -34.90 9.60
CA SER A 702 -31.81 -34.91 9.71
C SER A 702 -32.44 -34.73 8.31
N ASP A 703 -33.69 -34.27 8.26
CA ASP A 703 -34.35 -34.01 6.98
C ASP A 703 -34.61 -32.53 6.74
N GLY A 704 -34.88 -31.79 7.82
CA GLY A 704 -34.82 -30.35 7.79
C GLY A 704 -33.40 -29.88 7.62
N TYR A 705 -32.46 -30.69 8.12
CA TYR A 705 -31.04 -30.44 7.93
C TYR A 705 -30.35 -31.76 7.55
N PRO A 706 -30.48 -32.17 6.27
CA PRO A 706 -29.77 -33.36 5.80
C PRO A 706 -28.27 -33.13 5.73
N ASP A 707 -27.50 -34.18 6.01
CA ASP A 707 -26.05 -34.08 6.35
C ASP A 707 -25.55 -32.66 6.70
N SER A 708 -25.81 -32.26 7.93
CA SER A 708 -25.44 -30.95 8.46
C SER A 708 -24.52 -31.11 9.68
N LEU A 709 -24.40 -30.06 10.49
CA LEU A 709 -23.53 -30.07 11.66
C LEU A 709 -24.27 -29.60 12.92
N ALA A 710 -23.87 -30.14 14.06
CA ALA A 710 -24.36 -29.68 15.34
C ALA A 710 -23.17 -29.21 16.14
N LEU A 711 -23.12 -27.91 16.40
CA LEU A 711 -21.93 -27.27 16.97
C LEU A 711 -22.32 -26.44 18.19
N ALA A 712 -21.42 -26.36 19.17
CA ALA A 712 -21.69 -25.60 20.40
C ALA A 712 -20.45 -24.88 20.91
N ASN A 713 -20.69 -23.72 21.49
CA ASN A 713 -19.66 -22.92 22.09
C ASN A 713 -20.16 -22.58 23.50
N ASN A 714 -19.50 -21.65 24.18
CA ASN A 714 -19.82 -21.32 25.58
C ASN A 714 -21.25 -20.75 25.76
N SER A 715 -21.79 -20.12 24.72
CA SER A 715 -23.06 -19.40 24.83
C SER A 715 -24.18 -20.07 24.07
N THR A 716 -23.92 -20.42 22.82
CA THR A 716 -25.00 -20.90 21.93
C THR A 716 -24.72 -22.28 21.32
N LEU A 717 -25.78 -22.87 20.75
CA LEU A 717 -25.70 -24.11 19.97
C LEU A 717 -26.08 -23.80 18.51
N THR A 718 -25.18 -24.12 17.58
CA THR A 718 -25.39 -23.77 16.17
C THR A 718 -25.53 -25.00 15.26
N ILE A 719 -26.39 -24.89 14.25
CA ILE A 719 -26.53 -25.91 13.22
C ILE A 719 -26.23 -25.31 11.86
N GLY A 720 -25.34 -25.95 11.10
CA GLY A 720 -24.99 -25.45 9.79
C GLY A 720 -24.52 -26.50 8.80
N THR A 721 -24.02 -26.03 7.65
CA THR A 721 -23.42 -26.89 6.65
C THR A 721 -22.10 -26.30 6.20
N ILE A 722 -21.22 -27.17 5.69
CA ILE A 722 -19.92 -26.74 5.17
C ILE A 722 -20.08 -25.73 4.05
N ASP A 723 -19.27 -24.67 4.10
CA ASP A 723 -19.29 -23.66 3.08
C ASP A 723 -18.26 -24.03 2.02
N GLU A 724 -18.71 -24.54 0.88
CA GLU A 724 -17.78 -25.00 -0.16
C GLU A 724 -16.97 -23.86 -0.74
N ILE A 725 -17.41 -22.62 -0.50
CA ILE A 725 -16.64 -21.43 -0.86
C ILE A 725 -15.65 -21.06 0.26
N GLN A 726 -14.38 -21.11 -0.06
CA GLN A 726 -13.32 -20.97 0.92
C GLN A 726 -12.84 -19.52 1.02
N LYS A 727 -13.29 -18.82 2.06
CA LYS A 727 -12.91 -17.43 2.29
C LYS A 727 -11.66 -17.30 3.18
N LEU A 728 -11.33 -16.08 3.57
CA LEU A 728 -10.16 -15.80 4.40
C LEU A 728 -10.52 -15.70 5.89
N HIS A 729 -9.57 -16.08 6.72
CA HIS A 729 -9.67 -15.94 8.13
C HIS A 729 -8.52 -15.04 8.60
N ILE A 730 -8.85 -14.11 9.48
CA ILE A 730 -7.88 -13.18 10.02
C ILE A 730 -7.96 -13.17 11.56
N ARG A 731 -6.80 -13.20 12.20
CA ARG A 731 -6.71 -13.19 13.63
C ARG A 731 -5.73 -12.12 14.10
N THR A 732 -6.28 -10.93 14.40
CA THR A 732 -5.53 -9.81 14.99
C THR A 732 -4.84 -10.15 16.35
N VAL A 733 -3.68 -9.60 16.59
CA VAL A 733 -2.91 -9.91 17.81
C VAL A 733 -2.26 -8.63 18.36
N PRO A 734 -3.09 -7.74 18.93
CA PRO A 734 -2.72 -6.35 19.22
C PRO A 734 -1.32 -6.18 19.82
N LEU A 735 -0.59 -5.11 19.41
CA LEU A 735 0.78 -4.84 19.96
C LEU A 735 0.98 -3.48 20.66
N TYR A 736 0.11 -2.49 20.39
CA TYR A 736 0.22 -1.13 21.03
C TYR A 736 1.58 -0.44 20.80
N GLU A 737 2.22 -0.80 19.69
CA GLU A 737 3.43 -0.15 19.25
C GLU A 737 3.66 -0.50 17.76
N SER A 738 4.78 -0.06 17.19
CA SER A 738 5.04 -0.25 15.77
C SER A 738 5.77 -1.59 15.49
N PRO A 739 5.12 -2.50 14.74
CA PRO A 739 5.78 -3.65 14.11
C PRO A 739 6.49 -3.21 12.82
N ARG A 740 7.67 -3.77 12.57
CA ARG A 740 8.54 -3.29 11.47
C ARG A 740 8.97 -4.41 10.52
N LYS A 741 9.45 -5.51 11.09
CA LYS A 741 9.88 -6.66 10.29
C LYS A 741 9.38 -7.95 10.92
N ILE A 742 9.34 -9.02 10.12
CA ILE A 742 8.88 -10.32 10.60
C ILE A 742 9.43 -11.48 9.77
N CYS A 743 10.22 -12.35 10.43
CA CYS A 743 10.64 -13.59 9.81
C CYS A 743 10.55 -14.76 10.77
N TYR A 744 10.28 -15.93 10.20
CA TYR A 744 9.95 -17.11 10.97
C TYR A 744 11.15 -18.06 11.07
N GLN A 745 11.38 -18.54 12.29
CA GLN A 745 12.40 -19.54 12.57
C GLN A 745 11.72 -20.86 12.84
N GLU A 746 12.03 -21.88 12.06
CA GLU A 746 11.29 -23.14 12.17
C GLU A 746 11.73 -23.94 13.37
N VAL A 747 13.02 -23.99 13.62
CA VAL A 747 13.54 -24.80 14.75
C VAL A 747 13.16 -24.20 16.12
N SER A 748 13.16 -22.89 16.23
CA SER A 748 12.70 -22.23 17.45
C SER A 748 11.18 -22.10 17.46
N GLN A 749 10.53 -22.45 16.36
CA GLN A 749 9.07 -22.58 16.31
C GLN A 749 8.40 -21.29 16.69
N CYS A 750 8.94 -20.16 16.20
CA CYS A 750 8.48 -18.84 16.66
C CYS A 750 8.90 -17.70 15.67
N PHE A 751 8.61 -16.45 16.06
CA PHE A 751 8.82 -15.28 15.19
C PHE A 751 9.83 -14.32 15.79
N GLY A 752 10.67 -13.75 14.92
CA GLY A 752 11.39 -12.53 15.23
C GLY A 752 10.59 -11.32 14.75
N VAL A 753 10.35 -10.35 15.63
CA VAL A 753 9.59 -9.17 15.27
C VAL A 753 10.30 -7.89 15.72
N LEU A 754 10.48 -6.95 14.80
CA LEU A 754 11.16 -5.72 15.10
C LEU A 754 10.15 -4.65 15.51
N SER A 755 10.30 -4.13 16.73
CA SER A 755 9.34 -3.20 17.28
C SER A 755 9.96 -1.83 17.53
N SER A 756 9.10 -0.85 17.82
CA SER A 756 9.51 0.52 17.90
C SER A 756 8.44 1.29 18.65
N ARG A 757 8.64 1.45 19.94
CA ARG A 757 7.71 2.20 20.73
C ARG A 757 8.24 3.58 20.91
N ILE A 758 7.35 4.55 20.91
CA ILE A 758 7.70 5.92 21.20
C ILE A 758 7.84 6.09 22.72
N GLU A 759 8.73 6.99 23.14
CA GLU A 759 8.82 7.42 24.57
C GLU A 759 9.21 8.88 24.64
N VAL A 760 8.43 9.69 25.36
CA VAL A 760 8.81 11.10 25.55
C VAL A 760 9.87 11.31 26.67
N GLN A 761 10.74 12.31 26.47
CA GLN A 761 11.78 12.61 27.43
C GLN A 761 11.19 13.12 28.73
N GLY A 766 15.79 10.25 32.47
CA GLY A 766 15.33 8.99 31.87
C GLY A 766 13.88 9.06 31.42
N THR A 767 13.59 8.48 30.26
CA THR A 767 12.26 8.56 29.62
C THR A 767 11.27 7.55 30.21
N THR A 768 10.01 7.69 29.78
CA THR A 768 8.92 6.84 30.24
C THR A 768 7.85 6.73 29.13
N ALA A 769 7.57 5.51 28.68
CA ALA A 769 6.58 5.31 27.60
C ALA A 769 5.18 5.76 27.99
N LEU A 770 4.40 6.12 26.98
CA LEU A 770 3.07 6.68 27.18
C LEU A 770 2.10 5.57 27.59
N ARG A 771 2.00 4.54 26.76
CA ARG A 771 1.16 3.36 27.06
C ARG A 771 2.06 2.12 27.03
N PRO A 772 1.84 1.16 27.93
CA PRO A 772 2.73 -0.02 27.92
C PRO A 772 2.46 -0.95 26.75
N SER A 773 3.51 -1.32 26.04
CA SER A 773 3.34 -2.13 24.85
C SER A 773 3.87 -3.50 25.07
N ALA A 774 3.68 -4.34 24.06
CA ALA A 774 4.13 -5.72 24.03
C ALA A 774 5.60 -5.94 24.36
N SER A 775 6.41 -4.87 24.35
CA SER A 775 7.85 -5.00 24.61
C SER A 775 8.16 -4.74 26.08
N THR A 776 7.17 -4.26 26.82
CA THR A 776 7.28 -4.09 28.26
C THR A 776 6.79 -5.35 28.97
N GLN A 777 5.66 -5.90 28.49
CA GLN A 777 5.02 -7.10 29.10
C GLN A 777 5.59 -8.42 28.55
N ALA A 778 6.90 -8.52 28.43
CA ALA A 778 7.52 -9.79 28.04
C ALA A 778 7.64 -10.62 29.27
N LEU A 779 7.99 -11.90 29.11
CA LEU A 779 8.31 -12.75 30.25
C LEU A 779 9.72 -12.46 30.68
N SER A 780 10.68 -12.76 29.82
CA SER A 780 12.08 -12.41 30.07
C SER A 780 12.48 -11.30 29.14
N SER A 781 13.36 -10.42 29.62
CA SER A 781 13.78 -9.26 28.84
C SER A 781 15.31 -9.23 28.66
N SER A 782 15.79 -8.20 27.97
CA SER A 782 17.22 -7.88 27.95
C SER A 782 17.41 -6.48 27.37
N VAL A 783 18.54 -5.87 27.69
CA VAL A 783 18.92 -4.59 27.08
C VAL A 783 20.31 -4.72 26.52
N SER A 784 20.47 -4.46 25.22
CA SER A 784 21.74 -4.63 24.55
C SER A 784 22.87 -3.94 25.31
N SER A 785 24.02 -4.60 25.35
CA SER A 785 25.12 -4.19 26.23
C SER A 785 26.13 -3.31 25.51
N SER A 786 26.22 -3.44 24.18
CA SER A 786 27.38 -2.96 23.38
C SER A 786 27.88 -1.54 23.74
N LYS A 787 29.19 -1.37 23.66
CA LYS A 787 29.85 -0.09 23.99
C LYS A 787 30.59 0.47 22.78
N LEU A 788 30.29 -0.05 21.59
CA LEU A 788 31.07 0.26 20.38
C LEU A 788 30.81 1.67 19.85
N PHE A 789 29.58 2.17 20.06
CA PHE A 789 29.19 3.50 19.57
C PHE A 789 29.37 4.57 20.64
N SER A 790 30.63 4.90 20.89
CA SER A 790 31.00 6.07 21.69
C SER A 790 32.41 6.50 21.32
N GLU A 802 11.31 16.38 21.89
CA GLU A 802 11.89 15.50 22.91
C GLU A 802 11.10 14.18 23.06
N GLU A 803 10.99 13.43 21.95
CA GLU A 803 10.37 12.12 22.01
C GLU A 803 11.05 11.08 21.07
N VAL A 804 11.62 10.05 21.68
CA VAL A 804 12.57 9.15 21.01
C VAL A 804 11.95 7.78 20.72
N GLU A 805 12.43 7.11 19.68
CA GLU A 805 11.97 5.74 19.36
C GLU A 805 12.84 4.66 20.01
N VAL A 806 12.19 3.72 20.71
CA VAL A 806 12.90 2.57 21.34
C VAL A 806 12.64 1.25 20.61
N HIS A 807 13.70 0.62 20.15
CA HIS A 807 13.58 -0.58 19.32
C HIS A 807 13.89 -1.87 20.07
N ASN A 808 12.95 -2.81 19.96
CA ASN A 808 13.07 -4.13 20.57
C ASN A 808 12.94 -5.25 19.53
N LEU A 809 13.68 -6.33 19.75
CA LEU A 809 13.50 -7.55 19.00
C LEU A 809 12.58 -8.44 19.82
N LEU A 810 11.50 -8.90 19.21
CA LEU A 810 10.49 -9.65 19.92
C LEU A 810 10.46 -11.12 19.48
N ILE A 811 10.75 -12.01 20.42
CA ILE A 811 10.57 -13.42 20.18
C ILE A 811 9.13 -13.76 20.48
N ILE A 812 8.40 -14.11 19.44
CA ILE A 812 7.01 -14.38 19.58
C ILE A 812 6.75 -15.82 19.20
N ASP A 813 6.20 -16.58 20.17
CA ASP A 813 5.86 -17.99 19.96
C ASP A 813 4.90 -18.06 18.80
N GLN A 814 5.05 -19.09 17.97
CA GLN A 814 4.21 -19.22 16.81
C GLN A 814 2.75 -19.65 17.18
N HIS A 815 2.55 -20.18 18.38
CA HIS A 815 1.23 -20.70 18.76
C HIS A 815 0.52 -19.84 19.78
N THR A 816 1.09 -19.71 20.98
CA THR A 816 0.52 -18.84 22.00
C THR A 816 0.43 -17.40 21.50
N PHE A 817 1.36 -17.01 20.62
CA PHE A 817 1.51 -15.61 20.14
C PHE A 817 1.90 -14.65 21.26
N GLU A 818 2.57 -15.16 22.28
CA GLU A 818 3.00 -14.33 23.38
C GLU A 818 4.46 -13.95 23.19
N VAL A 819 4.89 -12.94 23.92
CA VAL A 819 6.24 -12.44 23.75
C VAL A 819 7.15 -13.13 24.73
N LEU A 820 7.88 -14.11 24.23
CA LEU A 820 8.78 -14.89 25.08
C LEU A 820 9.97 -14.04 25.53
N HIS A 821 10.60 -13.32 24.57
CA HIS A 821 11.71 -12.43 24.88
C HIS A 821 11.58 -11.09 24.17
N ALA A 822 11.94 -10.02 24.89
CA ALA A 822 12.07 -8.69 24.31
C ALA A 822 13.47 -8.18 24.55
N HIS A 823 14.14 -7.77 23.47
CA HIS A 823 15.49 -7.17 23.56
C HIS A 823 15.39 -5.70 23.27
N GLN A 824 15.87 -4.88 24.21
CA GLN A 824 15.98 -3.45 24.00
C GLN A 824 17.34 -3.13 23.40
N PHE A 825 17.33 -2.49 22.25
CA PHE A 825 18.57 -2.08 21.58
C PHE A 825 19.15 -0.83 22.22
N LEU A 826 20.32 -0.43 21.72
CA LEU A 826 21.05 0.70 22.31
C LEU A 826 20.24 2.00 22.24
N GLN A 827 20.80 3.07 22.80
CA GLN A 827 20.18 4.38 22.74
C GLN A 827 20.16 4.91 21.32
N ASN A 828 18.95 5.07 20.79
CA ASN A 828 18.72 5.56 19.42
C ASN A 828 19.17 4.55 18.36
N GLU A 829 19.05 3.27 18.65
CA GLU A 829 19.32 2.27 17.66
C GLU A 829 18.06 1.86 16.91
N TYR A 830 18.20 1.66 15.61
CA TYR A 830 17.04 1.50 14.76
C TYR A 830 17.07 0.16 14.00
N ALA A 831 16.29 -0.79 14.49
CA ALA A 831 16.11 -2.05 13.80
C ALA A 831 15.47 -1.79 12.45
N LEU A 832 16.19 -2.12 11.40
CA LEU A 832 15.72 -1.89 10.05
C LEU A 832 15.70 -3.18 9.20
N SER A 833 16.49 -4.18 9.59
CA SER A 833 16.59 -5.45 8.86
C SER A 833 16.53 -6.60 9.82
N LEU A 834 16.03 -7.74 9.33
CA LEU A 834 15.85 -8.89 10.19
C LEU A 834 16.06 -10.19 9.45
N VAL A 835 16.65 -11.17 10.13
CA VAL A 835 17.04 -12.42 9.48
C VAL A 835 16.79 -13.64 10.36
N SER A 836 16.17 -14.65 9.75
CA SER A 836 16.07 -15.97 10.35
C SER A 836 16.72 -16.94 9.42
N CYS A 837 17.89 -17.42 9.78
CA CYS A 837 18.61 -18.41 8.99
C CYS A 837 19.90 -18.85 9.68
N LYS A 838 20.52 -19.87 9.13
CA LYS A 838 21.81 -20.35 9.62
C LYS A 838 22.92 -19.98 8.64
N LEU A 839 24.07 -19.60 9.19
CA LEU A 839 25.18 -19.06 8.42
C LEU A 839 26.43 -19.91 8.62
N GLY A 840 27.28 -19.91 7.60
CA GLY A 840 28.54 -20.66 7.64
C GLY A 840 28.32 -22.16 7.67
N LYS A 841 29.30 -22.88 8.18
CA LYS A 841 29.15 -24.29 8.47
C LYS A 841 28.45 -24.48 9.83
N ASP A 842 28.68 -23.53 10.74
CA ASP A 842 27.93 -23.44 11.98
C ASP A 842 26.42 -23.58 11.74
N PRO A 843 25.84 -24.75 12.09
CA PRO A 843 24.46 -25.01 11.75
C PRO A 843 23.44 -24.47 12.76
N ASN A 844 23.87 -23.55 13.63
CA ASN A 844 22.96 -22.86 14.54
C ASN A 844 22.17 -21.76 13.82
N THR A 845 20.86 -21.75 14.05
CA THR A 845 20.00 -20.75 13.50
C THR A 845 20.14 -19.44 14.31
N TYR A 846 20.01 -18.30 13.62
CA TYR A 846 20.24 -17.01 14.24
C TYR A 846 19.19 -15.97 13.86
N PHE A 847 18.87 -15.10 14.80
CA PHE A 847 18.11 -13.92 14.47
C PHE A 847 19.08 -12.76 14.34
N ILE A 848 19.23 -12.27 13.11
CA ILE A 848 20.23 -11.24 12.82
C ILE A 848 19.57 -9.93 12.41
N VAL A 849 20.06 -8.83 12.99
CA VAL A 849 19.44 -7.53 12.87
C VAL A 849 20.47 -6.49 12.44
N GLY A 850 20.08 -5.63 11.51
CA GLY A 850 20.94 -4.54 11.07
C GLY A 850 20.32 -3.24 11.47
N THR A 851 21.10 -2.43 12.18
CA THR A 851 20.58 -1.26 12.87
C THR A 851 21.49 -0.08 12.67
N ALA A 852 20.96 1.11 12.93
CA ALA A 852 21.72 2.34 12.80
C ALA A 852 21.67 3.19 14.07
N MET A 853 22.48 4.26 14.07
CA MET A 853 22.56 5.19 15.20
C MET A 853 22.00 6.56 14.83
N VAL A 854 20.93 6.94 15.52
CA VAL A 854 20.11 8.08 15.11
C VAL A 854 20.33 9.26 16.05
N TYR A 855 20.93 10.32 15.50
CA TYR A 855 21.16 11.55 16.24
C TYR A 855 20.62 12.74 15.44
N PRO A 856 19.82 13.61 16.10
CA PRO A 856 19.21 14.84 15.54
C PRO A 856 20.04 15.58 14.49
N GLU A 857 21.34 15.71 14.72
CA GLU A 857 22.21 16.56 13.89
C GLU A 857 22.22 16.04 12.46
N GLU A 858 22.57 14.78 12.32
CA GLU A 858 22.67 14.15 11.04
C GLU A 858 21.32 13.66 10.58
N ALA A 859 21.04 13.81 9.30
CA ALA A 859 19.84 13.26 8.70
C ALA A 859 20.21 12.09 7.78
N GLU A 860 21.44 11.59 7.93
CA GLU A 860 21.78 10.28 7.41
C GLU A 860 22.76 9.60 8.37
N PRO A 861 22.53 8.31 8.66
CA PRO A 861 23.36 7.61 9.64
C PRO A 861 24.74 7.32 9.10
N LYS A 862 25.75 7.62 9.91
CA LYS A 862 27.15 7.27 9.59
C LYS A 862 27.61 6.10 10.45
N GLN A 863 26.67 5.54 11.23
CA GLN A 863 26.97 4.50 12.21
C GLN A 863 25.81 3.50 12.30
N GLY A 864 26.17 2.23 12.36
CA GLY A 864 25.19 1.17 12.58
C GLY A 864 25.85 -0.16 12.86
N ARG A 865 25.07 -1.16 13.27
CA ARG A 865 25.65 -2.48 13.51
C ARG A 865 24.78 -3.64 13.09
N ILE A 866 25.46 -4.77 12.87
CA ILE A 866 24.82 -6.03 12.56
C ILE A 866 25.04 -6.98 13.72
N VAL A 867 23.96 -7.38 14.37
CA VAL A 867 24.07 -8.27 15.53
C VAL A 867 23.50 -9.62 15.22
N VAL A 868 24.13 -10.65 15.77
CA VAL A 868 23.70 -12.03 15.58
C VAL A 868 23.17 -12.52 16.92
N PHE A 869 21.88 -12.87 16.92
CA PHE A 869 21.22 -13.36 18.12
C PHE A 869 20.94 -14.83 17.97
N GLN A 870 20.67 -15.47 19.10
CA GLN A 870 20.25 -16.87 19.12
C GLN A 870 19.24 -17.12 20.23
N TYR A 871 18.04 -17.57 19.85
CA TYR A 871 17.06 -18.03 20.81
C TYR A 871 16.91 -19.53 20.71
N SER A 872 17.43 -20.23 21.71
CA SER A 872 17.03 -21.59 22.00
C SER A 872 17.23 -21.83 23.49
N ASP A 873 16.57 -22.89 23.98
CA ASP A 873 16.46 -23.19 25.41
C ASP A 873 15.83 -22.03 26.18
N GLY A 874 14.86 -21.37 25.55
CA GLY A 874 14.05 -20.35 26.24
C GLY A 874 14.75 -19.02 26.50
N LYS A 875 16.01 -18.90 26.13
CA LYS A 875 16.79 -17.71 26.44
C LYS A 875 17.51 -17.12 25.23
N LEU A 876 17.53 -15.79 25.17
CA LEU A 876 18.03 -15.07 24.02
C LEU A 876 19.55 -14.83 24.11
N GLN A 877 20.31 -15.71 23.47
CA GLN A 877 21.76 -15.56 23.40
C GLN A 877 22.16 -14.50 22.39
N THR A 878 23.30 -13.87 22.64
CA THR A 878 23.91 -12.95 21.66
C THR A 878 25.22 -13.54 21.17
N VAL A 879 25.38 -13.60 19.85
CA VAL A 879 26.42 -14.41 19.23
C VAL A 879 27.59 -13.53 18.83
N ALA A 880 27.33 -12.48 18.03
CA ALA A 880 28.40 -11.65 17.47
C ALA A 880 27.95 -10.22 17.15
N GLU A 881 28.94 -9.32 17.08
CA GLU A 881 28.72 -7.93 16.67
C GLU A 881 29.40 -7.64 15.35
N LYS A 882 29.18 -6.43 14.84
CA LYS A 882 29.90 -5.87 13.65
C LYS A 882 29.53 -4.39 13.45
N GLU A 883 30.54 -3.53 13.49
CA GLU A 883 30.33 -2.08 13.32
C GLU A 883 30.51 -1.70 11.86
N VAL A 884 29.57 -0.88 11.35
CA VAL A 884 29.64 -0.37 9.98
C VAL A 884 29.26 1.10 9.95
N LYS A 885 29.56 1.75 8.82
CA LYS A 885 29.57 3.20 8.73
C LYS A 885 28.20 3.76 8.28
N GLY A 886 27.11 3.07 8.63
CA GLY A 886 25.79 3.55 8.27
C GLY A 886 24.70 2.55 8.50
N ALA A 887 23.47 2.94 8.16
CA ALA A 887 22.31 2.09 8.37
C ALA A 887 22.32 0.90 7.43
N VAL A 888 21.89 -0.26 7.95
CA VAL A 888 21.64 -1.42 7.13
C VAL A 888 20.15 -1.47 6.79
N TYR A 889 19.83 -1.40 5.51
CA TYR A 889 18.42 -1.35 5.08
C TYR A 889 17.91 -2.70 4.62
N SER A 890 18.82 -3.67 4.45
CA SER A 890 18.42 -4.96 3.91
C SER A 890 19.39 -6.06 4.30
N MET A 891 18.84 -7.22 4.67
CA MET A 891 19.63 -8.40 4.91
C MET A 891 18.93 -9.66 4.41
N VAL A 892 19.68 -10.46 3.66
CA VAL A 892 19.19 -11.73 3.19
C VAL A 892 20.33 -12.72 3.02
N GLU A 893 20.06 -13.96 3.41
CA GLU A 893 21.00 -15.09 3.24
C GLU A 893 21.34 -15.27 1.76
N PHE A 894 22.59 -15.55 1.48
CA PHE A 894 23.05 -15.78 0.12
C PHE A 894 24.01 -16.99 0.03
N ASN A 895 23.50 -18.11 -0.48
CA ASN A 895 24.32 -19.35 -0.74
C ASN A 895 25.26 -19.85 0.40
N GLY A 896 24.96 -19.45 1.64
CA GLY A 896 25.82 -19.72 2.79
C GLY A 896 26.56 -18.48 3.26
N LYS A 897 26.00 -17.30 2.97
CA LYS A 897 26.64 -16.03 3.30
C LYS A 897 25.58 -15.01 3.64
N LEU A 898 25.98 -13.95 4.30
CA LEU A 898 25.04 -12.91 4.68
C LEU A 898 25.25 -11.67 3.84
N LEU A 899 24.27 -11.41 2.97
CA LEU A 899 24.26 -10.21 2.16
C LEU A 899 23.53 -9.09 2.90
N ALA A 900 24.09 -7.88 2.83
CA ALA A 900 23.50 -6.76 3.55
C ALA A 900 23.75 -5.43 2.83
N SER A 901 22.73 -4.56 2.85
CA SER A 901 22.82 -3.24 2.20
C SER A 901 23.18 -2.16 3.21
N ILE A 902 24.49 -1.90 3.37
CA ILE A 902 24.95 -0.85 4.29
C ILE A 902 25.04 0.47 3.55
N ASN A 903 23.95 1.25 3.65
CA ASN A 903 23.78 2.56 2.96
C ASN A 903 23.80 2.48 1.42
N SER A 904 24.86 3.02 0.80
CA SER A 904 24.98 3.11 -0.65
C SER A 904 25.89 1.99 -1.17
N THR A 905 26.02 0.96 -0.31
CA THR A 905 26.91 -0.17 -0.53
C THR A 905 26.10 -1.43 -0.33
N VAL A 906 26.25 -2.37 -1.23
CA VAL A 906 25.74 -3.71 -1.04
C VAL A 906 26.94 -4.56 -0.68
N ARG A 907 26.86 -5.30 0.42
CA ARG A 907 28.03 -6.00 0.96
C ARG A 907 27.74 -7.44 1.28
N LEU A 908 28.74 -8.29 1.13
CA LEU A 908 28.60 -9.71 1.40
C LEU A 908 29.48 -10.15 2.58
N TYR A 909 28.89 -10.94 3.48
CA TYR A 909 29.56 -11.43 4.67
C TYR A 909 29.60 -12.96 4.66
N GLU A 910 30.75 -13.51 5.02
CA GLU A 910 30.84 -14.90 5.46
C GLU A 910 30.92 -14.95 6.98
N TRP A 911 30.69 -16.14 7.53
CA TRP A 911 30.68 -16.33 8.99
C TRP A 911 31.88 -17.12 9.39
N THR A 912 32.84 -16.45 10.02
CA THR A 912 34.09 -17.11 10.47
C THR A 912 33.78 -18.17 11.52
N THR A 913 34.57 -19.24 11.52
CA THR A 913 34.47 -20.26 12.57
C THR A 913 34.81 -19.63 13.92
N GLU A 914 35.52 -18.49 13.87
CA GLU A 914 35.78 -17.64 15.04
C GLU A 914 34.50 -16.99 15.66
N LYS A 915 33.33 -17.34 15.11
CA LYS A 915 32.05 -16.76 15.52
C LYS A 915 32.04 -15.23 15.37
N GLU A 916 32.49 -14.78 14.20
CA GLU A 916 32.41 -13.36 13.80
C GLU A 916 32.16 -13.28 12.29
N LEU A 917 31.89 -12.06 11.81
CA LEU A 917 31.56 -11.85 10.40
C LEU A 917 32.75 -11.34 9.63
N ARG A 918 33.00 -11.94 8.46
CA ARG A 918 34.01 -11.44 7.54
C ARG A 918 33.36 -11.00 6.23
N THR A 919 33.89 -9.93 5.66
CA THR A 919 33.41 -9.37 4.40
C THR A 919 34.18 -9.96 3.22
N GLU A 920 33.49 -10.54 2.26
CA GLU A 920 34.15 -11.21 1.14
C GLU A 920 34.37 -10.24 -0.06
N CYS A 921 33.38 -9.39 -0.33
CA CYS A 921 33.46 -8.45 -1.44
C CYS A 921 32.42 -7.35 -1.27
N ASN A 922 32.72 -6.18 -1.81
CA ASN A 922 31.83 -5.03 -1.72
C ASN A 922 31.43 -4.50 -3.11
N HIS A 923 30.55 -3.49 -3.11
CA HIS A 923 30.04 -2.89 -4.31
C HIS A 923 29.54 -1.49 -3.97
N TYR A 924 30.21 -0.47 -4.49
CA TYR A 924 30.00 0.89 -3.99
C TYR A 924 29.00 1.67 -4.80
N ASN A 925 28.73 1.23 -6.02
CA ASN A 925 27.92 2.03 -6.95
C ASN A 925 26.43 1.86 -6.69
N ASN A 926 25.89 2.70 -5.83
CA ASN A 926 24.45 2.77 -5.58
C ASN A 926 24.09 4.11 -5.02
N ILE A 927 22.91 4.59 -5.33
CA ILE A 927 22.45 5.86 -4.75
C ILE A 927 21.85 5.61 -3.36
N MET A 928 21.17 4.47 -3.21
CA MET A 928 20.65 4.02 -1.91
C MET A 928 20.15 2.58 -2.03
N ALA A 929 20.85 1.66 -1.39
CA ALA A 929 20.53 0.23 -1.45
C ALA A 929 19.45 -0.09 -0.41
N LEU A 930 18.22 -0.31 -0.89
CA LEU A 930 17.06 -0.42 0.02
C LEU A 930 16.48 -1.83 0.11
N TYR A 931 16.49 -2.56 -1.00
CA TYR A 931 15.82 -3.84 -1.06
C TYR A 931 16.74 -4.88 -1.65
N LEU A 932 16.78 -6.06 -1.01
CA LEU A 932 17.53 -7.19 -1.53
C LEU A 932 16.62 -8.40 -1.66
N LYS A 933 16.71 -9.06 -2.81
CA LYS A 933 16.07 -10.36 -3.05
C LYS A 933 17.00 -11.23 -3.91
N THR A 934 17.02 -12.52 -3.65
CA THR A 934 18.05 -13.40 -4.21
C THR A 934 17.47 -14.60 -4.94
N LYS A 935 18.13 -14.99 -6.03
CA LYS A 935 17.94 -16.34 -6.61
C LYS A 935 19.24 -16.85 -7.22
N GLY A 936 19.74 -17.94 -6.66
CA GLY A 936 20.98 -18.56 -7.11
C GLY A 936 22.16 -17.68 -6.77
N ASP A 937 22.97 -17.36 -7.78
CA ASP A 937 24.08 -16.39 -7.61
C ASP A 937 23.72 -14.98 -8.07
N PHE A 938 22.52 -14.83 -8.63
CA PHE A 938 21.97 -13.53 -8.98
C PHE A 938 21.52 -12.81 -7.74
N ILE A 939 21.55 -11.47 -7.79
CA ILE A 939 21.03 -10.62 -6.70
C ILE A 939 20.33 -9.41 -7.32
N LEU A 940 19.08 -9.19 -6.92
CA LEU A 940 18.35 -8.02 -7.35
C LEU A 940 18.64 -6.87 -6.39
N VAL A 941 18.75 -5.66 -6.92
CA VAL A 941 18.91 -4.47 -6.09
C VAL A 941 17.94 -3.38 -6.50
N GLY A 942 16.97 -3.09 -5.64
CA GLY A 942 16.20 -1.89 -5.76
C GLY A 942 16.96 -0.72 -5.21
N ASP A 943 16.60 0.47 -5.68
CA ASP A 943 17.27 1.68 -5.25
C ASP A 943 16.24 2.77 -4.98
N LEU A 944 16.65 3.76 -4.20
CA LEU A 944 15.83 4.92 -3.89
C LEU A 944 15.22 5.56 -5.12
N MET A 945 16.00 5.63 -6.20
CA MET A 945 15.51 6.12 -7.50
C MET A 945 16.08 5.42 -8.75
N ARG A 946 17.15 4.64 -8.59
CA ARG A 946 17.81 3.99 -9.74
C ARG A 946 17.11 2.75 -10.24
N SER A 947 15.80 2.65 -10.02
CA SER A 947 15.08 1.44 -10.34
C SER A 947 15.83 0.21 -9.84
N VAL A 948 16.24 -0.70 -10.73
CA VAL A 948 16.72 -2.03 -10.31
C VAL A 948 17.98 -2.54 -11.01
N LEU A 949 18.91 -2.99 -10.19
CA LEU A 949 20.12 -3.66 -10.68
C LEU A 949 20.05 -5.17 -10.39
N LEU A 950 20.33 -5.98 -11.41
CA LEU A 950 20.49 -7.42 -11.24
C LEU A 950 21.96 -7.66 -11.10
N LEU A 951 22.50 -7.22 -9.98
CA LEU A 951 23.86 -7.49 -9.60
C LEU A 951 24.08 -9.02 -9.56
N ALA A 952 25.23 -9.47 -10.03
CA ALA A 952 25.52 -10.90 -10.06
C ALA A 952 26.75 -11.25 -9.22
N TYR A 953 27.04 -12.55 -9.11
CA TYR A 953 28.18 -13.03 -8.33
C TYR A 953 28.78 -14.28 -8.94
N LYS A 954 30.00 -14.16 -9.42
CA LYS A 954 30.74 -15.28 -9.99
C LYS A 954 31.79 -15.70 -8.95
N PRO A 955 31.85 -17.01 -8.64
CA PRO A 955 32.54 -17.44 -7.42
C PRO A 955 34.05 -17.51 -7.58
N MET A 956 34.50 -17.92 -8.77
CA MET A 956 35.92 -18.23 -9.02
C MET A 956 36.92 -17.18 -8.51
N GLU A 957 36.52 -15.91 -8.52
CA GLU A 957 37.29 -14.84 -7.89
C GLU A 957 36.59 -14.33 -6.62
N GLY A 958 35.26 -14.42 -6.61
CA GLY A 958 34.47 -14.06 -5.46
C GLY A 958 34.28 -12.56 -5.35
N ASN A 959 33.58 -11.99 -6.32
CA ASN A 959 33.31 -10.57 -6.30
C ASN A 959 31.98 -10.21 -6.99
N PHE A 960 31.71 -8.91 -7.04
CA PHE A 960 30.45 -8.42 -7.54
C PHE A 960 30.51 -7.95 -9.00
N GLU A 961 30.00 -8.80 -9.89
CA GLU A 961 29.86 -8.44 -11.29
C GLU A 961 28.48 -7.83 -11.52
N GLU A 962 28.45 -6.57 -11.95
CA GLU A 962 27.21 -5.96 -12.49
C GLU A 962 26.84 -6.62 -13.81
N ILE A 963 25.81 -7.43 -13.80
CA ILE A 963 25.33 -8.07 -15.01
C ILE A 963 24.45 -7.12 -15.85
N ALA A 964 23.32 -6.67 -15.30
CA ALA A 964 22.33 -5.91 -16.09
C ALA A 964 21.52 -4.95 -15.24
N ARG A 965 21.35 -3.72 -15.74
CA ARG A 965 20.65 -2.66 -14.98
C ARG A 965 19.46 -2.10 -15.76
N ASP A 966 18.48 -1.55 -15.04
CA ASP A 966 17.46 -0.76 -15.66
C ASP A 966 17.75 0.72 -15.46
N PHE A 967 17.54 1.48 -16.53
CA PHE A 967 17.90 2.86 -16.59
C PHE A 967 16.67 3.76 -16.60
N ASN A 968 15.49 3.19 -16.34
CA ASN A 968 14.33 3.99 -15.99
C ASN A 968 14.59 4.54 -14.58
N PRO A 969 14.25 5.82 -14.33
CA PRO A 969 14.55 6.43 -13.04
C PRO A 969 13.39 6.24 -12.07
N ASN A 970 13.34 5.07 -11.43
CA ASN A 970 12.19 4.69 -10.63
C ASN A 970 12.51 4.73 -9.15
N TRP A 971 11.70 5.49 -8.42
CA TRP A 971 11.70 5.44 -7.00
C TRP A 971 10.98 4.16 -6.61
N MET A 972 11.62 3.35 -5.77
CA MET A 972 11.20 1.97 -5.55
C MET A 972 10.60 1.77 -4.14
N SER A 973 9.59 0.90 -4.07
CA SER A 973 8.93 0.51 -2.82
C SER A 973 9.24 -0.94 -2.45
N ALA A 974 9.22 -1.82 -3.44
CA ALA A 974 9.44 -3.24 -3.22
C ALA A 974 10.02 -3.86 -4.48
N VAL A 975 10.54 -5.07 -4.34
CA VAL A 975 11.42 -5.68 -5.35
C VAL A 975 11.26 -7.20 -5.25
N GLU A 976 11.25 -7.89 -6.37
CA GLU A 976 11.11 -9.36 -6.33
C GLU A 976 11.47 -10.08 -7.63
N ILE A 977 12.01 -11.28 -7.48
CA ILE A 977 12.33 -12.17 -8.60
C ILE A 977 11.23 -13.19 -8.75
N LEU A 978 10.71 -13.35 -9.96
CA LEU A 978 9.73 -14.42 -10.26
C LEU A 978 10.47 -15.67 -10.74
N ASP A 979 11.48 -15.45 -11.56
CA ASP A 979 12.49 -16.46 -11.86
C ASP A 979 13.69 -15.76 -12.46
N ASP A 980 14.76 -16.49 -12.75
CA ASP A 980 16.02 -15.88 -13.21
C ASP A 980 15.87 -14.88 -14.39
N ASP A 981 14.74 -14.95 -15.09
CA ASP A 981 14.53 -14.14 -16.31
C ASP A 981 13.75 -12.83 -16.08
N ASN A 982 12.72 -12.89 -15.25
CA ASN A 982 11.83 -11.74 -15.08
C ASN A 982 11.81 -11.27 -13.65
N PHE A 983 11.60 -9.97 -13.47
CA PHE A 983 11.69 -9.34 -12.17
C PHE A 983 10.58 -8.29 -12.01
N LEU A 984 9.92 -8.31 -10.86
CA LEU A 984 8.85 -7.38 -10.58
C LEU A 984 9.32 -6.40 -9.52
N GLY A 985 8.94 -5.13 -9.69
CA GLY A 985 9.28 -4.07 -8.73
C GLY A 985 8.11 -3.12 -8.50
N ALA A 986 8.17 -2.37 -7.41
CA ALA A 986 7.06 -1.50 -7.02
C ALA A 986 7.47 -0.06 -7.05
N GLU A 987 6.89 0.71 -7.98
CA GLU A 987 7.21 2.13 -8.14
C GLU A 987 6.49 2.95 -7.06
N ASN A 988 7.20 3.93 -6.52
CA ASN A 988 6.66 4.91 -5.56
C ASN A 988 5.29 5.51 -5.94
N ALA A 989 5.10 5.79 -7.20
CA ALA A 989 3.80 6.20 -7.74
C ALA A 989 2.83 5.02 -8.00
N PHE A 990 2.84 4.03 -7.13
CA PHE A 990 1.79 3.01 -7.08
C PHE A 990 1.76 2.15 -8.33
N ASN A 991 2.93 1.72 -8.79
CA ASN A 991 3.01 1.01 -10.06
C ASN A 991 3.82 -0.26 -10.01
N LEU A 992 3.57 -1.11 -11.00
CA LEU A 992 4.27 -2.36 -11.14
C LEU A 992 4.82 -2.46 -12.55
N PHE A 993 6.14 -2.58 -12.66
CA PHE A 993 6.77 -2.95 -13.91
C PHE A 993 7.58 -4.23 -13.77
N VAL A 994 7.78 -4.91 -14.88
CA VAL A 994 8.65 -6.07 -14.94
C VAL A 994 9.74 -5.85 -15.98
N CYS A 995 11.00 -6.06 -15.58
CA CYS A 995 12.11 -6.02 -16.51
C CYS A 995 12.30 -7.37 -17.16
N GLN A 996 13.41 -7.50 -17.85
CA GLN A 996 13.83 -8.75 -18.43
C GLN A 996 15.27 -8.60 -18.84
N LYS A 997 15.97 -9.71 -18.92
CA LYS A 997 17.31 -9.72 -19.48
C LYS A 997 17.20 -9.72 -21.01
N ASP A 998 18.16 -9.08 -21.68
CA ASP A 998 18.15 -8.94 -23.13
C ASP A 998 19.29 -9.73 -23.75
N SER A 999 18.95 -10.54 -24.75
CA SER A 999 19.90 -11.39 -25.42
C SER A 999 20.12 -10.92 -26.83
N THR A 1003 22.87 -9.31 -28.24
CA THR A 1003 23.92 -10.09 -28.90
C THR A 1003 25.32 -9.47 -28.69
N ASP A 1004 25.43 -8.58 -27.73
CA ASP A 1004 26.58 -7.71 -27.60
C ASP A 1004 26.76 -7.29 -26.12
N GLU A 1005 27.56 -6.25 -25.90
CA GLU A 1005 27.83 -5.76 -24.55
C GLU A 1005 26.70 -4.90 -24.01
N GLU A 1006 25.81 -4.45 -24.92
CA GLU A 1006 24.65 -3.66 -24.57
C GLU A 1006 23.69 -4.45 -23.68
N ARG A 1007 23.71 -5.78 -23.82
CA ARG A 1007 22.89 -6.70 -23.00
C ARG A 1007 22.74 -6.28 -21.50
N GLN A 1008 23.63 -5.42 -21.03
CA GLN A 1008 23.50 -4.80 -19.71
C GLN A 1008 22.27 -3.88 -19.52
N HIS A 1009 21.54 -3.62 -20.60
CA HIS A 1009 20.29 -2.85 -20.51
C HIS A 1009 19.12 -3.76 -20.23
N LEU A 1010 18.45 -3.53 -19.12
CA LEU A 1010 17.31 -4.36 -18.70
C LEU A 1010 16.02 -3.87 -19.36
N GLN A 1011 15.40 -4.74 -20.18
CA GLN A 1011 14.26 -4.35 -20.99
C GLN A 1011 12.95 -4.52 -20.22
N GLU A 1012 12.19 -3.41 -20.12
CA GLU A 1012 10.84 -3.46 -19.55
C GLU A 1012 9.92 -4.30 -20.43
N VAL A 1013 9.22 -5.27 -19.81
CA VAL A 1013 8.26 -6.11 -20.54
C VAL A 1013 6.82 -6.07 -19.95
N GLY A 1014 6.62 -5.34 -18.86
CA GLY A 1014 5.27 -5.21 -18.29
C GLY A 1014 5.10 -3.88 -17.63
N LEU A 1015 3.94 -3.24 -17.85
CA LEU A 1015 3.62 -1.99 -17.19
C LEU A 1015 2.23 -2.10 -16.55
N PHE A 1016 2.10 -1.65 -15.31
CA PHE A 1016 0.80 -1.68 -14.66
C PHE A 1016 0.66 -0.68 -13.55
N HIS A 1017 -0.53 -0.06 -13.50
CA HIS A 1017 -0.92 0.76 -12.39
C HIS A 1017 -1.83 -0.06 -11.58
N LEU A 1018 -1.49 -0.15 -10.29
CA LEU A 1018 -2.24 -0.97 -9.35
C LEU A 1018 -3.11 -0.08 -8.46
N GLY A 1019 -2.52 1.00 -7.95
CA GLY A 1019 -3.24 1.94 -7.11
C GLY A 1019 -2.84 1.80 -5.66
N GLU A 1020 -2.19 0.68 -5.34
CA GLU A 1020 -1.76 0.37 -3.99
C GLU A 1020 -0.23 0.53 -3.89
N PHE A 1021 0.21 1.35 -2.93
CA PHE A 1021 1.63 1.46 -2.63
C PHE A 1021 2.16 0.19 -1.97
N VAL A 1022 2.89 -0.62 -2.73
CA VAL A 1022 3.27 -1.97 -2.26
C VAL A 1022 4.52 -1.97 -1.42
N ASN A 1023 4.37 -2.31 -0.15
CA ASN A 1023 5.48 -2.24 0.84
C ASN A 1023 6.36 -3.47 0.89
N VAL A 1024 5.89 -4.58 0.32
CA VAL A 1024 6.61 -5.86 0.39
C VAL A 1024 5.99 -6.93 -0.54
N PHE A 1025 6.87 -7.71 -1.17
CA PHE A 1025 6.51 -8.97 -1.83
C PHE A 1025 6.98 -10.14 -0.98
N CYS A 1026 6.42 -11.32 -1.25
CA CYS A 1026 7.02 -12.56 -0.81
C CYS A 1026 6.32 -13.74 -1.44
N HIS A 1027 7.12 -14.74 -1.78
CA HIS A 1027 6.63 -15.95 -2.43
C HIS A 1027 5.69 -16.73 -1.54
N GLY A 1028 4.81 -17.50 -2.19
CA GLY A 1028 3.91 -18.41 -1.48
C GLY A 1028 2.48 -18.28 -1.93
N SER A 1029 1.64 -19.20 -1.44
CA SER A 1029 0.26 -19.29 -1.87
C SER A 1029 -0.63 -19.69 -0.71
N LEU A 1030 -1.90 -19.33 -0.81
CA LEU A 1030 -2.85 -19.58 0.25
C LEU A 1030 -3.91 -20.61 -0.19
N VAL A 1031 -3.58 -21.40 -1.22
CA VAL A 1031 -4.43 -22.54 -1.64
C VAL A 1031 -3.66 -23.87 -1.62
N MET A 1032 -4.35 -24.94 -2.04
CA MET A 1032 -3.85 -26.35 -2.02
C MET A 1032 -3.28 -26.80 -0.67
N PRO A 1041 -3.71 -22.91 -13.85
CA PRO A 1041 -3.68 -22.12 -15.09
C PRO A 1041 -2.46 -21.18 -15.19
N THR A 1042 -1.76 -21.00 -14.07
CA THR A 1042 -0.68 -20.01 -13.97
C THR A 1042 0.56 -20.62 -13.33
N GLN A 1043 1.65 -19.87 -13.35
CA GLN A 1043 2.95 -20.37 -12.87
C GLN A 1043 3.43 -19.52 -11.69
N GLY A 1044 3.83 -20.16 -10.59
CA GLY A 1044 4.45 -19.44 -9.45
C GLY A 1044 3.43 -18.61 -8.68
N SER A 1045 3.82 -18.14 -7.48
CA SER A 1045 2.87 -17.41 -6.64
C SER A 1045 3.57 -16.40 -5.78
N VAL A 1046 3.24 -15.13 -6.02
CA VAL A 1046 3.89 -14.01 -5.36
C VAL A 1046 2.84 -13.15 -4.68
N LEU A 1047 3.03 -12.89 -3.39
CA LEU A 1047 2.06 -12.17 -2.60
C LEU A 1047 2.61 -10.84 -2.18
N PHE A 1048 1.77 -9.82 -2.18
CA PHE A 1048 2.23 -8.53 -1.72
C PHE A 1048 1.29 -7.86 -0.72
N GLY A 1049 1.92 -7.07 0.16
CA GLY A 1049 1.21 -6.33 1.20
C GLY A 1049 1.38 -4.88 0.91
N THR A 1050 0.29 -4.13 1.05
CA THR A 1050 0.30 -2.72 0.70
C THR A 1050 0.21 -1.82 1.94
N VAL A 1051 0.20 -0.52 1.73
CA VAL A 1051 -0.12 0.43 2.79
C VAL A 1051 -1.62 0.45 3.10
N ASN A 1052 -2.45 0.39 2.07
CA ASN A 1052 -3.91 0.47 2.26
C ASN A 1052 -4.49 -0.80 2.78
N GLY A 1053 -3.65 -1.82 2.95
CA GLY A 1053 -4.10 -3.07 3.60
C GLY A 1053 -4.53 -4.06 2.56
N MET A 1054 -4.40 -3.67 1.32
CA MET A 1054 -4.71 -4.55 0.22
C MET A 1054 -3.60 -5.61 0.06
N ILE A 1055 -4.01 -6.88 0.06
CA ILE A 1055 -3.07 -7.98 -0.12
C ILE A 1055 -3.23 -8.54 -1.50
N GLY A 1056 -2.12 -8.76 -2.18
CA GLY A 1056 -2.17 -9.06 -3.60
C GLY A 1056 -1.38 -10.26 -4.02
N LEU A 1057 -2.03 -11.09 -4.83
CA LEU A 1057 -1.35 -12.17 -5.55
C LEU A 1057 -0.79 -11.64 -6.86
N VAL A 1058 0.36 -12.19 -7.26
CA VAL A 1058 0.92 -12.00 -8.59
C VAL A 1058 1.38 -13.37 -9.07
N THR A 1059 1.27 -13.61 -10.38
CA THR A 1059 1.74 -14.85 -10.99
C THR A 1059 2.06 -14.66 -12.48
N SER A 1060 2.43 -15.74 -13.17
CA SER A 1060 2.97 -15.65 -14.54
C SER A 1060 2.15 -16.48 -15.53
N LEU A 1061 2.31 -16.17 -16.82
CA LEU A 1061 1.47 -16.72 -17.89
C LEU A 1061 2.25 -16.97 -19.18
N SER A 1062 1.67 -17.80 -20.04
CA SER A 1062 2.22 -18.03 -21.39
C SER A 1062 1.39 -17.26 -22.39
N GLU A 1063 2.02 -16.89 -23.51
CA GLU A 1063 1.41 -15.95 -24.49
C GLU A 1063 0.00 -16.36 -24.87
N SER A 1064 -0.17 -17.65 -25.15
CA SER A 1064 -1.49 -18.21 -25.48
C SER A 1064 -2.61 -17.75 -24.54
N TRP A 1065 -2.29 -17.60 -23.25
CA TRP A 1065 -3.24 -17.04 -22.30
C TRP A 1065 -3.34 -15.56 -22.47
N TYR A 1066 -2.22 -14.86 -22.27
CA TYR A 1066 -2.22 -13.39 -22.22
C TYR A 1066 -3.10 -12.79 -23.32
N ASN A 1067 -2.97 -13.32 -24.54
CA ASN A 1067 -3.78 -12.86 -25.68
C ASN A 1067 -5.24 -13.20 -25.49
N LEU A 1068 -5.52 -14.44 -25.12
CA LEU A 1068 -6.90 -14.91 -24.93
C LEU A 1068 -7.61 -14.11 -23.86
N LEU A 1069 -6.87 -13.76 -22.81
CA LEU A 1069 -7.44 -13.04 -21.70
C LEU A 1069 -7.48 -11.54 -22.01
N LEU A 1070 -6.57 -11.08 -22.87
CA LEU A 1070 -6.43 -9.63 -23.14
C LEU A 1070 -7.65 -9.04 -23.83
N ASP A 1071 -8.10 -9.64 -24.94
CA ASP A 1071 -9.32 -9.22 -25.64
C ASP A 1071 -10.52 -9.26 -24.70
N MET A 1072 -10.64 -10.37 -23.99
CA MET A 1072 -11.70 -10.58 -23.03
C MET A 1072 -11.88 -9.37 -22.10
N GLN A 1073 -10.77 -8.75 -21.69
CA GLN A 1073 -10.78 -7.56 -20.82
C GLN A 1073 -11.38 -6.36 -21.51
N ASN A 1074 -10.87 -6.05 -22.71
CA ASN A 1074 -11.40 -4.94 -23.51
C ASN A 1074 -12.85 -5.20 -23.90
N ARG A 1075 -13.18 -6.48 -24.07
CA ARG A 1075 -14.54 -6.89 -24.38
C ARG A 1075 -15.47 -6.71 -23.18
N LEU A 1076 -14.91 -6.81 -21.99
CA LEU A 1076 -15.63 -6.51 -20.77
C LEU A 1076 -15.85 -5.00 -20.63
N ASN A 1077 -14.79 -4.23 -20.87
CA ASN A 1077 -14.85 -2.75 -20.72
C ASN A 1077 -15.84 -2.09 -21.68
N LYS A 1078 -16.17 -2.81 -22.74
CA LYS A 1078 -17.28 -2.46 -23.59
C LYS A 1078 -18.60 -2.59 -22.86
N VAL A 1079 -18.82 -3.76 -22.27
CA VAL A 1079 -20.09 -4.14 -21.68
C VAL A 1079 -20.27 -3.47 -20.31
N ILE A 1080 -19.17 -3.39 -19.55
CA ILE A 1080 -19.21 -2.85 -18.20
C ILE A 1080 -19.39 -1.34 -18.23
N LYS A 1081 -20.37 -0.85 -17.47
CA LYS A 1081 -20.49 0.57 -17.19
C LYS A 1081 -19.84 0.85 -15.84
N SER A 1082 -18.65 1.47 -15.90
CA SER A 1082 -17.90 1.77 -14.71
C SER A 1082 -18.54 2.89 -13.91
N VAL A 1083 -18.00 3.14 -12.71
CA VAL A 1083 -18.73 3.94 -11.74
C VAL A 1083 -18.82 5.40 -12.20
N GLY A 1084 -17.69 6.08 -12.34
CA GLY A 1084 -17.68 7.47 -12.81
C GLY A 1084 -17.55 7.60 -14.33
N LYS A 1085 -17.97 6.56 -15.05
CA LYS A 1085 -17.66 6.39 -16.48
C LYS A 1085 -16.18 6.55 -16.79
N ILE A 1086 -15.35 5.85 -16.04
CA ILE A 1086 -13.88 5.95 -16.16
C ILE A 1086 -13.35 4.71 -16.85
N GLU A 1087 -12.49 4.92 -17.83
CA GLU A 1087 -11.90 3.79 -18.59
C GLU A 1087 -10.93 2.97 -17.77
N HIS A 1088 -10.83 1.70 -18.13
CA HIS A 1088 -9.98 0.77 -17.42
C HIS A 1088 -8.52 0.93 -17.76
N SER A 1089 -8.22 0.88 -19.06
CA SER A 1089 -6.85 0.95 -19.53
C SER A 1089 -6.25 2.35 -19.36
N PHE A 1090 -7.05 3.27 -18.79
CA PHE A 1090 -6.56 4.55 -18.34
C PHE A 1090 -6.08 4.42 -16.90
N TRP A 1091 -6.97 3.86 -16.08
CA TRP A 1091 -6.69 3.46 -14.68
C TRP A 1091 -5.58 2.45 -14.59
N ARG A 1092 -5.33 1.71 -15.67
CA ARG A 1092 -4.27 0.72 -15.65
C ARG A 1092 -3.02 1.14 -16.36
N SER A 1093 -3.05 2.31 -16.97
CA SER A 1093 -1.89 2.86 -17.67
C SER A 1093 -0.89 3.41 -16.71
N PHE A 1094 0.32 2.88 -16.78
CA PHE A 1094 1.49 3.44 -16.07
C PHE A 1094 1.40 4.94 -16.00
N HIS A 1095 1.40 5.51 -14.81
CA HIS A 1095 1.39 6.98 -14.69
C HIS A 1095 2.29 7.47 -13.61
N THR A 1096 3.28 8.28 -13.99
CA THR A 1096 3.91 9.20 -13.04
C THR A 1096 3.77 10.61 -13.60
N GLU A 1097 4.56 11.54 -13.07
CA GLU A 1097 4.69 12.83 -13.70
C GLU A 1097 5.46 12.67 -15.00
N ARG A 1098 6.53 11.89 -14.93
CA ARG A 1098 7.52 11.81 -16.00
C ARG A 1098 7.11 10.88 -17.19
N LYS A 1099 5.91 10.29 -17.16
CA LYS A 1099 5.51 9.25 -18.14
C LYS A 1099 4.05 8.79 -17.97
N THR A 1100 3.44 8.33 -19.06
CA THR A 1100 2.12 7.70 -19.03
C THR A 1100 2.02 6.76 -20.22
N GLU A 1101 1.79 5.48 -19.96
CA GLU A 1101 1.81 4.44 -21.00
C GLU A 1101 0.85 3.33 -20.64
N PRO A 1102 0.11 2.81 -21.65
CA PRO A 1102 -0.95 1.83 -21.40
C PRO A 1102 -0.49 0.52 -20.76
N ALA A 1103 -1.44 -0.15 -20.13
CA ALA A 1103 -1.16 -1.40 -19.46
C ALA A 1103 -0.81 -2.51 -20.47
N THR A 1104 0.47 -2.86 -20.53
CA THR A 1104 0.92 -4.00 -21.34
C THR A 1104 1.80 -4.88 -20.51
N GLY A 1105 1.65 -6.19 -20.69
CA GLY A 1105 2.38 -7.16 -19.92
C GLY A 1105 1.74 -7.48 -18.59
N PHE A 1106 0.46 -7.14 -18.44
CA PHE A 1106 -0.26 -7.40 -17.20
C PHE A 1106 -1.75 -7.56 -17.46
N ILE A 1107 -2.33 -8.68 -17.04
CA ILE A 1107 -3.79 -8.82 -17.02
C ILE A 1107 -4.33 -8.54 -15.63
N ASP A 1108 -5.40 -7.79 -15.55
CA ASP A 1108 -6.09 -7.57 -14.30
C ASP A 1108 -7.05 -8.73 -14.05
N GLY A 1109 -6.75 -9.52 -13.01
CA GLY A 1109 -7.59 -10.65 -12.63
C GLY A 1109 -8.96 -10.27 -12.13
N ASP A 1110 -9.05 -9.10 -11.48
CA ASP A 1110 -10.32 -8.60 -10.92
C ASP A 1110 -11.29 -8.22 -12.00
N LEU A 1111 -10.74 -7.66 -13.08
CA LEU A 1111 -11.53 -7.34 -14.29
C LEU A 1111 -12.05 -8.60 -14.92
N ILE A 1112 -11.21 -9.63 -14.92
CA ILE A 1112 -11.59 -10.95 -15.38
C ILE A 1112 -12.57 -11.63 -14.43
N GLU A 1113 -12.40 -11.40 -13.11
CA GLU A 1113 -13.23 -12.07 -12.10
C GLU A 1113 -14.61 -11.45 -12.04
N SER A 1114 -14.71 -10.16 -12.35
CA SER A 1114 -16.00 -9.44 -12.31
C SER A 1114 -17.02 -10.05 -13.30
N PHE A 1115 -16.47 -10.78 -14.29
CA PHE A 1115 -17.25 -11.52 -15.28
C PHE A 1115 -18.31 -12.47 -14.68
N LEU A 1116 -18.03 -13.04 -13.51
CA LEU A 1116 -18.98 -13.96 -12.87
C LEU A 1116 -20.05 -13.20 -12.09
N ASP A 1117 -19.96 -11.87 -12.07
CA ASP A 1117 -20.98 -11.04 -11.40
C ASP A 1117 -21.80 -10.18 -12.38
N ILE A 1118 -21.55 -10.34 -13.67
CA ILE A 1118 -22.34 -9.65 -14.69
C ILE A 1118 -23.56 -10.49 -15.11
N SER A 1119 -24.47 -9.86 -15.84
CA SER A 1119 -25.74 -10.50 -16.21
C SER A 1119 -25.54 -11.48 -17.36
N ARG A 1120 -26.52 -12.35 -17.56
CA ARG A 1120 -26.35 -13.55 -18.39
C ARG A 1120 -26.07 -13.29 -19.89
N PRO A 1121 -26.99 -12.58 -20.63
CA PRO A 1121 -26.73 -12.41 -22.07
C PRO A 1121 -25.52 -11.54 -22.38
N LYS A 1122 -25.24 -10.57 -21.49
CA LYS A 1122 -24.08 -9.69 -21.66
C LYS A 1122 -22.76 -10.45 -21.60
N MET A 1123 -22.81 -11.73 -21.19
CA MET A 1123 -21.65 -12.61 -21.22
C MET A 1123 -21.44 -13.16 -22.62
N GLN A 1124 -22.53 -13.59 -23.24
CA GLN A 1124 -22.54 -14.03 -24.63
C GLN A 1124 -22.06 -12.91 -25.55
N GLU A 1125 -22.37 -11.68 -25.15
CA GLU A 1125 -21.90 -10.49 -25.83
C GLU A 1125 -20.37 -10.38 -25.81
N VAL A 1126 -19.77 -10.66 -24.65
CA VAL A 1126 -18.32 -10.65 -24.49
C VAL A 1126 -17.67 -11.67 -25.42
N VAL A 1127 -18.36 -12.78 -25.65
CA VAL A 1127 -17.85 -13.82 -26.55
C VAL A 1127 -17.84 -13.31 -27.97
N ALA A 1128 -19.04 -13.06 -28.52
CA ALA A 1128 -19.22 -12.56 -29.90
C ALA A 1128 -18.34 -13.26 -30.96
N ASN A 1129 -17.03 -13.09 -30.84
CA ASN A 1129 -16.08 -13.53 -31.86
C ASN A 1129 -14.94 -14.33 -31.20
N LEU A 1130 -14.08 -13.65 -30.43
CA LEU A 1130 -12.95 -14.30 -29.73
C LEU A 1130 -11.99 -15.07 -30.69
N GLN A 1131 -11.28 -16.07 -30.15
CA GLN A 1131 -10.44 -16.95 -30.95
C GLN A 1131 -10.55 -18.38 -30.40
N ALA A 1142 -13.92 -21.11 -28.84
CA ALA A 1142 -14.14 -20.54 -27.51
C ALA A 1142 -15.62 -20.13 -27.33
N THR A 1143 -16.40 -21.06 -26.76
CA THR A 1143 -17.84 -20.82 -26.50
C THR A 1143 -18.09 -20.54 -25.02
N ALA A 1144 -19.22 -19.88 -24.73
CA ALA A 1144 -19.57 -19.36 -23.40
C ALA A 1144 -19.07 -20.20 -22.19
N ASP A 1145 -19.35 -21.49 -22.20
CA ASP A 1145 -19.15 -22.31 -21.00
C ASP A 1145 -17.70 -22.75 -20.79
N ASP A 1146 -16.87 -22.60 -21.81
CA ASP A 1146 -15.42 -22.83 -21.67
C ASP A 1146 -14.80 -21.78 -20.77
N LEU A 1147 -15.32 -20.55 -20.88
CA LEU A 1147 -14.81 -19.41 -20.13
C LEU A 1147 -15.16 -19.52 -18.65
N ILE A 1148 -16.43 -19.81 -18.37
CA ILE A 1148 -16.98 -19.67 -17.02
C ILE A 1148 -16.26 -20.62 -16.06
N LYS A 1149 -15.87 -21.79 -16.57
CA LYS A 1149 -15.12 -22.79 -15.76
C LYS A 1149 -13.77 -22.24 -15.33
N VAL A 1150 -12.96 -21.83 -16.31
CA VAL A 1150 -11.55 -21.47 -16.09
C VAL A 1150 -11.40 -20.15 -15.31
N VAL A 1151 -12.44 -19.31 -15.37
CA VAL A 1151 -12.48 -18.12 -14.53
C VAL A 1151 -12.51 -18.54 -13.07
N GLU A 1152 -13.42 -19.46 -12.75
CA GLU A 1152 -13.46 -20.06 -11.42
C GLU A 1152 -12.16 -20.79 -11.12
N GLU A 1153 -11.62 -21.47 -12.12
CA GLU A 1153 -10.32 -22.16 -11.99
C GLU A 1153 -9.18 -21.18 -11.69
N LEU A 1154 -9.39 -19.92 -12.02
CA LEU A 1154 -8.45 -18.87 -11.66
C LEU A 1154 -8.76 -18.26 -10.29
N THR A 1155 -9.96 -18.48 -9.76
CA THR A 1155 -10.24 -18.22 -8.34
C THR A 1155 -9.48 -19.19 -7.46
N ARG A 1156 -9.10 -20.33 -8.05
CA ARG A 1156 -8.45 -21.42 -7.32
C ARG A 1156 -6.98 -21.14 -7.05
N ILE A 1157 -6.56 -19.89 -7.16
CA ILE A 1157 -5.20 -19.53 -6.80
C ILE A 1157 -5.10 -18.49 -5.66
N HIS A 1158 -6.11 -17.63 -5.52
CA HIS A 1158 -6.10 -16.61 -4.48
C HIS A 1158 -6.98 -16.99 -3.29
N MET B 1 16.84 10.93 6.61
CA MET B 1 16.53 9.91 5.57
C MET B 1 15.60 8.82 6.10
N LEU B 2 15.85 8.35 7.31
CA LEU B 2 15.09 7.23 7.87
C LEU B 2 13.62 7.57 8.13
N GLY B 3 13.38 8.75 8.72
CA GLY B 3 12.02 9.25 8.90
C GLY B 3 11.23 9.39 7.60
N PHE B 4 11.91 9.76 6.52
CA PHE B 4 11.31 9.79 5.16
C PHE B 4 10.83 8.38 4.79
N LEU B 5 11.62 7.39 5.16
CA LEU B 5 11.32 6.01 4.80
C LEU B 5 10.21 5.43 5.67
N SER B 6 10.22 5.75 6.97
CA SER B 6 9.21 5.21 7.88
C SER B 6 7.87 5.89 7.72
N ALA B 7 7.85 7.11 7.17
CA ALA B 7 6.59 7.76 6.80
C ALA B 7 6.01 7.10 5.55
N ARG B 8 6.84 6.96 4.53
CA ARG B 8 6.41 6.39 3.27
C ARG B 8 5.86 4.95 3.40
N GLN B 9 6.47 4.15 4.29
CA GLN B 9 6.05 2.74 4.46
C GLN B 9 4.71 2.67 5.17
N THR B 10 4.51 3.55 6.13
CA THR B 10 3.29 3.60 6.89
C THR B 10 2.16 4.29 6.13
N GLY B 11 2.49 5.04 5.09
CA GLY B 11 1.51 5.89 4.39
C GLY B 11 1.05 7.08 5.21
N LEU B 12 1.93 7.58 6.07
CA LEU B 12 1.70 8.81 6.81
C LEU B 12 1.56 10.01 5.85
N GLU B 13 2.66 10.34 5.14
CA GLU B 13 2.67 11.46 4.21
C GLU B 13 2.68 10.94 2.78
N ASP B 14 1.88 11.56 1.93
CA ASP B 14 1.80 11.21 0.50
C ASP B 14 3.20 10.86 -0.09
N PRO B 15 3.32 9.68 -0.71
CA PRO B 15 4.61 9.14 -1.25
C PRO B 15 5.26 9.99 -2.33
N LEU B 16 4.46 10.37 -3.30
CA LEU B 16 4.94 11.16 -4.42
C LEU B 16 5.24 12.60 -3.96
N ARG B 17 4.53 13.08 -2.94
CA ARG B 17 4.85 14.38 -2.35
C ARG B 17 6.18 14.31 -1.64
N LEU B 18 6.42 13.20 -0.95
CA LEU B 18 7.69 13.02 -0.23
C LEU B 18 8.88 12.95 -1.18
N ARG B 19 8.63 12.51 -2.42
CA ARG B 19 9.62 12.52 -3.49
C ARG B 19 9.95 13.95 -3.91
N ARG B 20 8.93 14.71 -4.27
CA ARG B 20 9.07 16.13 -4.49
C ARG B 20 9.82 16.79 -3.32
N ALA B 21 9.31 16.58 -2.12
CA ALA B 21 9.94 17.10 -0.90
C ALA B 21 11.38 16.61 -0.75
N GLU B 22 11.63 15.37 -1.15
CA GLU B 22 12.98 14.80 -1.08
C GLU B 22 13.90 15.38 -2.10
N SER B 23 13.35 15.64 -3.28
CA SER B 23 14.14 16.06 -4.40
C SER B 23 14.72 17.47 -4.20
N THR B 24 13.98 18.38 -3.60
CA THR B 24 14.52 19.73 -3.29
C THR B 24 15.71 19.62 -2.31
N ARG B 25 15.63 18.62 -1.44
CA ARG B 25 16.75 18.27 -0.53
C ARG B 25 18.06 17.89 -1.27
N ARG B 26 17.95 17.41 -2.52
CA ARG B 26 19.12 17.02 -3.31
C ARG B 26 19.65 18.17 -4.09
N VAL B 27 18.75 18.92 -4.69
CA VAL B 27 19.15 20.06 -5.49
C VAL B 27 19.96 20.99 -4.58
N LEU B 28 19.55 21.08 -3.30
CA LEU B 28 20.29 21.88 -2.31
C LEU B 28 21.76 21.48 -2.16
N GLY B 29 22.02 20.21 -1.86
CA GLY B 29 23.37 19.70 -1.62
C GLY B 29 23.95 19.08 -2.88
N LEU B 30 23.72 19.75 -4.00
CA LEU B 30 24.30 19.40 -5.27
C LEU B 30 25.68 20.02 -5.40
N GLU B 31 26.62 19.20 -5.89
CA GLU B 31 28.00 19.66 -6.08
C GLU B 31 28.59 19.12 -7.36
N LEU B 32 29.77 19.66 -7.71
CA LEU B 32 30.44 19.25 -8.93
C LEU B 32 30.83 17.79 -8.84
N ASN B 33 30.09 16.95 -9.54
CA ASN B 33 30.39 15.53 -9.61
C ASN B 33 31.78 15.36 -10.13
N LYS B 34 32.70 14.98 -9.27
CA LYS B 34 34.09 14.82 -9.71
C LYS B 34 34.33 13.48 -10.40
N ASP B 35 33.49 12.49 -10.11
CA ASP B 35 33.65 11.15 -10.68
C ASP B 35 33.00 11.02 -12.07
N ARG B 36 32.44 12.12 -12.59
CA ARG B 36 31.91 12.15 -13.95
C ARG B 36 32.73 13.06 -14.81
N ASP B 37 32.66 12.84 -16.12
CA ASP B 37 33.40 13.62 -17.11
C ASP B 37 32.64 13.70 -18.40
N VAL B 38 32.58 14.88 -18.99
CA VAL B 38 32.05 15.00 -20.34
C VAL B 38 33.22 15.07 -21.27
N GLU B 39 33.25 14.16 -22.22
CA GLU B 39 34.37 14.05 -23.16
C GLU B 39 34.60 15.39 -23.88
N ARG B 40 35.86 15.78 -24.04
CA ARG B 40 36.23 17.03 -24.71
C ARG B 40 36.30 16.83 -26.22
N ILE B 41 35.40 17.52 -26.95
CA ILE B 41 35.47 17.57 -28.41
C ILE B 41 35.41 19.02 -28.86
N HIS B 42 34.45 19.78 -28.33
CA HIS B 42 34.25 21.18 -28.73
C HIS B 42 35.52 22.00 -28.58
N GLY B 43 35.93 22.64 -29.65
CA GLY B 43 37.06 23.55 -29.64
C GLY B 43 36.67 24.95 -29.20
N GLY B 44 35.41 25.28 -29.30
CA GLY B 44 34.96 26.54 -28.78
C GLY B 44 34.28 26.39 -27.46
N GLY B 45 34.22 27.48 -26.71
CA GLY B 45 33.36 27.56 -25.55
C GLY B 45 31.94 27.18 -25.90
N ILE B 46 31.28 26.43 -25.00
CA ILE B 46 29.99 25.85 -25.33
C ILE B 46 28.89 26.90 -25.21
N ASN B 47 28.16 27.09 -26.31
CA ASN B 47 27.09 28.05 -26.36
C ASN B 47 25.71 27.41 -26.05
N THR B 48 25.62 26.08 -26.18
CA THR B 48 24.40 25.41 -25.82
C THR B 48 24.58 23.95 -25.53
N LEU B 49 23.70 23.43 -24.63
CA LEU B 49 23.47 22.00 -24.43
C LEU B 49 21.98 21.70 -24.48
N ASP B 50 21.63 20.44 -24.75
CA ASP B 50 20.22 20.02 -24.71
C ASP B 50 20.08 18.54 -24.43
N ILE B 51 19.37 18.22 -23.35
CA ILE B 51 19.17 16.84 -22.93
C ILE B 51 17.75 16.37 -23.36
N GLU B 52 17.69 15.15 -23.86
CA GLU B 52 16.48 14.59 -24.43
C GLU B 52 15.25 14.68 -23.51
N PRO B 53 14.10 15.06 -24.08
CA PRO B 53 12.86 15.21 -23.29
C PRO B 53 12.25 13.85 -22.81
N VAL B 54 12.51 12.78 -23.54
CA VAL B 54 11.99 11.46 -23.19
C VAL B 54 13.12 10.53 -22.73
N GLU B 55 13.21 10.34 -21.42
CA GLU B 55 14.24 9.48 -20.76
C GLU B 55 15.59 10.19 -20.53
N GLY B 56 15.83 11.28 -21.26
CA GLY B 56 17.05 12.07 -21.09
C GLY B 56 18.34 11.26 -21.05
N ARG B 57 18.56 10.44 -22.07
CA ARG B 57 19.77 9.61 -22.14
C ARG B 57 20.86 10.31 -22.89
N TYR B 58 20.53 10.77 -24.10
CA TYR B 58 21.50 11.44 -24.98
C TYR B 58 21.46 12.95 -24.79
N MET B 59 22.54 13.62 -25.17
CA MET B 59 22.61 15.06 -25.09
C MET B 59 23.21 15.64 -26.36
N LEU B 60 22.77 16.84 -26.74
CA LEU B 60 23.46 17.61 -27.80
C LEU B 60 24.16 18.77 -27.20
N SER B 61 25.28 19.10 -27.79
CA SER B 61 26.05 20.24 -27.38
C SER B 61 26.35 21.09 -28.61
N GLY B 62 26.44 22.40 -28.40
CA GLY B 62 26.80 23.33 -29.46
C GLY B 62 28.07 24.02 -29.08
N GLY B 63 28.81 24.52 -30.08
CA GLY B 63 30.05 25.19 -29.84
C GLY B 63 30.31 26.29 -30.82
N SER B 64 31.18 27.21 -30.41
CA SER B 64 31.57 28.32 -31.27
C SER B 64 32.39 27.82 -32.49
N ASP B 65 32.90 26.59 -32.40
CA ASP B 65 33.64 25.97 -33.49
C ASP B 65 32.73 25.48 -34.61
N GLY B 66 31.45 25.84 -34.57
CA GLY B 66 30.50 25.41 -35.60
C GLY B 66 30.24 23.90 -35.58
N VAL B 67 30.24 23.33 -34.39
CA VAL B 67 30.20 21.88 -34.23
C VAL B 67 28.96 21.49 -33.43
N ILE B 68 28.42 20.32 -33.74
CA ILE B 68 27.36 19.76 -32.97
C ILE B 68 27.83 18.40 -32.44
N VAL B 69 28.11 18.31 -31.14
CA VAL B 69 28.50 17.03 -30.52
C VAL B 69 27.29 16.39 -29.86
N LEU B 70 27.13 15.08 -30.09
CA LEU B 70 26.03 14.30 -29.52
C LEU B 70 26.57 13.28 -28.51
N TYR B 71 26.08 13.37 -27.25
CA TYR B 71 26.65 12.59 -26.12
C TYR B 71 25.73 11.50 -25.59
N ASP B 72 26.33 10.42 -25.10
CA ASP B 72 25.65 9.48 -24.19
C ASP B 72 26.04 9.86 -22.78
N LEU B 73 25.06 9.95 -21.90
CA LEU B 73 25.30 10.39 -20.55
C LEU B 73 25.21 9.23 -19.55
N GLU B 74 24.89 8.03 -20.04
CA GLU B 74 24.74 6.87 -19.18
C GLU B 74 26.09 6.31 -18.78
N ASN B 75 26.05 5.42 -17.80
CA ASN B 75 27.20 4.63 -17.43
C ASN B 75 26.87 3.15 -17.47
N SER B 76 27.82 2.35 -17.93
CA SER B 76 27.65 0.90 -17.91
C SER B 76 28.95 0.18 -17.61
N SER B 77 29.97 0.93 -17.21
CA SER B 77 31.19 0.35 -16.73
C SER B 77 30.95 -0.17 -15.33
N ARG B 78 31.61 -1.26 -14.97
CA ARG B 78 31.43 -1.83 -13.65
C ARG B 78 31.94 -0.90 -12.56
N GLN B 79 32.30 0.34 -12.94
CA GLN B 79 32.77 1.32 -11.98
C GLN B 79 31.72 2.38 -11.66
N SER B 80 31.90 3.06 -10.52
CA SER B 80 31.00 4.14 -10.11
C SER B 80 31.36 5.48 -10.78
N TYR B 81 32.52 5.53 -11.43
CA TYR B 81 32.99 6.73 -12.15
C TYR B 81 33.03 6.48 -13.65
N TYR B 82 32.72 7.52 -14.42
CA TYR B 82 32.66 7.38 -15.89
C TYR B 82 32.73 8.70 -16.59
N THR B 83 33.01 8.62 -17.88
CA THR B 83 33.13 9.77 -18.77
C THR B 83 32.08 9.69 -19.87
N CYS B 84 31.14 10.65 -19.88
CA CYS B 84 30.17 10.79 -20.97
C CYS B 84 30.89 10.85 -22.29
N LYS B 85 30.78 9.80 -23.10
CA LYS B 85 31.35 9.79 -24.44
C LYS B 85 30.37 10.41 -25.43
N ALA B 86 30.92 10.94 -26.53
CA ALA B 86 30.11 11.41 -27.67
C ALA B 86 29.84 10.25 -28.59
N VAL B 87 28.57 9.96 -28.82
CA VAL B 87 28.18 8.91 -29.77
C VAL B 87 28.47 9.40 -31.19
N CYS B 88 27.96 10.58 -31.51
CA CYS B 88 28.15 11.20 -32.81
C CYS B 88 28.64 12.62 -32.61
N SER B 89 29.11 13.21 -33.70
CA SER B 89 29.45 14.61 -33.73
C SER B 89 29.52 15.13 -35.18
N ILE B 90 28.88 16.27 -35.45
CA ILE B 90 28.96 16.91 -36.76
C ILE B 90 30.25 17.76 -36.85
N GLY B 91 31.34 17.12 -37.24
CA GLY B 91 32.68 17.73 -37.16
C GLY B 91 33.09 18.33 -38.48
N ARG B 92 34.31 18.83 -38.53
CA ARG B 92 34.76 19.64 -39.65
C ARG B 92 34.77 18.93 -41.00
N ASP B 93 35.04 17.63 -40.99
CA ASP B 93 34.96 16.80 -42.21
C ASP B 93 33.59 16.78 -42.85
N HIS B 94 32.55 16.99 -42.05
CA HIS B 94 31.20 16.68 -42.46
C HIS B 94 30.76 17.64 -43.55
N PRO B 95 30.06 17.12 -44.58
CA PRO B 95 29.58 17.94 -45.69
C PRO B 95 28.78 19.19 -45.26
N ASP B 96 27.92 19.05 -44.25
CA ASP B 96 27.05 20.13 -43.82
C ASP B 96 27.54 20.90 -42.57
N VAL B 97 28.76 20.61 -42.12
CA VAL B 97 29.31 21.21 -40.87
C VAL B 97 29.03 22.70 -40.75
N HIS B 98 28.56 23.15 -39.58
CA HIS B 98 28.27 24.57 -39.38
C HIS B 98 29.53 25.39 -39.57
N ARG B 99 29.38 26.47 -40.30
CA ARG B 99 30.50 27.26 -40.73
C ARG B 99 31.05 28.11 -39.56
N TYR B 100 30.15 28.53 -38.69
CA TYR B 100 30.49 29.43 -37.60
C TYR B 100 29.74 29.05 -36.33
N SER B 101 29.87 29.89 -35.30
CA SER B 101 29.43 29.55 -33.94
C SER B 101 28.01 28.99 -33.87
N VAL B 102 27.86 27.88 -33.12
CA VAL B 102 26.57 27.22 -32.91
C VAL B 102 25.98 27.68 -31.60
N GLU B 103 24.87 28.41 -31.66
CA GLU B 103 24.28 29.04 -30.44
C GLU B 103 23.09 28.28 -29.80
N THR B 104 22.25 27.62 -30.61
CA THR B 104 21.24 26.71 -30.03
C THR B 104 21.20 25.42 -30.79
N VAL B 105 20.95 24.35 -30.04
CA VAL B 105 20.82 23.02 -30.57
C VAL B 105 19.68 22.44 -29.77
N GLN B 106 18.62 22.01 -30.45
CA GLN B 106 17.42 21.58 -29.73
C GLN B 106 16.87 20.28 -30.24
N TRP B 107 16.63 19.37 -29.32
CA TRP B 107 15.97 18.13 -29.63
C TRP B 107 14.57 18.37 -30.09
N TYR B 108 14.22 17.74 -31.21
CA TYR B 108 12.86 17.79 -31.72
C TYR B 108 11.86 17.31 -30.63
N PRO B 109 10.98 18.21 -30.15
CA PRO B 109 9.98 17.80 -29.19
C PRO B 109 9.02 16.75 -29.79
N HIS B 110 8.98 15.59 -29.14
CA HIS B 110 8.13 14.49 -29.55
C HIS B 110 8.65 13.78 -30.80
N ASP B 111 9.98 13.71 -30.93
CA ASP B 111 10.65 12.88 -31.96
C ASP B 111 12.16 12.94 -31.73
N THR B 112 12.70 11.88 -31.15
CA THR B 112 14.11 11.82 -30.81
C THR B 112 14.96 11.61 -32.06
N GLY B 113 14.39 10.94 -33.06
CA GLY B 113 15.07 10.71 -34.33
C GLY B 113 15.56 11.96 -35.08
N MET B 114 15.07 13.15 -34.71
CA MET B 114 15.53 14.39 -35.35
C MET B 114 16.01 15.39 -34.34
N PHE B 115 16.82 16.34 -34.79
CA PHE B 115 17.11 17.55 -34.02
C PHE B 115 17.50 18.74 -34.89
N THR B 116 17.74 19.89 -34.25
CA THR B 116 17.89 21.15 -34.94
C THR B 116 19.15 21.90 -34.51
N SER B 117 19.67 22.76 -35.39
CA SER B 117 20.91 23.51 -35.13
C SER B 117 20.93 24.85 -35.86
N SER B 118 21.14 25.91 -35.11
CA SER B 118 21.28 27.25 -35.69
C SER B 118 22.56 27.87 -35.23
N SER B 119 23.10 28.74 -36.07
CA SER B 119 24.47 29.24 -35.88
C SER B 119 24.62 30.72 -36.18
N PHE B 120 25.87 31.18 -36.15
CA PHE B 120 26.21 32.51 -36.68
C PHE B 120 26.58 32.48 -38.14
N ASP B 121 26.32 31.34 -38.80
CA ASP B 121 26.40 31.25 -40.23
C ASP B 121 24.98 31.40 -40.86
N LYS B 122 24.10 32.13 -40.16
CA LYS B 122 22.79 32.55 -40.67
C LYS B 122 21.94 31.42 -41.26
N THR B 123 22.07 30.19 -40.74
CA THR B 123 21.26 29.05 -41.18
C THR B 123 20.52 28.39 -40.01
N LEU B 124 19.49 27.64 -40.33
CA LEU B 124 18.91 26.70 -39.39
C LEU B 124 18.89 25.35 -40.09
N LYS B 125 19.33 24.32 -39.39
CA LYS B 125 19.52 23.03 -39.99
C LYS B 125 18.73 21.98 -39.24
N VAL B 126 18.13 21.08 -40.00
CA VAL B 126 17.35 20.02 -39.48
C VAL B 126 18.12 18.76 -39.75
N TRP B 127 18.04 17.80 -38.83
CA TRP B 127 18.96 16.71 -38.83
C TRP B 127 18.29 15.38 -38.59
N ASP B 128 18.79 14.37 -39.29
CA ASP B 128 18.47 12.98 -39.00
C ASP B 128 19.53 12.50 -38.01
N THR B 129 19.09 12.11 -36.80
CA THR B 129 20.04 11.64 -35.77
C THR B 129 20.60 10.28 -36.09
N ASN B 130 19.73 9.38 -36.55
CA ASN B 130 20.11 7.98 -36.77
C ASN B 130 21.07 7.77 -37.94
N THR B 131 20.94 8.60 -38.98
CA THR B 131 21.84 8.53 -40.14
C THR B 131 22.96 9.54 -40.06
N LEU B 132 22.62 10.74 -39.56
CA LEU B 132 23.55 11.87 -39.36
C LEU B 132 23.66 12.76 -40.58
N GLN B 133 22.77 12.54 -41.54
CA GLN B 133 22.66 13.43 -42.70
C GLN B 133 21.93 14.70 -42.31
N THR B 134 21.58 15.50 -43.31
CA THR B 134 20.68 16.62 -43.11
C THR B 134 19.33 16.36 -43.75
N ALA B 135 18.39 17.23 -43.45
CA ALA B 135 17.01 17.08 -43.91
C ALA B 135 16.50 18.37 -44.52
N ASP B 136 16.61 19.45 -43.75
CA ASP B 136 16.26 20.78 -44.23
C ASP B 136 17.33 21.76 -43.81
N VAL B 137 17.60 22.74 -44.68
CA VAL B 137 18.46 23.87 -44.34
C VAL B 137 17.75 25.15 -44.68
N PHE B 138 17.73 26.07 -43.71
CA PHE B 138 17.14 27.37 -43.89
C PHE B 138 18.24 28.41 -43.95
N ASN B 139 17.90 29.61 -44.38
CA ASN B 139 18.88 30.68 -44.57
C ASN B 139 18.29 32.02 -44.19
N PHE B 140 19.11 32.89 -43.60
CA PHE B 140 18.61 34.14 -42.99
C PHE B 140 19.47 35.32 -43.36
N GLU B 141 18.83 36.48 -43.49
CA GLU B 141 19.57 37.74 -43.72
C GLU B 141 20.57 38.04 -42.63
N GLU B 142 20.38 37.47 -41.44
CA GLU B 142 21.18 37.88 -40.29
C GLU B 142 21.62 36.69 -39.41
N THR B 143 22.62 36.95 -38.58
CA THR B 143 23.16 35.93 -37.70
C THR B 143 22.11 35.43 -36.71
N VAL B 144 21.97 34.09 -36.63
CA VAL B 144 20.95 33.49 -35.76
C VAL B 144 21.41 33.55 -34.34
N TYR B 145 20.53 33.97 -33.44
CA TYR B 145 20.87 34.10 -32.00
C TYR B 145 20.18 33.01 -31.15
N SER B 146 18.94 32.66 -31.50
CA SER B 146 18.16 31.71 -30.75
C SER B 146 17.12 31.00 -31.64
N HIS B 147 16.85 29.74 -31.34
CA HIS B 147 15.76 29.00 -32.00
C HIS B 147 15.13 28.04 -31.03
N HIS B 148 13.84 27.72 -31.26
CA HIS B 148 13.07 26.93 -30.33
C HIS B 148 11.81 26.33 -30.99
N MET B 149 11.35 25.21 -30.47
CA MET B 149 9.99 24.72 -30.72
C MET B 149 9.29 24.41 -29.38
N SER B 150 7.96 24.62 -29.35
CA SER B 150 7.14 24.36 -28.18
C SER B 150 7.17 22.87 -27.84
N PRO B 151 7.43 22.53 -26.54
CA PRO B 151 7.39 21.17 -26.07
C PRO B 151 6.02 20.82 -25.56
N VAL B 152 5.01 21.61 -25.94
CA VAL B 152 3.66 21.32 -25.54
C VAL B 152 3.09 20.16 -26.40
N SER B 153 2.97 20.36 -27.71
CA SER B 153 2.22 19.40 -28.58
C SER B 153 2.86 19.36 -29.98
N THR B 154 2.25 18.56 -30.87
CA THR B 154 2.60 18.63 -32.30
C THR B 154 1.42 19.07 -33.14
N LYS B 155 0.63 20.02 -32.63
CA LYS B 155 -0.41 20.67 -33.44
C LYS B 155 0.19 21.68 -34.42
N HIS B 156 1.40 22.15 -34.13
CA HIS B 156 2.15 23.00 -35.06
C HIS B 156 3.61 22.52 -35.13
N CYS B 157 4.27 22.90 -36.21
CA CYS B 157 5.68 22.55 -36.44
C CYS B 157 6.50 23.82 -36.78
N LEU B 158 6.14 24.92 -36.13
CA LEU B 158 6.82 26.18 -36.28
C LEU B 158 8.08 26.21 -35.41
N VAL B 159 9.14 26.79 -35.97
CA VAL B 159 10.38 27.02 -35.24
C VAL B 159 10.61 28.50 -35.10
N ALA B 160 10.58 29.01 -33.89
CA ALA B 160 10.86 30.36 -33.67
C ALA B 160 12.35 30.58 -33.80
N VAL B 161 12.72 31.60 -34.59
CA VAL B 161 14.12 31.92 -34.89
C VAL B 161 14.33 33.41 -34.62
N GLY B 162 15.30 33.72 -33.76
CA GLY B 162 15.54 35.08 -33.32
C GLY B 162 16.89 35.59 -33.77
N THR B 163 16.91 36.16 -34.96
CA THR B 163 18.16 36.66 -35.59
C THR B 163 18.46 38.05 -35.09
N ARG B 164 19.51 38.63 -35.65
CA ARG B 164 19.85 40.00 -35.39
C ARG B 164 18.80 40.96 -35.99
N GLY B 165 18.00 40.47 -36.94
CA GLY B 165 16.88 41.20 -37.48
C GLY B 165 15.77 41.37 -36.45
N PRO B 166 15.27 42.61 -36.29
CA PRO B 166 14.14 42.93 -35.40
C PRO B 166 12.83 42.16 -35.70
N LYS B 167 12.64 41.77 -36.95
CA LYS B 167 11.53 40.90 -37.30
C LYS B 167 11.80 39.54 -36.67
N VAL B 168 10.79 38.97 -36.01
CA VAL B 168 10.89 37.58 -35.52
C VAL B 168 10.42 36.63 -36.62
N GLN B 169 11.12 35.53 -36.78
CA GLN B 169 10.95 34.65 -37.94
C GLN B 169 10.49 33.28 -37.52
N LEU B 170 9.30 32.90 -37.96
CA LEU B 170 8.74 31.60 -37.63
C LEU B 170 8.82 30.70 -38.86
N CYS B 171 9.49 29.56 -38.70
CA CYS B 171 9.77 28.66 -39.81
C CYS B 171 9.00 27.38 -39.65
N ASP B 172 8.07 27.11 -40.58
CA ASP B 172 7.36 25.82 -40.58
C ASP B 172 8.32 24.73 -41.02
N LEU B 173 8.44 23.69 -40.23
CA LEU B 173 9.22 22.52 -40.63
C LEU B 173 8.46 21.75 -41.68
N LYS B 174 7.15 21.60 -41.45
CA LYS B 174 6.23 21.01 -42.42
C LYS B 174 6.31 21.89 -43.65
N SER B 175 6.91 21.37 -44.72
CA SER B 175 7.17 22.18 -45.93
C SER B 175 8.30 23.23 -45.69
N GLY B 176 8.74 23.90 -46.75
CA GLY B 176 9.82 24.89 -46.61
C GLY B 176 9.31 26.14 -45.93
N SER B 177 8.20 26.69 -46.46
CA SER B 177 7.46 27.86 -45.89
C SER B 177 8.37 29.02 -45.52
N CYS B 178 8.73 29.12 -44.23
CA CYS B 178 9.57 30.22 -43.68
C CYS B 178 9.10 31.67 -43.98
N SER B 179 7.89 31.82 -44.56
CA SER B 179 7.36 33.13 -44.95
C SER B 179 6.80 33.88 -43.74
N HIS B 180 6.47 33.13 -42.67
CA HIS B 180 5.77 33.67 -41.51
C HIS B 180 6.72 34.44 -40.59
N ILE B 181 6.33 35.67 -40.29
CA ILE B 181 7.16 36.63 -39.59
C ILE B 181 6.31 37.32 -38.53
N LEU B 182 6.95 37.72 -37.43
CA LEU B 182 6.29 38.50 -36.41
C LEU B 182 7.02 39.82 -36.28
N GLN B 183 6.28 40.89 -36.09
CA GLN B 183 6.79 42.22 -36.26
C GLN B 183 6.40 43.11 -35.08
N GLY B 184 7.35 43.97 -34.65
CA GLY B 184 7.19 44.80 -33.45
C GLY B 184 8.51 45.14 -32.74
N HIS B 185 9.42 44.17 -32.67
CA HIS B 185 10.72 44.43 -32.05
C HIS B 185 11.54 45.31 -32.98
N ARG B 186 12.45 46.08 -32.39
CA ARG B 186 13.18 47.10 -33.13
C ARG B 186 14.69 46.87 -33.21
N GLN B 187 15.22 45.99 -32.38
CA GLN B 187 16.66 45.71 -32.40
C GLN B 187 16.87 44.19 -32.44
N GLU B 188 18.11 43.75 -32.37
CA GLU B 188 18.45 42.32 -32.42
C GLU B 188 17.67 41.49 -31.36
N ILE B 189 16.92 40.47 -31.81
CA ILE B 189 16.34 39.50 -30.90
C ILE B 189 17.38 38.46 -30.46
N LEU B 190 17.54 38.32 -29.14
CA LEU B 190 18.63 37.51 -28.54
C LEU B 190 18.15 36.22 -27.95
N ALA B 191 16.84 36.07 -27.79
CA ALA B 191 16.28 34.86 -27.18
C ALA B 191 14.86 34.63 -27.64
N VAL B 192 14.57 33.39 -28.08
CA VAL B 192 13.18 32.92 -28.24
C VAL B 192 12.90 31.57 -27.57
N SER B 193 11.66 31.43 -27.09
CA SER B 193 11.23 30.20 -26.38
C SER B 193 9.72 30.19 -26.31
N TRP B 194 9.15 29.00 -26.36
CA TRP B 194 7.71 28.82 -26.37
C TRP B 194 7.24 28.56 -24.93
N SER B 195 5.94 28.72 -24.69
CA SER B 195 5.35 28.35 -23.40
C SER B 195 5.14 26.83 -23.29
N PRO B 196 5.73 26.19 -22.25
CA PRO B 196 5.49 24.75 -21.98
C PRO B 196 4.03 24.50 -21.80
N ARG B 197 3.37 25.46 -21.18
CA ARG B 197 1.95 25.37 -20.87
C ARG B 197 1.12 25.51 -22.13
N TYR B 198 1.34 26.60 -22.84
CA TYR B 198 0.40 27.03 -23.87
C TYR B 198 0.91 26.76 -25.27
N ASP B 199 0.00 26.21 -26.05
CA ASP B 199 0.30 25.58 -27.34
C ASP B 199 0.90 26.55 -28.37
N TYR B 200 0.29 27.71 -28.54
CA TYR B 200 0.68 28.65 -29.59
C TYR B 200 1.27 29.94 -29.03
N ILE B 201 1.48 30.00 -27.71
CA ILE B 201 2.17 31.19 -27.12
C ILE B 201 3.68 31.12 -27.32
N LEU B 202 4.24 32.19 -27.85
CA LEU B 202 5.70 32.37 -27.95
C LEU B 202 6.16 33.61 -27.20
N ALA B 203 7.28 33.49 -26.51
CA ALA B 203 7.93 34.65 -25.92
C ALA B 203 9.09 35.07 -26.80
N THR B 204 9.48 36.35 -26.71
CA THR B 204 10.56 36.91 -27.57
C THR B 204 11.35 37.96 -26.83
N ALA B 205 12.67 37.81 -26.82
CA ALA B 205 13.55 38.71 -26.08
C ALA B 205 14.48 39.42 -27.01
N SER B 206 14.19 40.66 -27.31
CA SER B 206 15.10 41.44 -28.13
C SER B 206 15.98 42.37 -27.30
N ALA B 207 16.92 42.99 -28.02
CA ALA B 207 17.90 43.87 -27.45
C ALA B 207 17.37 45.26 -27.29
N ASP B 208 16.17 45.48 -27.80
CA ASP B 208 15.52 46.79 -27.67
C ASP B 208 14.98 46.97 -26.24
N SER B 209 15.45 46.12 -25.30
CA SER B 209 15.13 46.22 -23.87
C SER B 209 13.69 45.85 -23.51
N ARG B 210 12.98 45.15 -24.42
CA ARG B 210 11.60 44.71 -24.18
C ARG B 210 11.45 43.26 -24.47
N VAL B 211 10.33 42.72 -23.99
CA VAL B 211 9.99 41.32 -24.20
C VAL B 211 8.55 41.24 -24.70
N LYS B 212 8.28 40.25 -25.56
CA LYS B 212 6.93 40.09 -26.10
C LYS B 212 6.45 38.66 -26.11
N LEU B 213 5.11 38.52 -26.04
CA LEU B 213 4.46 37.22 -26.00
C LEU B 213 3.43 37.13 -27.11
N TRP B 214 3.56 36.12 -27.97
CA TRP B 214 2.83 36.09 -29.21
C TRP B 214 2.00 34.86 -29.30
N ASP B 215 0.74 35.05 -29.66
CA ASP B 215 -0.04 33.99 -30.22
C ASP B 215 0.28 33.96 -31.68
N VAL B 216 0.94 32.90 -32.11
CA VAL B 216 1.39 32.77 -33.51
C VAL B 216 0.22 32.58 -34.48
N ARG B 217 -0.95 32.22 -33.97
CA ARG B 217 -2.17 32.12 -34.78
C ARG B 217 -2.71 33.47 -35.15
N ARG B 218 -2.18 34.52 -34.51
CA ARG B 218 -2.68 35.86 -34.73
C ARG B 218 -1.80 36.59 -35.77
N ALA B 219 -2.43 37.04 -36.84
CA ALA B 219 -1.73 37.61 -37.97
C ALA B 219 -1.31 39.08 -37.76
N SER B 220 -1.61 39.67 -36.59
CA SER B 220 -1.06 40.97 -36.22
C SER B 220 -1.05 41.19 -34.70
N GLY B 221 0.01 41.80 -34.21
CA GLY B 221 0.10 42.25 -32.82
C GLY B 221 0.53 41.17 -31.87
N CYS B 222 1.49 41.48 -31.00
CA CYS B 222 1.79 40.62 -29.85
C CYS B 222 0.69 40.78 -28.76
N LEU B 223 0.71 39.89 -27.76
CA LEU B 223 -0.32 39.88 -26.68
C LEU B 223 0.00 40.80 -25.55
N ILE B 224 1.27 40.82 -25.11
CA ILE B 224 1.72 41.80 -24.09
C ILE B 224 3.19 42.15 -24.18
N THR B 225 3.52 43.36 -23.72
CA THR B 225 4.90 43.79 -23.60
C THR B 225 5.22 43.92 -22.12
N LEU B 226 6.23 43.21 -21.67
CA LEU B 226 6.57 43.19 -20.28
C LEU B 226 7.04 44.58 -19.83
N ASP B 227 6.31 45.20 -18.91
CA ASP B 227 6.64 46.52 -18.36
C ASP B 227 7.04 46.37 -16.87
N GLN B 228 8.27 46.74 -16.58
CA GLN B 228 8.95 46.44 -15.30
C GLN B 228 8.49 47.26 -14.14
N HIS B 229 7.91 48.42 -14.43
CA HIS B 229 7.50 49.36 -13.36
C HIS B 229 6.04 49.20 -13.07
N ASN B 230 5.43 48.22 -13.77
CA ASN B 230 4.01 47.93 -13.69
C ASN B 230 3.15 49.19 -13.90
N GLY B 231 3.48 49.97 -14.92
CA GLY B 231 2.70 51.16 -15.27
C GLY B 231 3.01 52.38 -14.40
N LYS B 232 3.31 52.13 -13.14
CA LYS B 232 3.61 53.18 -12.17
C LYS B 232 4.37 54.37 -12.72
N LYS B 233 5.34 54.12 -13.61
CA LYS B 233 6.17 55.19 -14.17
C LYS B 233 5.48 55.84 -15.37
N SER B 234 5.32 57.17 -15.29
CA SER B 234 4.76 57.95 -16.40
C SER B 234 5.82 58.22 -17.46
N GLN B 235 5.97 57.27 -18.36
CA GLN B 235 7.07 57.28 -19.36
C GLN B 235 6.56 57.70 -20.72
N ALA B 236 7.35 58.49 -21.43
CA ALA B 236 7.00 58.90 -22.79
C ALA B 236 7.16 57.73 -23.74
N VAL B 237 6.47 57.80 -24.87
CA VAL B 237 6.31 56.66 -25.80
C VAL B 237 7.65 56.07 -26.22
N GLU B 238 7.63 54.84 -26.73
CA GLU B 238 8.82 54.14 -27.29
C GLU B 238 10.03 54.15 -26.33
N SER B 239 9.80 54.65 -25.12
CA SER B 239 10.67 54.44 -24.00
C SER B 239 9.94 53.65 -22.89
N ALA B 240 8.62 53.81 -22.84
CA ALA B 240 7.74 53.00 -22.01
C ALA B 240 7.69 51.57 -22.50
N ASN B 241 7.19 50.68 -21.66
CA ASN B 241 7.11 49.23 -21.94
C ASN B 241 8.46 48.56 -22.23
N THR B 242 9.39 48.69 -21.29
CA THR B 242 10.71 48.06 -21.42
C THR B 242 11.03 47.26 -20.19
N ALA B 243 11.19 45.95 -20.39
CA ALA B 243 11.42 45.02 -19.29
C ALA B 243 12.76 45.23 -18.55
N HIS B 244 13.85 45.44 -19.30
CA HIS B 244 15.21 45.55 -18.69
C HIS B 244 15.90 46.86 -19.05
N ASN B 245 16.67 47.39 -18.11
CA ASN B 245 17.41 48.62 -18.33
C ASN B 245 18.68 48.33 -19.13
N GLY B 246 18.48 47.99 -20.40
CA GLY B 246 19.52 47.39 -21.22
C GLY B 246 18.93 46.28 -22.05
N LYS B 247 19.75 45.71 -22.92
CA LYS B 247 19.27 44.69 -23.88
C LYS B 247 18.83 43.43 -23.11
N VAL B 248 17.67 42.89 -23.46
CA VAL B 248 17.20 41.66 -22.84
C VAL B 248 17.73 40.48 -23.63
N ASN B 249 18.36 39.53 -22.93
CA ASN B 249 19.04 38.44 -23.60
C ASN B 249 18.87 37.04 -23.00
N GLY B 250 18.03 36.90 -21.99
CA GLY B 250 17.77 35.59 -21.38
C GLY B 250 16.31 35.36 -21.12
N LEU B 251 15.84 34.17 -21.45
CA LEU B 251 14.45 33.81 -21.33
C LEU B 251 14.25 32.33 -21.01
N CYS B 252 13.56 32.05 -19.90
CA CYS B 252 13.07 30.67 -19.62
C CYS B 252 11.76 30.69 -18.86
N PHE B 253 10.84 29.84 -19.29
CA PHE B 253 9.54 29.70 -18.62
C PHE B 253 9.68 28.90 -17.34
N THR B 254 8.72 29.09 -16.44
CA THR B 254 8.64 28.32 -15.20
C THR B 254 8.03 26.95 -15.50
N SER B 255 8.54 25.92 -14.82
CA SER B 255 8.10 24.50 -15.03
C SER B 255 6.67 24.38 -15.52
N ASP B 256 5.73 24.93 -14.75
CA ASP B 256 4.29 24.90 -15.13
C ASP B 256 3.91 25.83 -16.28
N GLY B 257 4.73 26.86 -16.49
CA GLY B 257 4.48 27.83 -17.58
C GLY B 257 3.64 28.97 -17.12
N LEU B 258 3.69 29.26 -15.82
CA LEU B 258 2.86 30.30 -15.21
C LEU B 258 3.65 31.56 -14.97
N HIS B 259 4.95 31.53 -15.25
CA HIS B 259 5.79 32.71 -15.10
C HIS B 259 6.91 32.71 -16.09
N LEU B 260 7.64 33.82 -16.14
CA LEU B 260 8.73 33.98 -17.06
C LEU B 260 9.89 34.64 -16.42
N LEU B 261 11.08 34.17 -16.76
CA LEU B 261 12.30 34.76 -16.26
C LEU B 261 13.09 35.51 -17.38
N THR B 262 13.14 36.82 -17.26
CA THR B 262 13.96 37.62 -18.11
C THR B 262 15.21 38.00 -17.37
N VAL B 263 16.36 37.67 -17.95
CA VAL B 263 17.61 38.23 -17.48
C VAL B 263 18.22 39.10 -18.61
N GLY B 264 18.53 40.35 -18.28
CA GLY B 264 19.05 41.31 -19.21
C GLY B 264 20.49 41.73 -18.95
N THR B 265 20.96 42.66 -19.78
CA THR B 265 22.31 43.20 -19.71
C THR B 265 22.50 44.11 -18.52
N ASP B 266 21.40 44.49 -17.87
CA ASP B 266 21.45 45.38 -16.70
C ASP B 266 21.66 44.62 -15.40
N ASN B 267 22.02 43.35 -15.50
CA ASN B 267 22.31 42.48 -14.34
C ASN B 267 21.11 42.10 -13.51
N ARG B 268 19.93 42.18 -14.09
CA ARG B 268 18.78 41.84 -13.36
C ARG B 268 18.19 40.56 -13.88
N MET B 269 17.68 39.76 -12.96
CA MET B 269 16.65 38.80 -13.27
C MET B 269 15.34 39.33 -12.76
N ARG B 270 14.32 39.16 -13.59
CA ARG B 270 12.96 39.53 -13.21
C ARG B 270 12.05 38.37 -13.48
N LEU B 271 11.17 38.10 -12.53
CA LEU B 271 10.16 37.06 -12.65
C LEU B 271 8.84 37.72 -13.03
N TRP B 272 8.18 37.16 -14.04
CA TRP B 272 7.07 37.83 -14.70
C TRP B 272 5.86 36.96 -14.79
N ASN B 273 4.70 37.58 -14.61
CA ASN B 273 3.43 36.91 -14.81
C ASN B 273 3.27 36.63 -16.30
N SER B 274 3.32 35.36 -16.67
CA SER B 274 3.26 35.00 -18.11
C SER B 274 1.92 35.33 -18.72
N SER B 275 0.91 35.52 -17.90
CA SER B 275 -0.36 35.99 -18.45
C SER B 275 -0.37 37.50 -18.58
N ASN B 276 -0.54 38.23 -17.47
CA ASN B 276 -0.71 39.68 -17.57
C ASN B 276 0.63 40.48 -17.61
N GLY B 277 1.75 39.81 -17.42
CA GLY B 277 3.06 40.47 -17.54
C GLY B 277 3.45 41.18 -16.25
N GLU B 278 2.73 40.92 -15.16
CA GLU B 278 2.94 41.61 -13.92
C GLU B 278 4.30 41.28 -13.37
N ASN B 279 5.14 42.27 -13.28
CA ASN B 279 6.41 42.09 -12.62
C ASN B 279 6.12 41.72 -11.18
N THR B 280 6.54 40.54 -10.79
CA THR B 280 6.30 40.03 -9.44
C THR B 280 7.26 40.65 -8.38
N LEU B 281 8.18 41.49 -8.82
CA LEU B 281 9.10 42.15 -7.92
C LEU B 281 9.91 41.18 -7.02
N VAL B 282 10.14 39.98 -7.54
CA VAL B 282 11.05 39.02 -6.93
C VAL B 282 12.47 39.51 -7.24
N ASN B 283 13.25 39.72 -6.18
CA ASN B 283 14.48 40.47 -6.28
C ASN B 283 15.64 39.72 -7.03
N TYR B 284 16.10 38.59 -6.47
CA TYR B 284 17.38 37.92 -6.95
C TYR B 284 18.68 38.75 -6.78
N GLY B 285 18.56 40.07 -6.56
CA GLY B 285 19.70 40.96 -6.51
C GLY B 285 20.38 41.14 -7.87
N LYS B 286 21.59 41.67 -7.87
CA LYS B 286 22.34 41.82 -9.12
C LYS B 286 22.88 40.48 -9.61
N VAL B 287 22.44 40.12 -10.82
CA VAL B 287 22.90 38.93 -11.51
C VAL B 287 23.77 39.39 -12.67
N CYS B 288 25.08 39.39 -12.47
CA CYS B 288 26.02 39.79 -13.52
C CYS B 288 25.68 39.12 -14.88
N ASN B 289 25.17 39.93 -15.79
CA ASN B 289 25.03 39.56 -17.16
C ASN B 289 25.63 40.68 -18.05
N ASN B 290 26.78 40.40 -18.66
CA ASN B 290 27.43 41.36 -19.57
C ASN B 290 27.77 40.70 -20.90
N SER B 291 26.96 39.73 -21.29
CA SER B 291 27.15 39.04 -22.55
C SER B 291 26.67 39.87 -23.72
N LYS B 292 27.25 39.62 -24.90
CA LYS B 292 26.84 40.28 -26.15
C LYS B 292 25.93 39.35 -26.96
N LYS B 293 25.69 38.14 -26.43
CA LYS B 293 24.92 37.10 -27.14
C LYS B 293 23.78 36.68 -26.22
N GLY B 294 23.04 35.62 -26.59
CA GLY B 294 22.01 35.03 -25.71
C GLY B 294 22.59 34.48 -24.41
N LEU B 295 21.73 34.33 -23.40
CA LEU B 295 22.13 33.73 -22.14
C LEU B 295 21.27 32.54 -21.86
N LYS B 296 21.88 31.37 -21.94
CA LYS B 296 21.14 30.14 -21.90
C LYS B 296 21.11 29.67 -20.43
N PHE B 297 19.91 29.53 -19.88
CA PHE B 297 19.76 29.15 -18.47
C PHE B 297 18.50 28.38 -18.28
N THR B 298 18.50 27.48 -17.31
CA THR B 298 17.40 26.49 -17.15
C THR B 298 16.65 26.61 -15.81
N VAL B 299 15.62 25.78 -15.65
CA VAL B 299 14.79 25.75 -14.45
C VAL B 299 14.61 24.31 -13.98
N SER B 300 14.54 24.14 -12.66
CA SER B 300 14.37 22.83 -12.02
C SER B 300 12.93 22.44 -12.10
N CYS B 301 12.66 21.13 -12.16
CA CYS B 301 11.29 20.64 -11.97
C CYS B 301 11.21 19.28 -11.25
N GLY B 302 10.01 18.98 -10.77
CA GLY B 302 9.73 17.76 -10.01
C GLY B 302 10.21 17.79 -8.56
N CYS B 303 10.49 19.01 -8.07
CA CYS B 303 10.86 19.26 -6.70
C CYS B 303 9.85 20.26 -6.13
N SER B 304 9.68 20.28 -4.80
CA SER B 304 8.73 21.18 -4.14
C SER B 304 9.01 22.62 -4.53
N SER B 305 10.24 23.05 -4.29
CA SER B 305 10.67 24.36 -4.64
C SER B 305 11.07 24.32 -6.09
N GLU B 306 10.99 25.48 -6.75
CA GLU B 306 11.45 25.60 -8.11
C GLU B 306 12.64 26.54 -8.12
N PHE B 307 13.78 25.99 -8.51
CA PHE B 307 15.04 26.73 -8.56
C PHE B 307 15.24 27.19 -9.98
N VAL B 308 16.16 28.13 -10.17
CA VAL B 308 16.50 28.64 -11.49
C VAL B 308 18.00 28.85 -11.63
N PHE B 309 18.60 28.15 -12.61
CA PHE B 309 20.06 28.10 -12.74
C PHE B 309 20.52 29.09 -13.81
N VAL B 310 20.95 30.26 -13.37
CA VAL B 310 21.41 31.28 -14.32
C VAL B 310 22.94 31.31 -14.23
N PRO B 311 23.64 31.26 -15.38
CA PRO B 311 25.12 31.33 -15.38
C PRO B 311 25.63 32.67 -14.91
N TYR B 312 26.45 32.68 -13.88
CA TYR B 312 26.95 33.90 -13.25
C TYR B 312 28.48 33.88 -13.25
N GLY B 313 29.10 34.76 -14.05
CA GLY B 313 30.55 34.76 -14.25
C GLY B 313 31.08 33.36 -14.56
N SER B 314 32.05 32.87 -13.76
CA SER B 314 32.59 31.51 -13.93
C SER B 314 31.82 30.48 -13.09
N THR B 315 30.57 30.80 -12.74
CA THR B 315 29.76 29.95 -11.90
C THR B 315 28.30 29.86 -12.40
N ILE B 316 27.55 28.89 -11.89
CA ILE B 316 26.11 28.89 -12.06
C ILE B 316 25.46 29.23 -10.71
N ALA B 317 24.90 30.42 -10.62
CA ALA B 317 24.17 30.82 -9.44
C ALA B 317 22.83 30.08 -9.41
N VAL B 318 22.43 29.66 -8.20
CA VAL B 318 21.21 28.93 -7.99
C VAL B 318 20.28 29.73 -7.09
N TYR B 319 19.10 30.07 -7.59
CA TYR B 319 18.13 30.85 -6.87
C TYR B 319 16.91 30.01 -6.61
N THR B 320 15.90 30.63 -6.02
CA THR B 320 14.64 30.01 -5.72
C THR B 320 13.55 30.81 -6.42
N VAL B 321 13.11 30.31 -7.57
CA VAL B 321 12.29 31.10 -8.49
C VAL B 321 11.35 32.09 -7.74
N TYR B 322 10.65 31.58 -6.73
CA TYR B 322 9.58 32.32 -6.08
C TYR B 322 10.00 33.01 -4.79
N SER B 323 11.05 32.53 -4.13
CA SER B 323 11.62 33.23 -2.94
C SER B 323 12.64 34.30 -3.38
N GLY B 324 13.35 34.03 -4.46
CA GLY B 324 14.44 34.86 -4.87
C GLY B 324 15.73 34.61 -4.12
N GLU B 325 15.69 33.70 -3.15
CA GLU B 325 16.82 33.46 -2.26
C GLU B 325 17.82 32.56 -2.96
N GLN B 326 19.07 33.05 -3.08
CA GLN B 326 20.14 32.26 -3.66
C GLN B 326 20.55 31.15 -2.70
N ILE B 327 20.75 29.97 -3.24
CA ILE B 327 21.22 28.81 -2.46
C ILE B 327 22.75 28.82 -2.44
N THR B 328 23.35 28.99 -3.63
CA THR B 328 24.83 28.99 -3.80
C THR B 328 25.17 29.34 -5.26
N MET B 329 26.46 29.36 -5.58
CA MET B 329 26.89 29.49 -6.97
C MET B 329 27.82 28.32 -7.34
N LEU B 330 27.27 27.32 -8.02
CA LEU B 330 28.04 26.13 -8.43
C LEU B 330 29.38 26.52 -9.07
N LYS B 331 30.48 26.17 -8.42
CA LYS B 331 31.79 26.60 -8.81
C LYS B 331 32.62 25.42 -9.24
N GLY B 332 33.10 25.48 -10.48
CA GLY B 332 33.96 24.42 -11.09
C GLY B 332 34.65 24.91 -12.37
N HIS B 333 33.99 25.86 -13.08
CA HIS B 333 34.53 26.43 -14.28
C HIS B 333 35.46 27.58 -13.97
N TYR B 334 36.60 27.59 -14.66
CA TYR B 334 37.60 28.65 -14.51
C TYR B 334 37.33 29.83 -15.42
N LYS B 335 36.64 29.58 -16.53
CA LYS B 335 36.18 30.64 -17.43
C LYS B 335 34.68 30.84 -17.29
N THR B 336 34.19 31.92 -17.90
CA THR B 336 32.79 32.33 -17.83
C THR B 336 31.88 31.21 -18.31
N VAL B 337 30.76 31.02 -17.61
CA VAL B 337 29.79 30.01 -17.97
C VAL B 337 28.85 30.58 -19.01
N ASP B 338 28.70 29.84 -20.11
CA ASP B 338 27.79 30.25 -21.19
C ASP B 338 26.41 29.71 -20.94
N CYS B 339 26.30 28.39 -20.81
CA CYS B 339 24.98 27.74 -20.58
C CYS B 339 24.98 26.74 -19.44
N CYS B 340 23.77 26.38 -18.99
CA CYS B 340 23.58 25.30 -18.02
C CYS B 340 22.27 24.60 -18.33
N VAL B 341 22.21 23.28 -18.08
CA VAL B 341 20.99 22.50 -18.43
C VAL B 341 20.62 21.38 -17.41
N PHE B 342 19.41 21.47 -16.86
CA PHE B 342 18.99 20.69 -15.67
C PHE B 342 18.42 19.33 -16.06
N GLN B 343 18.82 18.30 -15.32
CA GLN B 343 18.38 16.93 -15.58
C GLN B 343 17.27 16.57 -14.57
N SER B 344 16.09 16.23 -15.08
CA SER B 344 14.89 16.04 -14.22
C SER B 344 14.82 14.66 -13.60
N ASN B 345 15.62 13.74 -14.12
CA ASN B 345 15.53 12.35 -13.71
C ASN B 345 16.38 12.06 -12.51
N PHE B 346 17.45 12.81 -12.32
CA PHE B 346 18.29 12.66 -11.12
C PHE B 346 18.71 13.98 -10.56
N GLN B 347 17.88 15.00 -10.76
CA GLN B 347 18.16 16.36 -10.32
C GLN B 347 19.65 16.69 -10.54
N GLU B 348 20.09 16.53 -11.79
CA GLU B 348 21.46 16.82 -12.17
C GLU B 348 21.51 18.08 -13.00
N LEU B 349 22.72 18.48 -13.41
CA LEU B 349 22.95 19.74 -14.11
C LEU B 349 24.25 19.68 -14.90
N TYR B 350 24.23 20.28 -16.09
CA TYR B 350 25.38 20.29 -16.96
C TYR B 350 25.66 21.68 -17.40
N SER B 351 26.91 22.09 -17.25
CA SER B 351 27.32 23.42 -17.61
C SER B 351 28.31 23.36 -18.74
N GLY B 352 28.00 24.10 -19.80
CA GLY B 352 28.93 24.33 -20.91
C GLY B 352 29.46 25.74 -20.85
N SER B 353 30.78 25.85 -20.69
CA SER B 353 31.41 27.17 -20.58
C SER B 353 32.54 27.39 -21.58
N ARG B 354 32.95 28.66 -21.68
CA ARG B 354 34.04 29.09 -22.54
C ARG B 354 35.35 28.39 -22.28
N ASP B 355 35.48 27.81 -21.09
CA ASP B 355 36.61 26.92 -20.80
C ASP B 355 36.61 25.67 -21.73
N CYS B 356 35.61 25.61 -22.64
CA CYS B 356 35.45 24.56 -23.65
C CYS B 356 35.13 23.18 -23.02
N ASN B 357 34.75 23.18 -21.74
CA ASN B 357 34.60 21.97 -20.98
C ASN B 357 33.19 21.90 -20.36
N ILE B 358 32.45 20.87 -20.73
CA ILE B 358 31.13 20.63 -20.15
C ILE B 358 31.31 19.86 -18.83
N LEU B 359 30.71 20.40 -17.75
CA LEU B 359 30.86 19.79 -16.40
C LEU B 359 29.54 19.29 -15.84
N ALA B 360 29.64 18.20 -15.06
CA ALA B 360 28.48 17.55 -14.50
C ALA B 360 28.33 17.95 -13.03
N TRP B 361 27.09 18.19 -12.62
CA TRP B 361 26.84 18.54 -11.24
C TRP B 361 25.74 17.62 -10.67
N VAL B 362 26.14 16.80 -9.68
CA VAL B 362 25.20 15.95 -8.97
C VAL B 362 25.08 16.33 -7.49
N PRO B 363 23.94 16.01 -6.87
CA PRO B 363 23.86 16.18 -5.43
C PRO B 363 24.70 15.18 -4.64
N SER B 364 25.01 15.52 -3.39
CA SER B 364 25.97 14.78 -2.59
C SER B 364 25.28 14.09 -1.44
N LEU B 365 25.73 12.86 -1.14
CA LEU B 365 25.10 11.94 -0.12
C LEU B 365 23.63 11.61 -0.46
#